data_4NB4
#
_entry.id   4NB4
#
_cell.length_a   103.010
_cell.length_b   70.740
_cell.length_c   143.115
_cell.angle_alpha   90.00
_cell.angle_beta   90.64
_cell.angle_gamma   90.00
#
_symmetry.space_group_name_H-M   'P 1 21 1'
#
loop_
_entity.id
_entity.type
_entity.pdbx_description
1 polymer 'Type II pantothenate kinase'
2 non-polymer "ADENOSINE-5'-DIPHOSPHATE"
3 non-polymer N-[2-(1,3-benzodioxol-5-yl)ethyl]-N~3~-[(2R)-2-hydroxy-3,3-dimethyl-4-(phosphonooxy)butanoyl]-beta-alaninamide
4 non-polymer 'MAGNESIUM ION'
5 water water
#
_entity_poly.entity_id   1
_entity_poly.type   'polypeptide(L)'
_entity_poly.pdbx_seq_one_letter_code
;MHHHHHHSSGRENLYFQGMKVGIDAGGTLIKIVQEQDNQRTFKTELTKNIDQVVEWLNQQQIEKLCLTGGNAGVIAENIN
IPAQIFVEFDAASQGLGILLKEQGHDLADYIFANVGTGTSLHYFDGQSQRRVGGIGTGGGMIQGLGYLLSQITDYKQLTD
MAQHGDRNTIDLKVRHIYKDTEPPIPGDLTAANFGHVLHHLDADFTPSNKLAAVIGVVGEVVTTMAITVAREFKTENIVY
IGSSFHNNALLRKVVEDYTVLRGCKPYYVENGAFSGAIGALYLEK
;
_entity_poly.pdbx_strand_id   A,B,C,D,E,F,G,H
#
# COMPACT_ATOMS: atom_id res chain seq x y z
N MET A 19 -34.53 -10.63 -38.92
CA MET A 19 -33.65 -9.86 -37.98
C MET A 19 -34.26 -8.49 -37.63
N LYS A 20 -34.99 -8.45 -36.51
CA LYS A 20 -35.46 -7.19 -35.93
C LYS A 20 -34.49 -6.77 -34.84
N VAL A 21 -34.22 -5.47 -34.75
CA VAL A 21 -33.26 -4.96 -33.78
C VAL A 21 -33.84 -3.77 -32.99
N GLY A 22 -33.91 -3.94 -31.68
CA GLY A 22 -34.26 -2.86 -30.76
C GLY A 22 -33.02 -2.27 -30.13
N ILE A 23 -32.88 -0.95 -30.16
CA ILE A 23 -31.73 -0.28 -29.55
C ILE A 23 -32.17 0.85 -28.63
N ASP A 24 -31.80 0.74 -27.35
CA ASP A 24 -31.93 1.84 -26.41
C ASP A 24 -30.57 2.50 -26.30
N ALA A 25 -30.41 3.61 -27.01
CA ALA A 25 -29.18 4.39 -27.00
C ALA A 25 -29.28 5.44 -25.90
N GLY A 26 -28.87 5.06 -24.69
CA GLY A 26 -28.92 5.97 -23.53
C GLY A 26 -27.66 6.79 -23.35
N GLY A 27 -27.59 7.50 -22.23
CA GLY A 27 -26.50 8.44 -21.98
C GLY A 27 -25.14 7.78 -21.76
N THR A 28 -25.14 6.56 -21.24
CA THR A 28 -23.91 5.84 -20.89
C THR A 28 -23.72 4.56 -21.72
N LEU A 29 -24.79 3.78 -21.87
CA LEU A 29 -24.71 2.51 -22.56
C LEU A 29 -25.70 2.41 -23.72
N ILE A 30 -25.29 1.74 -24.78
CA ILE A 30 -26.18 1.39 -25.87
C ILE A 30 -26.59 -0.07 -25.68
N LYS A 31 -27.86 -0.29 -25.37
CA LYS A 31 -28.39 -1.63 -25.16
C LYS A 31 -29.03 -2.12 -26.46
N ILE A 32 -28.49 -3.21 -27.00
CA ILE A 32 -28.94 -3.74 -28.29
C ILE A 32 -29.61 -5.09 -28.11
N VAL A 33 -30.88 -5.17 -28.51
CA VAL A 33 -31.63 -6.41 -28.54
C VAL A 33 -31.88 -6.79 -30.00
N GLN A 34 -31.45 -8.00 -30.37
CA GLN A 34 -31.75 -8.58 -31.68
C GLN A 34 -32.82 -9.64 -31.49
N GLU A 35 -33.83 -9.62 -32.35
CA GLU A 35 -34.94 -10.57 -32.28
C GLU A 35 -34.96 -11.37 -33.58
N GLN A 36 -34.88 -12.71 -33.46
CA GLN A 36 -34.89 -13.59 -34.62
C GLN A 36 -35.37 -15.00 -34.27
N ASP A 37 -36.56 -15.35 -34.77
CA ASP A 37 -37.14 -16.65 -34.47
C ASP A 37 -37.49 -16.75 -32.98
N ASN A 38 -38.18 -15.73 -32.47
CA ASN A 38 -38.55 -15.69 -31.06
C ASN A 38 -37.38 -15.86 -30.07
N GLN A 39 -36.17 -15.83 -30.59
CA GLN A 39 -34.98 -16.01 -29.74
C GLN A 39 -34.36 -14.62 -29.82
N ARG A 40 -34.15 -13.99 -28.67
CA ARG A 40 -33.51 -12.69 -28.62
C ARG A 40 -32.10 -12.78 -28.04
N THR A 41 -31.18 -12.06 -28.67
CA THR A 41 -29.80 -11.95 -28.20
C THR A 41 -29.61 -10.54 -27.64
N PHE A 42 -28.76 -10.44 -26.62
CA PHE A 42 -28.51 -9.19 -25.95
C PHE A 42 -27.07 -8.76 -26.24
N LYS A 43 -26.90 -7.46 -26.49
CA LYS A 43 -25.57 -6.87 -26.69
C LYS A 43 -25.55 -5.45 -26.12
N THR A 44 -24.39 -5.05 -25.59
CA THR A 44 -24.23 -3.75 -24.98
C THR A 44 -22.94 -3.09 -25.45
N GLU A 45 -23.03 -1.80 -25.77
CA GLU A 45 -21.87 -1.00 -26.08
C GLU A 45 -21.88 0.28 -25.27
N LEU A 46 -20.70 0.88 -25.14
CA LEU A 46 -20.57 2.18 -24.51
C LEU A 46 -21.11 3.21 -25.49
N THR A 47 -21.75 4.25 -24.96
CA THR A 47 -22.30 5.33 -25.78
C THR A 47 -21.17 6.13 -26.44
N LYS A 48 -20.02 6.23 -25.77
CA LYS A 48 -18.79 6.78 -26.35
C LYS A 48 -18.42 6.12 -27.69
N ASN A 49 -18.79 4.85 -27.86
CA ASN A 49 -18.44 4.09 -29.06
C ASN A 49 -19.60 3.96 -30.04
N ILE A 50 -20.44 4.99 -30.09
CA ILE A 50 -21.63 4.97 -30.91
C ILE A 50 -21.28 4.78 -32.40
N ASP A 51 -20.12 5.29 -32.80
CA ASP A 51 -19.61 5.11 -34.17
C ASP A 51 -19.41 3.64 -34.54
N GLN A 52 -19.08 2.79 -33.57
CA GLN A 52 -18.87 1.36 -33.82
C GLN A 52 -20.20 0.62 -33.93
N VAL A 53 -21.25 1.19 -33.34
CA VAL A 53 -22.59 0.61 -33.43
C VAL A 53 -23.14 0.87 -34.83
N VAL A 54 -22.92 2.08 -35.34
CA VAL A 54 -23.31 2.43 -36.72
C VAL A 54 -22.53 1.57 -37.71
N GLU A 55 -21.22 1.47 -37.52
N GLU A 55 -21.21 1.49 -37.53
CA GLU A 55 -20.39 0.59 -38.34
CA GLU A 55 -20.36 0.58 -38.29
C GLU A 55 -20.97 -0.82 -38.35
C GLU A 55 -20.97 -0.81 -38.34
N TRP A 56 -21.21 -1.36 -37.16
CA TRP A 56 -21.78 -2.70 -36.99
C TRP A 56 -23.15 -2.87 -37.64
N LEU A 57 -24.02 -1.87 -37.52
CA LEU A 57 -25.36 -1.93 -38.12
C LEU A 57 -25.33 -2.12 -39.64
N ASN A 58 -24.36 -1.49 -40.31
CA ASN A 58 -24.25 -1.57 -41.77
C ASN A 58 -23.49 -2.82 -42.28
N GLN A 59 -22.99 -3.65 -41.37
CA GLN A 59 -22.52 -4.99 -41.73
C GLN A 59 -23.60 -6.04 -41.53
N GLN A 60 -24.84 -5.57 -41.30
CA GLN A 60 -25.96 -6.42 -40.89
C GLN A 60 -27.12 -6.30 -41.88
N GLN A 61 -27.90 -7.36 -42.01
CA GLN A 61 -29.17 -7.30 -42.72
C GLN A 61 -30.27 -7.23 -41.67
N ILE A 62 -31.03 -6.13 -41.69
CA ILE A 62 -32.02 -5.85 -40.65
C ILE A 62 -33.39 -5.55 -41.26
N GLU A 63 -34.39 -6.36 -40.90
CA GLU A 63 -35.77 -6.17 -41.34
C GLU A 63 -36.33 -4.84 -40.81
N LYS A 64 -36.37 -4.71 -39.49
CA LYS A 64 -36.86 -3.50 -38.81
C LYS A 64 -35.86 -3.02 -37.74
N LEU A 65 -35.59 -1.71 -37.73
CA LEU A 65 -34.75 -1.09 -36.71
C LEU A 65 -35.61 -0.17 -35.85
N CYS A 66 -35.57 -0.38 -34.53
CA CYS A 66 -36.42 0.33 -33.60
C CYS A 66 -35.56 0.97 -32.51
N LEU A 67 -35.66 2.29 -32.38
CA LEU A 67 -34.73 3.08 -31.58
C LEU A 67 -35.44 3.79 -30.45
N THR A 68 -34.72 4.02 -29.36
CA THR A 68 -35.22 4.78 -28.21
C THR A 68 -34.07 5.31 -27.37
N GLY A 69 -34.37 6.31 -26.54
CA GLY A 69 -33.37 6.92 -25.66
C GLY A 69 -32.68 8.10 -26.30
N GLY A 70 -31.93 8.83 -25.49
CA GLY A 70 -31.33 10.11 -25.87
C GLY A 70 -30.49 10.15 -27.13
N ASN A 71 -29.72 9.09 -27.37
CA ASN A 71 -28.81 9.05 -28.52
C ASN A 71 -29.38 8.33 -29.74
N ALA A 72 -30.70 8.24 -29.81
CA ALA A 72 -31.37 7.59 -30.93
C ALA A 72 -31.26 8.44 -32.19
N GLY A 73 -31.31 9.75 -32.01
CA GLY A 73 -31.10 10.69 -33.11
C GLY A 73 -29.76 10.51 -33.78
N VAL A 74 -28.71 10.34 -32.96
CA VAL A 74 -27.35 10.16 -33.47
C VAL A 74 -27.26 8.93 -34.41
N ILE A 75 -27.87 7.82 -34.02
CA ILE A 75 -27.93 6.63 -34.88
C ILE A 75 -28.84 6.87 -36.08
N ALA A 76 -29.97 7.53 -35.85
CA ALA A 76 -30.97 7.78 -36.91
C ALA A 76 -30.38 8.56 -38.09
N GLU A 77 -29.66 9.63 -37.79
CA GLU A 77 -29.10 10.50 -38.82
C GLU A 77 -27.86 9.93 -39.50
N ASN A 78 -27.02 9.21 -38.75
CA ASN A 78 -25.77 8.66 -39.29
C ASN A 78 -25.91 7.29 -39.98
N ILE A 79 -27.14 6.83 -40.21
CA ILE A 79 -27.39 5.52 -40.82
C ILE A 79 -28.22 5.67 -42.10
N ASN A 80 -27.95 4.79 -43.06
CA ASN A 80 -28.62 4.81 -44.37
C ASN A 80 -30.00 4.12 -44.36
N ILE A 81 -30.12 3.04 -43.60
CA ILE A 81 -31.36 2.25 -43.56
C ILE A 81 -32.45 2.92 -42.71
N PRO A 82 -33.73 2.60 -43.01
CA PRO A 82 -34.83 3.21 -42.27
C PRO A 82 -34.98 2.67 -40.85
N ALA A 83 -35.30 3.55 -39.92
CA ALA A 83 -35.58 3.19 -38.53
C ALA A 83 -36.66 4.11 -37.95
N GLN A 84 -37.15 3.76 -36.78
CA GLN A 84 -38.24 4.50 -36.13
C GLN A 84 -37.92 4.79 -34.66
N ILE A 85 -38.19 6.03 -34.23
CA ILE A 85 -37.87 6.47 -32.88
C ILE A 85 -39.11 6.44 -32.00
N PHE A 86 -38.96 5.93 -30.79
CA PHE A 86 -40.03 5.90 -29.79
C PHE A 86 -39.56 6.55 -28.49
N VAL A 87 -40.50 7.07 -27.70
CA VAL A 87 -40.17 7.75 -26.46
C VAL A 87 -39.76 6.71 -25.42
N GLU A 88 -38.67 6.94 -24.72
CA GLU A 88 -38.09 5.91 -23.83
C GLU A 88 -38.99 5.50 -22.66
N PHE A 89 -39.82 6.41 -22.17
CA PHE A 89 -40.68 6.13 -21.02
C PHE A 89 -41.74 5.08 -21.39
N ASP A 90 -42.31 5.19 -22.59
CA ASP A 90 -43.25 4.17 -23.07
C ASP A 90 -42.55 2.85 -23.35
N ALA A 91 -41.42 2.89 -24.05
CA ALA A 91 -40.72 1.67 -24.42
C ALA A 91 -40.30 0.89 -23.17
N ALA A 92 -39.60 1.57 -22.26
CA ALA A 92 -39.24 0.97 -20.99
C ALA A 92 -40.45 0.30 -20.31
N SER A 93 -41.56 1.02 -20.21
CA SER A 93 -42.77 0.50 -19.57
C SER A 93 -43.36 -0.70 -20.31
N GLN A 94 -43.32 -0.66 -21.64
CA GLN A 94 -43.84 -1.78 -22.43
C GLN A 94 -42.89 -2.98 -22.37
N GLY A 95 -41.59 -2.74 -22.51
CA GLY A 95 -40.59 -3.82 -22.44
C GLY A 95 -40.48 -4.45 -21.06
N LEU A 96 -40.56 -3.61 -20.02
CA LEU A 96 -40.57 -4.11 -18.64
C LEU A 96 -41.73 -5.07 -18.45
N GLY A 97 -42.94 -4.63 -18.81
CA GLY A 97 -44.13 -5.46 -18.66
C GLY A 97 -43.99 -6.82 -19.29
N ILE A 98 -43.37 -6.85 -20.47
CA ILE A 98 -43.10 -8.09 -21.19
C ILE A 98 -42.16 -9.03 -20.39
N LEU A 99 -41.04 -8.50 -19.91
CA LEU A 99 -40.10 -9.28 -19.10
C LEU A 99 -40.71 -9.82 -17.80
N LEU A 100 -41.52 -9.00 -17.12
CA LEU A 100 -42.17 -9.39 -15.88
C LEU A 100 -43.05 -10.62 -16.07
N LYS A 101 -43.84 -10.60 -17.14
CA LYS A 101 -44.77 -11.67 -17.45
C LYS A 101 -44.06 -12.97 -17.84
N GLU A 102 -42.98 -12.86 -18.59
CA GLU A 102 -42.16 -14.01 -18.96
C GLU A 102 -41.47 -14.66 -17.76
N GLN A 103 -41.18 -13.86 -16.74
CA GLN A 103 -40.47 -14.37 -15.56
C GLN A 103 -41.40 -14.67 -14.39
N GLY A 104 -42.70 -14.64 -14.64
CA GLY A 104 -43.71 -15.18 -13.72
C GLY A 104 -44.28 -14.19 -12.71
N HIS A 105 -44.19 -12.90 -13.00
CA HIS A 105 -44.71 -11.88 -12.09
C HIS A 105 -46.02 -11.30 -12.62
N ASP A 106 -47.09 -11.47 -11.85
CA ASP A 106 -48.41 -10.97 -12.21
C ASP A 106 -48.78 -9.81 -11.30
N LEU A 107 -48.43 -8.61 -11.73
CA LEU A 107 -48.62 -7.41 -10.93
C LEU A 107 -49.71 -6.54 -11.55
N ALA A 108 -50.84 -6.43 -10.86
CA ALA A 108 -51.92 -5.54 -11.29
C ALA A 108 -51.46 -4.07 -11.33
N ASP A 109 -50.51 -3.71 -10.46
CA ASP A 109 -49.87 -2.40 -10.50
C ASP A 109 -48.50 -2.37 -9.82
N TYR A 110 -47.70 -1.36 -10.15
CA TYR A 110 -46.40 -1.16 -9.54
C TYR A 110 -45.81 0.19 -9.88
N ILE A 111 -44.90 0.65 -9.00
CA ILE A 111 -43.95 1.68 -9.33
C ILE A 111 -42.78 0.99 -10.01
N PHE A 112 -42.20 1.62 -11.03
CA PHE A 112 -40.90 1.18 -11.50
C PHE A 112 -39.91 2.34 -11.58
N ALA A 113 -38.70 2.05 -11.12
CA ALA A 113 -37.62 3.01 -11.00
C ALA A 113 -36.53 2.61 -11.98
N ASN A 114 -36.27 3.49 -12.94
CA ASN A 114 -35.29 3.22 -13.96
C ASN A 114 -34.00 3.95 -13.63
N VAL A 115 -33.05 3.21 -13.06
CA VAL A 115 -31.79 3.80 -12.61
C VAL A 115 -30.77 3.63 -13.70
N GLY A 116 -30.78 4.58 -14.63
CA GLY A 116 -29.77 4.64 -15.66
C GLY A 116 -28.70 5.63 -15.26
N THR A 117 -28.26 6.43 -16.23
CA THR A 117 -27.36 7.54 -15.95
C THR A 117 -28.02 8.40 -14.88
N GLY A 118 -29.28 8.76 -15.11
CA GLY A 118 -30.14 9.37 -14.11
C GLY A 118 -31.24 8.38 -13.72
N THR A 119 -32.10 8.81 -12.79
CA THR A 119 -33.19 7.98 -12.29
C THR A 119 -34.56 8.55 -12.65
N SER A 120 -35.38 7.71 -13.28
CA SER A 120 -36.73 8.10 -13.70
C SER A 120 -37.73 7.16 -13.02
N LEU A 121 -38.76 7.74 -12.40
CA LEU A 121 -39.75 6.97 -11.64
C LEU A 121 -41.10 7.06 -12.31
N HIS A 122 -41.77 5.91 -12.43
CA HIS A 122 -43.06 5.82 -13.10
C HIS A 122 -44.04 4.99 -12.30
N TYR A 123 -45.32 5.31 -12.44
CA TYR A 123 -46.40 4.53 -11.89
C TYR A 123 -47.13 3.82 -13.04
N PHE A 124 -47.07 2.49 -13.05
CA PHE A 124 -47.85 1.69 -13.99
C PHE A 124 -49.11 1.21 -13.29
N ASP A 125 -50.27 1.67 -13.77
CA ASP A 125 -51.56 1.38 -13.12
C ASP A 125 -52.19 0.05 -13.57
N GLY A 126 -51.55 -0.62 -14.51
CA GLY A 126 -52.07 -1.86 -15.09
C GLY A 126 -52.37 -1.70 -16.57
N GLN A 127 -52.41 -0.45 -17.04
CA GLN A 127 -52.78 -0.15 -18.40
C GLN A 127 -51.72 0.69 -19.11
N SER A 128 -51.36 1.84 -18.53
CA SER A 128 -50.30 2.69 -19.05
C SER A 128 -49.40 3.18 -17.94
N GLN A 129 -48.31 3.85 -18.32
CA GLN A 129 -47.37 4.44 -17.37
C GLN A 129 -47.51 5.96 -17.36
N ARG A 130 -47.26 6.57 -16.21
CA ARG A 130 -47.04 8.01 -16.13
C ARG A 130 -45.80 8.26 -15.29
N ARG A 131 -44.93 9.16 -15.76
CA ARG A 131 -43.75 9.56 -15.02
C ARG A 131 -44.21 10.40 -13.84
N VAL A 132 -43.89 9.94 -12.62
CA VAL A 132 -44.34 10.62 -11.40
C VAL A 132 -43.19 11.28 -10.63
N GLY A 133 -41.98 11.21 -11.19
CA GLY A 133 -40.84 11.81 -10.53
C GLY A 133 -39.53 11.38 -11.13
N GLY A 134 -38.46 12.00 -10.68
CA GLY A 134 -37.13 11.69 -11.14
C GLY A 134 -36.09 12.40 -10.30
N ILE A 135 -34.85 11.93 -10.39
CA ILE A 135 -33.78 12.47 -9.57
C ILE A 135 -32.42 12.17 -10.19
N GLY A 136 -31.46 13.08 -10.00
CA GLY A 136 -30.17 12.99 -10.68
C GLY A 136 -29.19 12.02 -10.04
N THR A 137 -29.67 11.25 -9.07
CA THR A 137 -28.87 10.28 -8.37
C THR A 137 -29.05 8.90 -9.01
N GLY A 138 -28.12 8.54 -9.88
CA GLY A 138 -28.13 7.24 -10.56
C GLY A 138 -26.74 6.71 -10.81
N GLY A 139 -26.59 5.95 -11.89
CA GLY A 139 -25.30 5.40 -12.30
C GLY A 139 -24.31 6.45 -12.75
N GLY A 140 -24.81 7.58 -13.24
CA GLY A 140 -23.96 8.71 -13.59
C GLY A 140 -23.22 9.22 -12.36
N MET A 141 -23.91 9.30 -11.24
CA MET A 141 -23.32 9.82 -10.00
C MET A 141 -22.37 8.80 -9.36
N ILE A 142 -22.73 7.52 -9.46
CA ILE A 142 -21.86 6.45 -8.97
C ILE A 142 -20.51 6.57 -9.67
N GLN A 143 -20.53 6.64 -11.00
CA GLN A 143 -19.32 6.82 -11.78
C GLN A 143 -18.64 8.16 -11.52
N GLY A 144 -19.43 9.23 -11.62
CA GLY A 144 -18.92 10.60 -11.55
C GLY A 144 -18.27 10.88 -10.22
N LEU A 145 -19.05 10.83 -9.16
CA LEU A 145 -18.54 11.08 -7.83
C LEU A 145 -17.57 9.99 -7.41
N GLY A 146 -17.70 8.81 -8.01
CA GLY A 146 -16.79 7.70 -7.75
C GLY A 146 -15.38 7.99 -8.23
N TYR A 147 -15.29 8.57 -9.43
CA TYR A 147 -14.02 9.04 -9.97
C TYR A 147 -13.39 10.15 -9.14
N LEU A 148 -14.19 11.16 -8.78
CA LEU A 148 -13.67 12.28 -8.01
C LEU A 148 -13.04 11.84 -6.68
N LEU A 149 -13.60 10.78 -6.10
CA LEU A 149 -13.13 10.28 -4.80
C LEU A 149 -12.04 9.19 -4.90
N SER A 150 -11.95 8.49 -6.04
CA SER A 150 -11.02 7.37 -6.21
C SER A 150 -10.08 7.47 -7.42
N GLN A 151 -10.35 8.42 -8.32
CA GLN A 151 -9.64 8.56 -9.60
C GLN A 151 -9.68 7.28 -10.47
N ILE A 152 -10.66 6.43 -10.24
CA ILE A 152 -10.87 5.25 -11.04
C ILE A 152 -11.89 5.59 -12.12
N THR A 153 -11.58 5.18 -13.35
CA THR A 153 -12.46 5.39 -14.49
C THR A 153 -13.15 4.10 -14.93
N ASP A 154 -12.50 2.96 -14.69
CA ASP A 154 -13.00 1.65 -15.12
C ASP A 154 -14.18 1.17 -14.25
N TYR A 155 -15.34 0.98 -14.89
CA TYR A 155 -16.56 0.64 -14.16
C TYR A 155 -16.50 -0.65 -13.35
N LYS A 156 -16.00 -1.72 -13.96
CA LYS A 156 -15.84 -2.98 -13.23
C LYS A 156 -14.91 -2.81 -12.03
N GLN A 157 -13.80 -2.13 -12.25
CA GLN A 157 -12.83 -1.84 -11.19
C GLN A 157 -13.47 -1.05 -10.04
N LEU A 158 -14.28 -0.06 -10.39
CA LEU A 158 -14.94 0.81 -9.39
C LEU A 158 -15.92 0.04 -8.52
N THR A 159 -16.85 -0.66 -9.17
CA THR A 159 -17.92 -1.35 -8.45
C THR A 159 -17.42 -2.53 -7.63
N ASP A 160 -16.52 -3.35 -8.20
CA ASP A 160 -15.89 -4.47 -7.46
C ASP A 160 -15.29 -3.98 -6.16
N MET A 161 -14.51 -2.90 -6.25
CA MET A 161 -13.83 -2.34 -5.09
C MET A 161 -14.82 -1.89 -4.02
N ALA A 162 -15.98 -1.39 -4.46
CA ALA A 162 -16.97 -0.83 -3.55
C ALA A 162 -17.62 -1.89 -2.67
N GLN A 163 -17.65 -3.12 -3.17
CA GLN A 163 -18.35 -4.22 -2.51
C GLN A 163 -17.71 -4.56 -1.17
N HIS A 164 -16.40 -4.30 -1.04
CA HIS A 164 -15.65 -4.58 0.19
C HIS A 164 -15.84 -3.50 1.25
N GLY A 165 -16.46 -2.39 0.86
CA GLY A 165 -16.47 -1.18 1.67
C GLY A 165 -17.30 -1.22 2.94
N ASP A 166 -16.86 -0.44 3.93
CA ASP A 166 -17.60 -0.24 5.16
C ASP A 166 -17.99 1.25 5.25
N ARG A 167 -19.25 1.51 5.57
CA ARG A 167 -19.78 2.87 5.58
C ARG A 167 -19.87 3.48 7.00
N ASN A 168 -19.48 2.73 8.02
CA ASN A 168 -19.66 3.15 9.41
C ASN A 168 -18.96 4.47 9.73
N THR A 169 -17.70 4.61 9.35
CA THR A 169 -16.94 5.86 9.60
C THR A 169 -17.33 7.03 8.70
N ILE A 170 -18.13 6.77 7.67
CA ILE A 170 -18.55 7.80 6.73
C ILE A 170 -19.99 8.27 6.96
N ASP A 171 -20.91 7.33 7.14
CA ASP A 171 -22.33 7.63 7.30
C ASP A 171 -22.76 7.73 8.77
N LEU A 172 -23.74 8.59 9.03
CA LEU A 172 -24.25 8.83 10.37
C LEU A 172 -25.65 8.24 10.52
N LYS A 173 -25.88 7.52 11.61
CA LYS A 173 -27.14 6.85 11.87
C LYS A 173 -27.93 7.60 12.93
N VAL A 174 -29.24 7.33 12.97
CA VAL A 174 -30.13 7.98 13.94
C VAL A 174 -29.61 7.76 15.36
N ARG A 175 -29.16 6.54 15.65
N ARG A 175 -29.15 6.54 15.67
CA ARG A 175 -28.61 6.17 16.96
CA ARG A 175 -28.65 6.23 17.01
C ARG A 175 -27.41 7.02 17.38
C ARG A 175 -27.39 7.01 17.39
N HIS A 176 -26.61 7.46 16.40
CA HIS A 176 -25.43 8.28 16.68
C HIS A 176 -25.83 9.69 17.12
N ILE A 177 -26.94 10.19 16.60
CA ILE A 177 -27.50 11.47 17.03
C ILE A 177 -28.17 11.29 18.40
N TYR A 178 -29.03 10.28 18.51
CA TYR A 178 -29.83 10.10 19.71
C TYR A 178 -29.12 9.39 20.87
N LYS A 179 -27.90 8.90 20.64
CA LYS A 179 -27.05 8.33 21.68
C LYS A 179 -27.92 7.31 22.42
N ASP A 180 -28.11 7.48 23.74
CA ASP A 180 -28.76 6.49 24.59
C ASP A 180 -30.27 6.67 24.69
N THR A 181 -30.78 7.86 24.36
CA THR A 181 -32.22 8.07 24.32
C THR A 181 -32.82 7.33 23.13
N GLU A 182 -33.96 6.68 23.35
CA GLU A 182 -34.64 5.95 22.29
C GLU A 182 -35.22 6.93 21.27
N PRO A 183 -34.82 6.79 20.00
CA PRO A 183 -35.19 7.80 19.01
C PRO A 183 -36.64 7.67 18.57
N PRO A 184 -37.19 8.73 17.93
CA PRO A 184 -38.58 8.70 17.45
C PRO A 184 -38.79 7.89 16.16
N ILE A 185 -37.69 7.52 15.51
CA ILE A 185 -37.70 6.64 14.32
C ILE A 185 -36.55 5.64 14.49
N PRO A 186 -36.55 4.52 13.74
CA PRO A 186 -35.57 3.46 13.99
C PRO A 186 -34.13 3.95 14.06
N GLY A 187 -33.44 3.53 15.11
CA GLY A 187 -32.04 3.92 15.35
C GLY A 187 -31.06 3.53 14.25
N ASP A 188 -31.37 2.44 13.55
CA ASP A 188 -30.46 1.89 12.53
C ASP A 188 -30.42 2.69 11.22
N LEU A 189 -31.44 3.51 10.98
CA LEU A 189 -31.54 4.27 9.73
C LEU A 189 -30.34 5.19 9.53
N THR A 190 -29.96 5.40 8.27
CA THR A 190 -29.05 6.48 7.92
C THR A 190 -29.72 7.81 8.27
N ALA A 191 -29.04 8.60 9.09
CA ALA A 191 -29.52 9.94 9.47
C ALA A 191 -28.96 11.01 8.53
N ALA A 192 -27.70 10.83 8.15
CA ALA A 192 -27.03 11.73 7.23
C ALA A 192 -25.96 10.94 6.48
N ASN A 193 -26.07 10.90 5.15
CA ASN A 193 -25.02 10.29 4.34
C ASN A 193 -23.78 11.17 4.42
N PHE A 194 -22.62 10.54 4.58
CA PHE A 194 -21.35 11.24 4.75
C PHE A 194 -21.32 12.10 6.02
N GLY A 195 -22.22 11.81 6.96
CA GLY A 195 -22.39 12.61 8.19
C GLY A 195 -21.46 12.25 9.34
N HIS A 196 -20.72 11.16 9.19
CA HIS A 196 -19.77 10.72 10.21
C HIS A 196 -18.35 11.13 9.88
N VAL A 197 -18.16 11.65 8.66
CA VAL A 197 -16.83 12.04 8.14
C VAL A 197 -16.10 12.99 9.09
N LEU A 198 -16.75 14.10 9.45
CA LEU A 198 -16.12 15.08 10.33
C LEU A 198 -15.89 14.58 11.76
N HIS A 199 -16.45 13.41 12.11
CA HIS A 199 -16.18 12.77 13.39
C HIS A 199 -15.03 11.74 13.32
N HIS A 200 -14.59 11.38 12.10
CA HIS A 200 -13.53 10.38 11.91
C HIS A 200 -12.38 10.94 11.08
N LEU A 201 -11.90 12.11 11.48
CA LEU A 201 -10.88 12.82 10.71
C LEU A 201 -9.48 12.18 10.80
N ASP A 202 -9.25 11.35 11.81
CA ASP A 202 -7.99 10.59 11.92
C ASP A 202 -7.87 9.60 10.75
N PHE A 205 -9.83 7.36 5.05
CA PHE A 205 -10.97 6.93 4.24
C PHE A 205 -10.52 6.26 2.94
N THR A 206 -10.68 4.96 2.87
CA THR A 206 -10.24 4.18 1.71
C THR A 206 -11.22 4.28 0.55
N PRO A 207 -10.74 4.05 -0.68
CA PRO A 207 -11.62 4.09 -1.85
C PRO A 207 -12.78 3.09 -1.75
N SER A 208 -12.52 1.92 -1.18
CA SER A 208 -13.59 0.95 -0.89
C SER A 208 -14.71 1.60 -0.10
N ASN A 209 -14.37 2.16 1.06
CA ASN A 209 -15.34 2.79 1.97
C ASN A 209 -16.05 3.97 1.32
N LYS A 210 -15.29 4.82 0.65
CA LYS A 210 -15.83 6.00 -0.02
C LYS A 210 -16.77 5.62 -1.17
N LEU A 211 -16.35 4.68 -1.99
CA LEU A 211 -17.17 4.21 -3.12
C LEU A 211 -18.46 3.55 -2.65
N ALA A 212 -18.38 2.79 -1.55
CA ALA A 212 -19.56 2.16 -0.96
C ALA A 212 -20.54 3.19 -0.41
N ALA A 213 -19.98 4.30 0.09
CA ALA A 213 -20.77 5.42 0.61
C ALA A 213 -21.52 6.12 -0.53
N VAL A 214 -20.85 6.31 -1.66
CA VAL A 214 -21.47 6.93 -2.84
C VAL A 214 -22.62 6.06 -3.36
N ILE A 215 -22.36 4.76 -3.48
CA ILE A 215 -23.39 3.81 -3.92
C ILE A 215 -24.54 3.81 -2.92
N GLY A 216 -24.21 3.86 -1.64
CA GLY A 216 -25.20 3.89 -0.58
C GLY A 216 -26.17 5.07 -0.65
N VAL A 217 -25.65 6.28 -0.81
CA VAL A 217 -26.52 7.46 -0.90
C VAL A 217 -27.39 7.39 -2.14
N VAL A 218 -26.82 6.94 -3.27
CA VAL A 218 -27.58 6.81 -4.50
C VAL A 218 -28.73 5.83 -4.28
N GLY A 219 -28.40 4.69 -3.68
CA GLY A 219 -29.40 3.67 -3.37
C GLY A 219 -30.53 4.19 -2.51
N GLU A 220 -30.16 4.81 -1.38
CA GLU A 220 -31.13 5.22 -0.36
C GLU A 220 -32.09 6.29 -0.86
N VAL A 221 -31.61 7.16 -1.75
CA VAL A 221 -32.42 8.24 -2.31
C VAL A 221 -33.43 7.68 -3.31
N VAL A 222 -32.96 6.79 -4.17
CA VAL A 222 -33.81 6.15 -5.16
C VAL A 222 -34.92 5.38 -4.44
N THR A 223 -34.54 4.55 -3.48
CA THR A 223 -35.53 3.78 -2.70
C THR A 223 -36.49 4.69 -1.96
N THR A 224 -35.98 5.77 -1.38
CA THR A 224 -36.83 6.73 -0.68
C THR A 224 -37.90 7.28 -1.61
N MET A 225 -37.49 7.79 -2.77
CA MET A 225 -38.43 8.37 -3.72
C MET A 225 -39.38 7.34 -4.30
N ALA A 226 -38.88 6.14 -4.54
CA ALA A 226 -39.70 5.04 -5.03
C ALA A 226 -40.79 4.68 -4.04
N ILE A 227 -40.40 4.50 -2.78
CA ILE A 227 -41.34 4.13 -1.71
C ILE A 227 -42.38 5.24 -1.47
N THR A 228 -41.97 6.49 -1.66
CA THR A 228 -42.85 7.62 -1.42
C THR A 228 -43.95 7.70 -2.48
N VAL A 229 -43.58 7.51 -3.74
CA VAL A 229 -44.58 7.53 -4.81
C VAL A 229 -45.41 6.24 -4.79
N ALA A 230 -44.79 5.13 -4.41
CA ALA A 230 -45.51 3.88 -4.19
C ALA A 230 -46.64 4.10 -3.19
N ARG A 231 -46.34 4.79 -2.09
CA ARG A 231 -47.37 5.11 -1.07
C ARG A 231 -48.39 6.09 -1.62
N GLU A 232 -47.92 7.13 -2.30
CA GLU A 232 -48.79 8.14 -2.91
C GLU A 232 -49.82 7.54 -3.86
N PHE A 233 -49.40 6.55 -4.66
CA PHE A 233 -50.29 5.95 -5.65
C PHE A 233 -50.82 4.59 -5.20
N LYS A 234 -50.64 4.27 -3.92
CA LYS A 234 -51.35 3.18 -3.25
C LYS A 234 -51.09 1.79 -3.83
N THR A 235 -49.81 1.49 -4.02
CA THR A 235 -49.37 0.15 -4.44
C THR A 235 -48.13 -0.22 -3.65
N GLU A 236 -47.95 -1.52 -3.43
CA GLU A 236 -46.84 -2.02 -2.63
C GLU A 236 -45.73 -2.62 -3.47
N ASN A 237 -45.96 -2.71 -4.78
CA ASN A 237 -44.99 -3.32 -5.70
C ASN A 237 -44.05 -2.25 -6.28
N ILE A 238 -42.75 -2.42 -6.10
CA ILE A 238 -41.75 -1.56 -6.72
C ILE A 238 -40.75 -2.41 -7.51
N VAL A 239 -40.59 -2.10 -8.79
CA VAL A 239 -39.66 -2.79 -9.67
C VAL A 239 -38.47 -1.87 -9.93
N TYR A 240 -37.25 -2.40 -9.83
CA TYR A 240 -36.04 -1.64 -10.10
C TYR A 240 -35.31 -2.22 -11.30
N ILE A 241 -35.14 -1.39 -12.33
CA ILE A 241 -34.37 -1.75 -13.53
C ILE A 241 -33.28 -0.71 -13.78
N GLY A 242 -32.37 -1.01 -14.72
CA GLY A 242 -31.27 -0.13 -15.09
C GLY A 242 -29.93 -0.84 -14.98
N SER A 243 -28.95 -0.41 -15.78
CA SER A 243 -27.61 -1.01 -15.75
C SER A 243 -26.81 -0.60 -14.52
N SER A 244 -27.26 0.44 -13.82
CA SER A 244 -26.63 0.83 -12.55
C SER A 244 -26.53 -0.32 -11.56
N PHE A 245 -27.45 -1.28 -11.64
CA PHE A 245 -27.42 -2.50 -10.79
C PHE A 245 -26.47 -3.62 -11.22
N HIS A 246 -26.00 -3.59 -12.46
N HIS A 246 -26.01 -3.59 -12.47
CA HIS A 246 -25.16 -4.66 -13.00
CA HIS A 246 -25.14 -4.64 -13.02
C HIS A 246 -23.77 -4.64 -12.38
C HIS A 246 -23.77 -4.63 -12.35
N ASN A 247 -23.33 -5.80 -11.88
CA ASN A 247 -22.06 -5.95 -11.18
C ASN A 247 -21.97 -5.04 -9.96
N ASN A 248 -23.08 -4.95 -9.22
CA ASN A 248 -23.15 -4.07 -8.08
C ASN A 248 -24.22 -4.58 -7.11
N ALA A 249 -23.90 -5.70 -6.47
CA ALA A 249 -24.79 -6.33 -5.51
C ALA A 249 -25.12 -5.42 -4.32
N LEU A 250 -24.17 -4.59 -3.92
CA LEU A 250 -24.38 -3.71 -2.77
C LEU A 250 -25.54 -2.75 -3.04
N LEU A 251 -25.56 -2.17 -4.23
CA LEU A 251 -26.63 -1.26 -4.64
C LEU A 251 -27.96 -1.99 -4.63
N ARG A 252 -27.95 -3.20 -5.19
CA ARG A 252 -29.14 -4.03 -5.22
C ARG A 252 -29.61 -4.34 -3.80
N LYS A 253 -28.66 -4.65 -2.93
CA LYS A 253 -28.92 -4.95 -1.51
C LYS A 253 -29.49 -3.73 -0.75
N VAL A 254 -28.92 -2.55 -1.01
CA VAL A 254 -29.33 -1.32 -0.34
C VAL A 254 -30.79 -1.00 -0.67
N VAL A 255 -31.13 -1.16 -1.94
CA VAL A 255 -32.49 -0.90 -2.43
C VAL A 255 -33.56 -1.89 -1.94
N GLU A 256 -33.27 -3.19 -2.04
CA GLU A 256 -34.23 -4.24 -1.66
C GLU A 256 -34.58 -4.21 -0.17
N ASP A 257 -33.53 -4.15 0.67
CA ASP A 257 -33.69 -4.20 2.13
C ASP A 257 -34.52 -3.05 2.69
N TYR A 258 -34.37 -1.85 2.13
CA TYR A 258 -35.17 -0.72 2.61
C TYR A 258 -36.59 -0.77 2.06
N THR A 259 -36.75 -1.25 0.82
CA THR A 259 -38.08 -1.47 0.25
C THR A 259 -38.88 -2.39 1.16
N VAL A 260 -38.29 -3.53 1.50
CA VAL A 260 -38.88 -4.50 2.43
C VAL A 260 -39.18 -3.85 3.79
N LEU A 261 -38.19 -3.14 4.33
CA LEU A 261 -38.32 -2.49 5.64
C LEU A 261 -39.48 -1.49 5.73
N ARG A 262 -39.90 -0.94 4.59
CA ARG A 262 -41.07 -0.03 4.54
C ARG A 262 -42.37 -0.76 4.17
N GLY A 263 -42.31 -2.07 4.00
CA GLY A 263 -43.50 -2.88 3.73
C GLY A 263 -43.94 -2.90 2.28
N CYS A 264 -43.00 -2.71 1.37
CA CYS A 264 -43.26 -2.82 -0.06
C CYS A 264 -42.51 -4.03 -0.58
N LYS A 265 -42.88 -4.47 -1.79
CA LYS A 265 -42.32 -5.68 -2.38
C LYS A 265 -41.40 -5.32 -3.54
N PRO A 266 -40.06 -5.45 -3.34
CA PRO A 266 -39.13 -5.14 -4.41
C PRO A 266 -39.08 -6.27 -5.44
N TYR A 267 -38.97 -5.91 -6.72
CA TYR A 267 -38.83 -6.88 -7.81
C TYR A 267 -37.65 -6.52 -8.70
N TYR A 268 -36.79 -7.51 -8.95
CA TYR A 268 -35.71 -7.38 -9.90
C TYR A 268 -36.05 -8.25 -11.11
N VAL A 269 -35.54 -7.86 -12.27
CA VAL A 269 -35.87 -8.53 -13.53
C VAL A 269 -34.59 -8.82 -14.30
N GLU A 270 -34.44 -10.07 -14.74
CA GLU A 270 -33.31 -10.44 -15.59
C GLU A 270 -33.44 -9.74 -16.94
N ASN A 271 -32.35 -9.11 -17.38
CA ASN A 271 -32.34 -8.27 -18.58
C ASN A 271 -33.27 -7.07 -18.46
N GLY A 272 -33.54 -6.66 -17.22
CA GLY A 272 -34.36 -5.48 -16.94
C GLY A 272 -33.77 -4.21 -17.55
N ALA A 273 -32.45 -4.17 -17.67
CA ALA A 273 -31.78 -3.03 -18.33
C ALA A 273 -32.13 -2.87 -19.81
N PHE A 274 -32.55 -3.98 -20.44
CA PHE A 274 -33.00 -3.97 -21.84
C PHE A 274 -34.52 -3.74 -22.03
N SER A 275 -35.17 -3.13 -21.04
CA SER A 275 -36.62 -2.88 -21.14
C SER A 275 -36.95 -1.91 -22.27
N GLY A 276 -36.23 -0.80 -22.33
CA GLY A 276 -36.39 0.18 -23.41
C GLY A 276 -36.21 -0.41 -24.79
N ALA A 277 -35.18 -1.25 -24.96
CA ALA A 277 -34.85 -1.85 -26.25
C ALA A 277 -35.94 -2.81 -26.72
N ILE A 278 -36.42 -3.65 -25.79
CA ILE A 278 -37.48 -4.61 -26.06
C ILE A 278 -38.81 -3.88 -26.31
N GLY A 279 -39.12 -2.88 -25.48
CA GLY A 279 -40.32 -2.07 -25.66
C GLY A 279 -40.40 -1.35 -26.99
N ALA A 280 -39.25 -0.89 -27.47
CA ALA A 280 -39.18 -0.26 -28.78
C ALA A 280 -39.66 -1.23 -29.87
N LEU A 281 -39.09 -2.44 -29.88
CA LEU A 281 -39.51 -3.49 -30.80
C LEU A 281 -41.02 -3.76 -30.71
N TYR A 282 -41.54 -3.83 -29.49
CA TYR A 282 -42.98 -4.05 -29.28
C TYR A 282 -43.83 -2.89 -29.80
N LEU A 283 -43.37 -1.66 -29.57
CA LEU A 283 -44.07 -0.46 -30.03
C LEU A 283 -44.06 -0.37 -31.56
N GLU A 284 -43.07 -0.92 -32.18
CA GLU A 284 -43.03 -1.04 -33.59
C GLU A 284 -43.98 -2.11 -34.10
N LYS A 285 -44.51 -1.92 -35.29
CA LYS A 285 -45.42 -2.91 -35.90
C LYS A 285 -45.47 -2.78 -37.42
N MET B 19 -34.58 33.69 33.88
CA MET B 19 -35.01 33.68 32.45
C MET B 19 -35.59 32.34 32.01
N LYS B 20 -36.08 32.29 30.77
CA LYS B 20 -36.64 31.06 30.17
C LYS B 20 -35.70 30.57 29.08
N VAL B 21 -35.52 29.25 29.00
CA VAL B 21 -34.54 28.66 28.09
C VAL B 21 -35.12 27.46 27.34
N GLY B 22 -35.16 27.57 26.02
CA GLY B 22 -35.52 26.46 25.13
C GLY B 22 -34.29 26.01 24.36
N ILE B 23 -34.07 24.69 24.27
CA ILE B 23 -32.88 24.15 23.62
C ILE B 23 -33.21 22.99 22.68
N ASP B 24 -32.77 23.13 21.43
CA ASP B 24 -32.78 22.06 20.43
C ASP B 24 -31.35 21.57 20.23
N ALA B 25 -31.00 20.49 20.92
CA ALA B 25 -29.65 19.92 20.88
C ALA B 25 -29.57 18.88 19.77
N GLY B 26 -29.10 19.30 18.59
CA GLY B 26 -29.16 18.47 17.39
C GLY B 26 -27.86 17.74 17.10
N GLY B 27 -27.83 17.05 15.97
CA GLY B 27 -26.66 16.28 15.56
C GLY B 27 -25.41 17.10 15.32
N THR B 28 -25.57 18.36 14.94
CA THR B 28 -24.43 19.26 14.66
C THR B 28 -24.43 20.54 15.52
N LEU B 29 -25.57 21.22 15.59
CA LEU B 29 -25.66 22.47 16.34
C LEU B 29 -26.63 22.35 17.50
N ILE B 30 -26.31 23.04 18.59
CA ILE B 30 -27.26 23.24 19.67
C ILE B 30 -27.80 24.65 19.52
N LYS B 31 -29.10 24.72 19.26
CA LYS B 31 -29.83 25.99 19.19
C LYS B 31 -30.40 26.31 20.57
N ILE B 32 -30.13 27.53 21.02
CA ILE B 32 -30.57 27.99 22.33
C ILE B 32 -31.39 29.27 22.16
N VAL B 33 -32.63 29.24 22.65
CA VAL B 33 -33.49 30.41 22.66
C VAL B 33 -33.68 30.90 24.10
N GLN B 34 -33.16 32.09 24.39
CA GLN B 34 -33.31 32.72 25.69
C GLN B 34 -34.39 33.80 25.64
N GLU B 35 -35.41 33.64 26.49
CA GLU B 35 -36.45 34.65 26.64
C GLU B 35 -36.23 35.39 27.96
N GLN B 36 -35.95 36.69 27.89
CA GLN B 36 -35.69 37.50 29.07
C GLN B 36 -36.06 38.96 28.79
N ASP B 37 -36.80 39.56 29.72
CA ASP B 37 -37.23 40.97 29.61
C ASP B 37 -37.91 41.25 28.27
N ASN B 38 -38.80 40.34 27.85
CA ASN B 38 -39.53 40.46 26.58
C ASN B 38 -38.64 40.47 25.35
N GLN B 39 -37.45 39.88 25.49
CA GLN B 39 -36.45 39.89 24.44
C GLN B 39 -36.01 38.45 24.19
N ARG B 40 -35.87 38.10 22.91
CA ARG B 40 -35.36 36.80 22.51
C ARG B 40 -33.90 36.92 22.10
N THR B 41 -33.09 35.98 22.57
CA THR B 41 -31.72 35.83 22.08
C THR B 41 -31.59 34.45 21.44
N PHE B 42 -31.15 34.44 20.18
CA PHE B 42 -30.94 33.21 19.44
C PHE B 42 -29.44 32.91 19.45
N LYS B 43 -29.08 31.72 19.94
CA LYS B 43 -27.66 31.34 20.03
C LYS B 43 -27.42 29.98 19.42
N THR B 44 -26.22 29.81 18.85
CA THR B 44 -25.78 28.54 18.35
C THR B 44 -24.46 28.16 19.02
N GLU B 45 -24.37 26.92 19.48
CA GLU B 45 -23.12 26.30 19.94
C GLU B 45 -22.97 24.98 19.19
N LEU B 46 -21.73 24.58 18.94
CA LEU B 46 -21.47 23.29 18.30
C LEU B 46 -21.84 22.14 19.25
N THR B 47 -22.44 21.08 18.71
CA THR B 47 -22.82 19.90 19.51
C THR B 47 -21.60 19.19 20.11
N LYS B 48 -20.42 19.40 19.52
CA LYS B 48 -19.17 18.93 20.14
C LYS B 48 -18.84 19.68 21.45
N ASN B 49 -19.45 20.86 21.64
CA ASN B 49 -19.21 21.69 22.82
C ASN B 49 -20.36 21.60 23.83
N ILE B 50 -21.05 20.46 23.83
CA ILE B 50 -22.24 20.25 24.65
C ILE B 50 -21.96 20.38 26.15
N ASP B 51 -20.83 19.86 26.61
CA ASP B 51 -20.41 19.98 28.02
C ASP B 51 -20.27 21.46 28.41
N GLN B 52 -19.75 22.26 27.47
CA GLN B 52 -19.62 23.71 27.64
C GLN B 52 -21.00 24.35 27.84
N VAL B 53 -21.96 23.94 27.01
CA VAL B 53 -23.35 24.35 27.15
C VAL B 53 -23.93 23.90 28.50
N VAL B 54 -23.60 22.67 28.91
CA VAL B 54 -24.05 22.15 30.19
C VAL B 54 -23.52 22.97 31.37
N GLU B 55 -22.25 23.35 31.33
CA GLU B 55 -21.65 24.14 32.40
C GLU B 55 -22.26 25.54 32.45
N TRP B 56 -22.66 26.06 31.30
CA TRP B 56 -23.33 27.36 31.23
C TRP B 56 -24.74 27.31 31.85
N LEU B 57 -25.47 26.22 31.59
CA LEU B 57 -26.81 26.02 32.15
C LEU B 57 -26.81 25.92 33.68
N ASN B 58 -25.73 25.38 34.23
CA ASN B 58 -25.60 25.20 35.67
C ASN B 58 -25.28 26.50 36.42
N GLN B 59 -24.69 27.47 35.75
CA GLN B 59 -24.45 28.80 36.33
C GLN B 59 -25.72 29.64 36.40
N GLN B 60 -26.62 29.38 35.45
CA GLN B 60 -27.68 30.32 35.12
C GLN B 60 -28.84 30.29 36.10
N GLN B 61 -29.54 31.41 36.20
CA GLN B 61 -30.81 31.47 36.92
C GLN B 61 -31.92 31.25 35.90
N ILE B 62 -32.57 30.09 35.98
CA ILE B 62 -33.52 29.64 34.97
C ILE B 62 -34.87 29.34 35.61
N GLU B 63 -35.93 30.00 35.13
CA GLU B 63 -37.29 29.70 35.59
C GLU B 63 -37.80 28.40 34.98
N LYS B 64 -37.55 28.20 33.68
CA LYS B 64 -38.04 27.02 32.97
C LYS B 64 -37.04 26.58 31.88
N LEU B 65 -36.61 25.32 31.97
CA LEU B 65 -35.72 24.73 30.97
C LEU B 65 -36.52 23.71 30.16
N CYS B 66 -36.56 23.89 28.84
CA CYS B 66 -37.26 22.95 27.95
C CYS B 66 -36.30 22.44 26.88
N LEU B 67 -36.18 21.11 26.77
CA LEU B 67 -35.18 20.48 25.92
C LEU B 67 -35.82 19.64 24.82
N THR B 68 -35.19 19.61 23.66
CA THR B 68 -35.56 18.66 22.60
C THR B 68 -34.35 18.29 21.75
N GLY B 69 -34.51 17.28 20.89
CA GLY B 69 -33.46 16.86 19.98
C GLY B 69 -32.67 15.67 20.50
N GLY B 70 -31.95 15.02 19.58
CA GLY B 70 -31.21 13.79 19.88
C GLY B 70 -30.30 13.86 21.10
N ASN B 71 -29.64 15.00 21.26
CA ASN B 71 -28.69 15.19 22.34
C ASN B 71 -29.30 15.80 23.61
N ALA B 72 -30.62 15.93 23.64
CA ALA B 72 -31.33 16.44 24.82
C ALA B 72 -31.06 15.60 26.07
N GLY B 73 -30.89 14.30 25.88
CA GLY B 73 -30.62 13.37 26.97
C GLY B 73 -29.26 13.56 27.60
N VAL B 74 -28.27 13.96 26.80
CA VAL B 74 -26.92 14.23 27.31
C VAL B 74 -26.94 15.49 28.19
N ILE B 75 -27.82 16.45 27.86
CA ILE B 75 -27.99 17.66 28.66
C ILE B 75 -28.65 17.32 29.98
N ALA B 76 -29.78 16.61 29.90
CA ALA B 76 -30.60 16.31 31.07
C ALA B 76 -29.85 15.57 32.19
N GLU B 77 -29.08 14.55 31.83
CA GLU B 77 -28.37 13.73 32.81
C GLU B 77 -27.13 14.41 33.42
N ASN B 78 -26.74 15.56 32.87
CA ASN B 78 -25.54 16.27 33.31
C ASN B 78 -25.80 17.61 34.00
N ILE B 79 -27.06 17.99 34.16
CA ILE B 79 -27.41 19.28 34.78
C ILE B 79 -28.03 19.10 36.17
N ASN B 80 -28.05 20.21 36.92
CA ASN B 80 -28.50 20.20 38.31
C ASN B 80 -29.84 20.90 38.52
N ILE B 81 -30.67 20.96 37.48
CA ILE B 81 -32.06 21.39 37.61
C ILE B 81 -32.97 20.55 36.72
N PRO B 82 -34.27 20.50 37.03
CA PRO B 82 -35.19 19.75 36.20
C PRO B 82 -35.37 20.37 34.81
N ALA B 83 -35.60 19.50 33.82
CA ALA B 83 -35.87 19.91 32.46
C ALA B 83 -37.03 19.11 31.91
N GLN B 84 -37.86 19.77 31.11
CA GLN B 84 -38.94 19.11 30.39
C GLN B 84 -38.39 18.72 29.02
N ILE B 85 -38.54 17.46 28.64
CA ILE B 85 -38.08 16.97 27.34
C ILE B 85 -39.25 16.69 26.40
N PHE B 86 -39.14 17.11 25.14
CA PHE B 86 -40.15 16.84 24.11
C PHE B 86 -39.53 16.32 22.82
N VAL B 87 -40.34 15.69 21.97
CA VAL B 87 -39.86 15.15 20.70
C VAL B 87 -39.67 16.30 19.70
N GLU B 88 -38.57 16.26 18.95
CA GLU B 88 -38.22 17.37 18.06
C GLU B 88 -39.23 17.64 16.92
N PHE B 89 -39.97 16.61 16.51
CA PHE B 89 -40.97 16.78 15.46
C PHE B 89 -42.12 17.68 15.94
N ASP B 90 -42.58 17.44 17.16
CA ASP B 90 -43.67 18.23 17.74
C ASP B 90 -43.19 19.63 18.10
N ALA B 91 -41.95 19.73 18.58
CA ALA B 91 -41.35 21.02 18.92
C ALA B 91 -41.11 21.87 17.69
N ALA B 92 -40.60 21.24 16.64
CA ALA B 92 -40.32 21.93 15.37
C ALA B 92 -41.61 22.53 14.80
N SER B 93 -42.68 21.75 14.85
CA SER B 93 -43.98 22.16 14.33
C SER B 93 -44.58 23.33 15.11
N GLN B 94 -44.40 23.32 16.43
CA GLN B 94 -45.02 24.32 17.30
C GLN B 94 -44.29 25.66 17.13
N GLY B 95 -42.97 25.61 17.19
CA GLY B 95 -42.14 26.79 16.92
C GLY B 95 -42.39 27.39 15.54
N LEU B 96 -42.45 26.54 14.51
CA LEU B 96 -42.66 27.03 13.14
C LEU B 96 -44.01 27.73 12.97
N GLY B 97 -45.03 27.19 13.61
CA GLY B 97 -46.37 27.76 13.52
C GLY B 97 -46.43 29.10 14.22
N ILE B 98 -45.57 29.27 15.23
CA ILE B 98 -45.45 30.54 15.97
C ILE B 98 -44.77 31.57 15.11
N LEU B 99 -43.57 31.26 14.63
CA LEU B 99 -42.81 32.15 13.74
C LEU B 99 -43.63 32.54 12.50
N LEU B 100 -44.25 31.56 11.84
CA LEU B 100 -45.12 31.83 10.69
C LEU B 100 -46.16 32.91 10.99
N LYS B 101 -46.96 32.72 12.04
CA LYS B 101 -47.99 33.69 12.41
C LYS B 101 -47.42 35.05 12.79
N GLU B 102 -46.24 35.05 13.41
CA GLU B 102 -45.57 36.27 13.83
C GLU B 102 -45.07 37.09 12.63
N GLN B 103 -44.69 36.39 11.56
CA GLN B 103 -44.13 37.03 10.36
C GLN B 103 -45.18 37.24 9.25
N GLY B 104 -46.45 37.32 9.63
CA GLY B 104 -47.53 37.71 8.72
C GLY B 104 -48.16 36.60 7.90
N HIS B 105 -47.64 35.38 8.01
CA HIS B 105 -48.08 34.26 7.21
C HIS B 105 -49.29 33.56 7.84
N ASP B 106 -50.33 33.39 7.03
N ASP B 106 -50.34 33.39 7.05
CA ASP B 106 -51.55 32.70 7.44
CA ASP B 106 -51.55 32.70 7.49
C ASP B 106 -51.74 31.53 6.50
C ASP B 106 -51.77 31.53 6.54
N LEU B 107 -51.06 30.43 6.78
CA LEU B 107 -51.09 29.23 5.93
C LEU B 107 -52.04 28.18 6.49
N ALA B 108 -53.00 27.76 5.67
CA ALA B 108 -53.98 26.76 6.10
C ALA B 108 -53.34 25.39 6.28
N ASP B 109 -52.33 25.10 5.46
CA ASP B 109 -51.63 23.83 5.52
C ASP B 109 -50.31 23.91 4.75
N TYR B 110 -49.38 23.01 5.05
CA TYR B 110 -48.07 23.03 4.39
C TYR B 110 -47.24 21.79 4.69
N ILE B 111 -46.29 21.52 3.82
CA ILE B 111 -45.18 20.63 4.17
C ILE B 111 -44.16 21.51 4.88
N PHE B 112 -43.49 20.99 5.90
CA PHE B 112 -42.24 21.63 6.30
C PHE B 112 -41.06 20.67 6.22
N ALA B 113 -40.00 21.15 5.57
CA ALA B 113 -38.82 20.39 5.29
C ALA B 113 -37.71 20.90 6.19
N ASN B 114 -37.24 20.03 7.07
CA ASN B 114 -36.26 20.37 8.08
C ASN B 114 -34.89 19.91 7.63
N VAL B 115 -34.13 20.81 7.01
CA VAL B 115 -32.84 20.45 6.43
C VAL B 115 -31.74 20.66 7.45
N GLY B 116 -31.63 19.73 8.40
CA GLY B 116 -30.60 19.80 9.43
C GLY B 116 -29.46 18.88 9.06
N THR B 117 -28.80 18.29 10.06
CA THR B 117 -27.73 17.34 9.80
C THR B 117 -28.22 16.29 8.81
N GLY B 118 -29.43 15.80 9.02
CA GLY B 118 -30.20 15.07 8.02
C GLY B 118 -31.52 15.79 7.80
N THR B 119 -32.36 15.24 6.92
CA THR B 119 -33.57 15.92 6.51
C THR B 119 -34.82 15.15 6.89
N SER B 120 -35.77 15.89 7.45
CA SER B 120 -37.01 15.33 7.93
C SER B 120 -38.14 16.15 7.31
N LEU B 121 -39.11 15.43 6.72
CA LEU B 121 -40.23 16.05 6.01
C LEU B 121 -41.54 15.81 6.75
N HIS B 122 -42.34 16.86 6.87
CA HIS B 122 -43.54 16.83 7.72
C HIS B 122 -44.71 17.55 7.06
N TYR B 123 -45.91 17.02 7.24
CA TYR B 123 -47.12 17.64 6.68
C TYR B 123 -48.01 18.19 7.77
N PHE B 124 -48.19 19.51 7.79
CA PHE B 124 -49.04 20.17 8.77
C PHE B 124 -50.41 20.40 8.15
N ASP B 125 -51.45 19.76 8.71
CA ASP B 125 -52.79 19.76 8.12
C ASP B 125 -53.65 20.94 8.54
N GLY B 126 -53.19 21.70 9.55
CA GLY B 126 -53.95 22.79 10.14
C GLY B 126 -53.94 22.67 11.65
N GLN B 127 -54.02 21.44 12.15
CA GLN B 127 -54.08 21.16 13.59
C GLN B 127 -52.83 20.49 14.15
N SER B 128 -52.16 19.66 13.34
CA SER B 128 -51.00 18.92 13.82
C SER B 128 -50.07 18.49 12.69
N GLN B 129 -48.91 17.98 13.09
CA GLN B 129 -47.89 17.53 12.15
C GLN B 129 -47.83 16.01 12.14
N ARG B 130 -47.52 15.45 10.98
CA ARG B 130 -47.11 14.06 10.90
C ARG B 130 -45.88 13.99 10.02
N ARG B 131 -44.93 13.14 10.43
CA ARG B 131 -43.74 12.88 9.64
C ARG B 131 -44.15 12.03 8.44
N VAL B 132 -43.85 12.54 7.25
CA VAL B 132 -44.24 11.89 6.00
C VAL B 132 -43.04 11.33 5.23
N GLY B 133 -41.85 11.60 5.72
CA GLY B 133 -40.65 11.00 5.15
C GLY B 133 -39.38 11.67 5.63
N GLY B 134 -38.27 11.17 5.13
CA GLY B 134 -36.97 11.79 5.36
C GLY B 134 -35.93 11.22 4.40
N ILE B 135 -34.74 11.80 4.46
CA ILE B 135 -33.63 11.36 3.66
C ILE B 135 -32.36 11.91 4.30
N GLY B 136 -31.27 11.18 4.15
CA GLY B 136 -29.99 11.56 4.73
C GLY B 136 -29.15 12.55 3.91
N THR B 137 -29.72 13.16 2.87
CA THR B 137 -29.05 14.25 2.13
C THR B 137 -29.39 15.60 2.76
N GLY B 138 -28.45 16.18 3.49
CA GLY B 138 -28.64 17.48 4.12
C GLY B 138 -27.32 18.09 4.52
N GLY B 139 -27.33 18.90 5.56
CA GLY B 139 -26.16 19.65 6.02
C GLY B 139 -24.94 18.79 6.33
N GLY B 140 -25.17 17.62 6.92
CA GLY B 140 -24.11 16.69 7.27
C GLY B 140 -23.44 16.05 6.06
N MET B 141 -24.19 15.93 4.97
CA MET B 141 -23.63 15.48 3.71
C MET B 141 -22.78 16.58 3.10
N ILE B 142 -23.29 17.80 3.18
CA ILE B 142 -22.57 18.98 2.69
C ILE B 142 -21.17 19.07 3.32
N GLN B 143 -21.11 18.82 4.63
CA GLN B 143 -19.85 18.94 5.35
C GLN B 143 -18.92 17.74 5.07
N GLY B 144 -19.43 16.53 5.26
CA GLY B 144 -18.61 15.34 5.09
C GLY B 144 -18.16 15.08 3.66
N LEU B 145 -19.09 15.14 2.72
CA LEU B 145 -18.74 14.95 1.32
C LEU B 145 -17.90 16.11 0.81
N GLY B 146 -18.27 17.32 1.20
CA GLY B 146 -17.49 18.50 0.89
C GLY B 146 -16.04 18.35 1.34
N TYR B 147 -15.86 17.83 2.55
CA TYR B 147 -14.53 17.57 3.09
C TYR B 147 -13.74 16.61 2.18
N LEU B 148 -14.34 15.50 1.80
CA LEU B 148 -13.65 14.49 0.97
C LEU B 148 -13.18 15.06 -0.37
N LEU B 149 -13.91 16.03 -0.90
CA LEU B 149 -13.62 16.60 -2.21
C LEU B 149 -12.72 17.84 -2.15
N SER B 150 -12.56 18.41 -0.97
CA SER B 150 -11.81 19.66 -0.80
C SER B 150 -10.82 19.65 0.38
N GLN B 151 -11.13 18.90 1.43
CA GLN B 151 -10.34 18.84 2.66
C GLN B 151 -10.59 20.03 3.58
N ILE B 152 -11.64 20.80 3.27
CA ILE B 152 -12.03 21.94 4.07
C ILE B 152 -12.97 21.43 5.14
N THR B 153 -12.61 21.68 6.40
CA THR B 153 -13.37 21.24 7.56
C THR B 153 -14.14 22.41 8.19
N ASP B 154 -13.74 23.63 7.87
CA ASP B 154 -14.37 24.84 8.40
C ASP B 154 -15.62 25.16 7.58
N TYR B 155 -16.77 25.13 8.23
CA TYR B 155 -18.07 25.32 7.57
C TYR B 155 -18.11 26.60 6.74
N LYS B 156 -17.65 27.70 7.33
CA LYS B 156 -17.66 29.02 6.68
C LYS B 156 -16.77 29.02 5.43
N GLN B 157 -15.56 28.48 5.53
CA GLN B 157 -14.69 28.33 4.35
C GLN B 157 -15.37 27.46 3.29
N LEU B 158 -15.97 26.36 3.72
CA LEU B 158 -16.65 25.42 2.82
C LEU B 158 -17.76 26.10 2.01
N THR B 159 -18.64 26.81 2.71
CA THR B 159 -19.79 27.47 2.07
C THR B 159 -19.40 28.66 1.20
N ASP B 160 -18.56 29.55 1.75
CA ASP B 160 -18.05 30.69 0.99
C ASP B 160 -17.50 30.22 -0.35
N MET B 161 -16.59 29.25 -0.29
CA MET B 161 -15.94 28.68 -1.47
C MET B 161 -16.97 28.23 -2.50
N ALA B 162 -18.04 27.58 -2.04
CA ALA B 162 -19.04 26.97 -2.93
C ALA B 162 -19.95 27.95 -3.68
N GLN B 163 -20.10 29.17 -3.16
CA GLN B 163 -21.05 30.15 -3.72
C GLN B 163 -20.73 30.58 -5.16
N HIS B 164 -19.45 30.70 -5.48
N HIS B 164 -19.46 30.73 -5.49
CA HIS B 164 -18.99 31.05 -6.83
CA HIS B 164 -19.07 31.05 -6.87
C HIS B 164 -18.81 29.84 -7.74
C HIS B 164 -18.68 29.82 -7.67
N GLY B 165 -19.22 28.66 -7.27
CA GLY B 165 -19.01 27.42 -7.99
C GLY B 165 -19.87 27.33 -9.24
N ASP B 166 -19.35 26.62 -10.24
CA ASP B 166 -20.04 26.40 -11.49
C ASP B 166 -20.25 24.91 -11.65
N ARG B 167 -21.51 24.48 -11.81
CA ARG B 167 -21.84 23.06 -11.87
C ARG B 167 -21.82 22.51 -13.31
N ASN B 168 -21.63 23.40 -14.27
CA ASN B 168 -21.69 23.03 -15.69
C ASN B 168 -20.82 21.84 -16.08
N THR B 169 -19.52 21.93 -15.82
CA THR B 169 -18.58 20.88 -16.20
C THR B 169 -18.71 19.60 -15.38
N ILE B 170 -19.50 19.63 -14.30
CA ILE B 170 -19.66 18.50 -13.38
C ILE B 170 -21.00 17.75 -13.54
N ASP B 171 -22.11 18.48 -13.55
CA ASP B 171 -23.45 17.86 -13.66
C ASP B 171 -23.86 17.61 -15.11
N LEU B 172 -24.65 16.56 -15.31
CA LEU B 172 -25.19 16.21 -16.62
C LEU B 172 -26.68 16.57 -16.68
N LYS B 173 -27.03 17.44 -17.64
CA LYS B 173 -28.42 17.85 -17.85
C LYS B 173 -29.11 16.97 -18.88
N VAL B 174 -30.43 17.06 -18.96
CA VAL B 174 -31.24 16.25 -19.87
C VAL B 174 -30.90 16.54 -21.35
N ARG B 175 -30.63 17.80 -21.68
N ARG B 175 -30.63 17.82 -21.67
CA ARG B 175 -30.29 18.21 -23.04
CA ARG B 175 -30.29 18.21 -23.04
C ARG B 175 -28.98 17.59 -23.55
C ARG B 175 -28.98 17.59 -23.55
N HIS B 176 -28.07 17.27 -22.62
CA HIS B 176 -26.77 16.69 -22.98
C HIS B 176 -26.87 15.23 -23.38
N ILE B 177 -27.83 14.51 -22.80
CA ILE B 177 -28.08 13.13 -23.17
C ILE B 177 -28.79 13.10 -24.52
N TYR B 178 -29.79 13.97 -24.66
CA TYR B 178 -30.63 14.02 -25.85
C TYR B 178 -30.03 14.91 -26.93
N ASP B 180 -28.98 16.50 -29.82
CA ASP B 180 -29.69 17.21 -30.89
C ASP B 180 -31.18 16.86 -31.03
N THR B 181 -31.68 15.94 -30.19
CA THR B 181 -33.10 15.59 -30.17
C THR B 181 -33.85 16.42 -29.13
N GLU B 182 -35.16 16.59 -29.33
CA GLU B 182 -36.01 17.23 -28.34
C GLU B 182 -36.39 16.19 -27.28
N PRO B 183 -36.02 16.44 -26.00
CA PRO B 183 -36.30 15.46 -24.95
C PRO B 183 -37.75 15.45 -24.49
N PRO B 184 -38.19 14.33 -23.89
CA PRO B 184 -39.53 14.21 -23.37
C PRO B 184 -39.77 15.01 -22.09
N ILE B 185 -38.70 15.46 -21.43
CA ILE B 185 -38.78 16.37 -20.28
C ILE B 185 -37.80 17.53 -20.49
N PRO B 186 -38.06 18.72 -19.90
CA PRO B 186 -37.24 19.92 -20.15
C PRO B 186 -35.73 19.65 -20.15
N GLY B 187 -35.03 20.22 -21.13
CA GLY B 187 -33.61 19.93 -21.35
C GLY B 187 -32.69 20.52 -20.29
N ASP B 188 -33.08 21.65 -19.70
CA ASP B 188 -32.23 22.35 -18.73
C ASP B 188 -32.14 21.63 -17.37
N LEU B 189 -33.12 20.77 -17.07
CA LEU B 189 -33.10 20.00 -15.82
C LEU B 189 -31.84 19.15 -15.67
N THR B 190 -31.41 18.93 -14.42
CA THR B 190 -30.32 17.99 -14.11
C THR B 190 -30.80 16.57 -14.38
N ALA B 191 -30.11 15.88 -15.28
CA ALA B 191 -30.37 14.47 -15.55
C ALA B 191 -29.62 13.61 -14.55
N ALA B 192 -28.41 14.05 -14.20
CA ALA B 192 -27.51 13.25 -13.36
C ALA B 192 -26.44 14.13 -12.71
N ASN B 193 -26.43 14.17 -11.39
CA ASN B 193 -25.45 14.97 -10.65
C ASN B 193 -24.09 14.29 -10.80
N PHE B 194 -23.04 15.08 -10.99
CA PHE B 194 -21.70 14.55 -11.27
C PHE B 194 -21.66 13.68 -12.54
N GLY B 195 -22.70 13.73 -13.37
CA GLY B 195 -22.79 12.89 -14.56
C GLY B 195 -21.93 13.33 -15.72
N HIS B 196 -21.35 14.53 -15.64
CA HIS B 196 -20.54 15.07 -16.73
C HIS B 196 -19.03 14.88 -16.50
N VAL B 197 -18.67 14.33 -15.34
CA VAL B 197 -17.26 14.23 -14.90
C VAL B 197 -16.40 13.40 -15.86
N LEU B 198 -16.90 12.23 -16.26
CA LEU B 198 -16.16 11.32 -17.15
C LEU B 198 -15.91 11.94 -18.52
N HIS B 199 -16.78 12.85 -18.94
CA HIS B 199 -16.62 13.54 -20.22
C HIS B 199 -15.56 14.65 -20.15
N HIS B 200 -15.32 15.19 -18.96
CA HIS B 200 -14.42 16.31 -18.78
C HIS B 200 -13.15 15.93 -18.00
N LEU B 201 -12.75 14.66 -18.08
CA LEU B 201 -11.58 14.15 -17.36
C LEU B 201 -10.38 15.09 -17.38
N ASP B 202 -10.08 15.62 -18.56
CA ASP B 202 -8.91 16.47 -18.77
C ASP B 202 -8.87 17.68 -17.85
N ALA B 203 -10.03 18.29 -17.62
CA ALA B 203 -10.13 19.40 -16.68
C ALA B 203 -9.83 18.94 -15.27
N ASP B 204 -9.01 19.72 -14.56
CA ASP B 204 -8.87 19.59 -13.10
C ASP B 204 -10.01 20.40 -12.48
N PHE B 205 -10.84 19.73 -11.68
CA PHE B 205 -12.07 20.31 -11.13
C PHE B 205 -11.78 21.15 -9.88
N THR B 206 -12.13 22.44 -9.95
CA THR B 206 -11.85 23.35 -8.85
C THR B 206 -12.68 22.96 -7.61
N PRO B 207 -12.16 23.25 -6.40
CA PRO B 207 -12.91 22.95 -5.19
C PRO B 207 -14.28 23.65 -5.20
N SER B 208 -14.31 24.90 -5.66
CA SER B 208 -15.56 25.65 -5.68
C SER B 208 -16.62 24.94 -6.51
N ASN B 209 -16.23 24.49 -7.70
CA ASN B 209 -17.14 23.81 -8.61
C ASN B 209 -17.63 22.48 -8.05
N LYS B 210 -16.75 21.74 -7.39
CA LYS B 210 -17.13 20.47 -6.77
C LYS B 210 -18.12 20.68 -5.63
N LEU B 211 -17.84 21.67 -4.78
CA LEU B 211 -18.68 21.96 -3.62
C LEU B 211 -20.05 22.50 -4.03
N ALA B 212 -20.12 23.25 -5.14
CA ALA B 212 -21.39 23.69 -5.69
C ALA B 212 -22.27 22.51 -6.10
N ALA B 213 -21.64 21.46 -6.63
CA ALA B 213 -22.35 20.27 -7.07
C ALA B 213 -22.79 19.40 -5.88
N VAL B 214 -22.03 19.43 -4.80
CA VAL B 214 -22.44 18.74 -3.57
C VAL B 214 -23.72 19.40 -3.06
N ILE B 215 -23.65 20.72 -2.90
CA ILE B 215 -24.80 21.52 -2.47
C ILE B 215 -25.94 21.36 -3.46
N GLY B 216 -25.58 21.31 -4.76
CA GLY B 216 -26.52 21.05 -5.83
C GLY B 216 -27.35 19.78 -5.68
N VAL B 217 -26.68 18.65 -5.47
CA VAL B 217 -27.41 17.38 -5.35
C VAL B 217 -28.23 17.30 -4.06
N VAL B 218 -27.69 17.85 -2.95
CA VAL B 218 -28.40 17.86 -1.69
C VAL B 218 -29.69 18.68 -1.83
N GLY B 219 -29.58 19.84 -2.48
CA GLY B 219 -30.72 20.71 -2.69
C GLY B 219 -31.77 20.09 -3.60
N GLU B 220 -31.34 19.33 -4.60
CA GLU B 220 -32.24 18.77 -5.58
C GLU B 220 -33.02 17.61 -4.98
N VAL B 221 -32.34 16.79 -4.18
CA VAL B 221 -32.98 15.64 -3.54
C VAL B 221 -34.04 16.06 -2.53
N VAL B 222 -33.69 16.97 -1.63
CA VAL B 222 -34.61 17.42 -0.59
C VAL B 222 -35.82 18.13 -1.20
N THR B 223 -35.56 18.97 -2.22
CA THR B 223 -36.62 19.73 -2.86
C THR B 223 -37.53 18.80 -3.65
N THR B 224 -36.93 17.84 -4.35
CA THR B 224 -37.70 16.79 -5.03
C THR B 224 -38.64 16.10 -4.05
N MET B 225 -38.10 15.59 -2.95
CA MET B 225 -38.93 14.86 -1.98
C MET B 225 -40.03 15.70 -1.34
N ALA B 226 -39.75 16.98 -1.11
CA ALA B 226 -40.70 17.90 -0.50
C ALA B 226 -41.83 18.25 -1.47
N ILE B 227 -41.48 18.41 -2.75
CA ILE B 227 -42.46 18.61 -3.81
C ILE B 227 -43.34 17.39 -3.98
N THR B 228 -42.73 16.19 -3.90
CA THR B 228 -43.47 14.93 -4.03
C THR B 228 -44.51 14.78 -2.94
N VAL B 229 -44.09 14.95 -1.68
CA VAL B 229 -45.01 14.83 -0.56
C VAL B 229 -46.04 15.97 -0.58
N ALA B 230 -45.67 17.12 -1.13
CA ALA B 230 -46.60 18.24 -1.24
C ALA B 230 -47.75 17.86 -2.17
N ARG B 231 -47.43 17.21 -3.29
CA ARG B 231 -48.42 16.74 -4.26
C ARG B 231 -49.33 15.67 -3.64
N GLU B 232 -48.71 14.69 -2.99
CA GLU B 232 -49.42 13.63 -2.27
C GLU B 232 -50.42 14.15 -1.23
N PHE B 233 -50.01 15.11 -0.42
CA PHE B 233 -50.89 15.64 0.62
C PHE B 233 -51.66 16.87 0.17
N LYS B 234 -51.54 17.21 -1.11
CA LYS B 234 -52.38 18.21 -1.77
C LYS B 234 -52.22 19.61 -1.19
N THR B 235 -50.97 20.05 -1.02
CA THR B 235 -50.66 21.41 -0.58
C THR B 235 -49.64 22.04 -1.51
N GLU B 236 -49.80 23.33 -1.81
CA GLU B 236 -48.83 24.06 -2.65
C GLU B 236 -47.72 24.74 -1.83
N ASN B 237 -47.85 24.68 -0.50
CA ASN B 237 -46.94 25.38 0.41
C ASN B 237 -45.89 24.45 0.99
N ILE B 238 -44.63 24.84 0.87
CA ILE B 238 -43.54 24.09 1.47
C ILE B 238 -42.68 25.06 2.25
N VAL B 239 -42.56 24.82 3.55
CA VAL B 239 -41.78 25.67 4.44
C VAL B 239 -40.43 25.00 4.71
N TYR B 240 -39.34 25.67 4.35
CA TYR B 240 -37.99 25.11 4.56
C TYR B 240 -37.33 25.70 5.81
N ILE B 241 -36.88 24.82 6.69
CA ILE B 241 -36.16 25.22 7.90
C ILE B 241 -34.86 24.42 8.03
N GLY B 242 -34.11 24.68 9.09
CA GLY B 242 -32.85 23.99 9.34
C GLY B 242 -31.70 24.94 9.11
N SER B 243 -30.61 24.71 9.83
CA SER B 243 -29.45 25.59 9.77
C SER B 243 -28.58 25.34 8.55
N SER B 244 -28.93 24.35 7.72
CA SER B 244 -28.15 24.03 6.54
C SER B 244 -28.13 25.19 5.55
N PHE B 245 -29.16 26.02 5.62
CA PHE B 245 -29.29 27.20 4.78
C PHE B 245 -28.42 28.39 5.26
N HIS B 246 -27.97 28.34 6.52
CA HIS B 246 -27.17 29.44 7.08
C HIS B 246 -25.81 29.56 6.39
N ASN B 247 -25.53 30.75 5.87
CA ASN B 247 -24.33 31.04 5.09
C ASN B 247 -24.27 30.25 3.78
N ASN B 248 -25.43 29.97 3.18
CA ASN B 248 -25.47 29.15 1.96
C ASN B 248 -26.56 29.59 0.97
N ALA B 249 -26.37 30.77 0.41
CA ALA B 249 -27.25 31.32 -0.64
C ALA B 249 -27.48 30.33 -1.78
N LEU B 250 -26.46 29.53 -2.12
CA LEU B 250 -26.59 28.55 -3.18
C LEU B 250 -27.67 27.52 -2.87
N LEU B 251 -27.57 26.87 -1.72
CA LEU B 251 -28.58 25.90 -1.30
C LEU B 251 -29.99 26.52 -1.34
N ARG B 252 -30.19 27.63 -0.63
CA ARG B 252 -31.48 28.33 -0.63
C ARG B 252 -32.00 28.55 -2.03
N LYS B 253 -31.11 29.04 -2.89
CA LYS B 253 -31.44 29.31 -4.28
C LYS B 253 -31.83 28.02 -5.03
N VAL B 254 -31.02 26.97 -4.89
CA VAL B 254 -31.31 25.70 -5.56
C VAL B 254 -32.70 25.22 -5.18
N VAL B 255 -32.98 25.23 -3.88
CA VAL B 255 -34.25 24.82 -3.31
C VAL B 255 -35.38 25.76 -3.72
N GLU B 256 -35.13 27.07 -3.69
CA GLU B 256 -36.18 28.05 -4.00
C GLU B 256 -36.58 28.01 -5.48
N ASP B 257 -35.59 27.90 -6.36
CA ASP B 257 -35.86 27.97 -7.81
C ASP B 257 -36.60 26.73 -8.28
N TYR B 258 -36.26 25.58 -7.73
CA TYR B 258 -36.90 24.33 -8.18
C TYR B 258 -38.29 24.14 -7.60
N THR B 259 -38.50 24.64 -6.38
CA THR B 259 -39.84 24.66 -5.80
C THR B 259 -40.76 25.52 -6.65
N VAL B 260 -40.30 26.71 -7.03
CA VAL B 260 -41.04 27.61 -7.91
C VAL B 260 -41.21 26.97 -9.30
N LEU B 261 -40.16 26.30 -9.77
CA LEU B 261 -40.19 25.55 -11.04
C LEU B 261 -41.35 24.55 -11.09
N ARG B 262 -41.62 23.86 -9.99
CA ARG B 262 -42.63 22.80 -9.97
C ARG B 262 -44.02 23.27 -9.54
N GLY B 263 -44.21 24.59 -9.50
CA GLY B 263 -45.52 25.19 -9.25
C GLY B 263 -45.90 25.30 -7.79
N CYS B 264 -44.93 25.16 -6.90
CA CYS B 264 -45.17 25.24 -5.44
C CYS B 264 -44.66 26.56 -4.85
N LYS B 265 -45.20 26.93 -3.69
CA LYS B 265 -44.80 28.15 -2.99
C LYS B 265 -43.80 27.84 -1.88
N PRO B 266 -42.55 28.32 -2.03
CA PRO B 266 -41.54 28.11 -1.00
C PRO B 266 -41.59 29.19 0.06
N TYR B 267 -41.46 28.80 1.32
CA TYR B 267 -41.37 29.77 2.40
C TYR B 267 -40.10 29.55 3.22
N TYR B 268 -39.32 30.63 3.39
CA TYR B 268 -38.23 30.64 4.37
C TYR B 268 -38.59 31.57 5.52
N VAL B 269 -38.26 31.14 6.73
CA VAL B 269 -38.74 31.77 7.95
C VAL B 269 -37.55 32.36 8.70
N GLU B 270 -37.71 33.59 9.18
CA GLU B 270 -36.70 34.22 10.02
C GLU B 270 -36.64 33.42 11.31
N ASN B 271 -35.43 33.00 11.70
CA ASN B 271 -35.20 32.11 12.84
C ASN B 271 -35.81 30.71 12.69
N GLY B 272 -36.03 30.28 11.46
CA GLY B 272 -36.58 28.95 11.20
C GLY B 272 -35.74 27.82 11.76
N ALA B 273 -34.42 27.99 11.77
CA ALA B 273 -33.53 26.99 12.35
C ALA B 273 -33.70 26.84 13.87
N PHE B 274 -34.39 27.80 14.50
CA PHE B 274 -34.63 27.74 15.93
C PHE B 274 -36.07 27.31 16.28
N SER B 275 -36.78 26.70 15.33
CA SER B 275 -38.17 26.30 15.53
C SER B 275 -38.36 25.34 16.70
N GLY B 276 -37.49 24.32 16.77
CA GLY B 276 -37.57 23.32 17.82
C GLY B 276 -37.30 23.90 19.19
N ALA B 277 -36.32 24.80 19.26
CA ALA B 277 -35.93 25.44 20.52
C ALA B 277 -37.07 26.29 21.05
N ILE B 278 -37.70 27.04 20.16
CA ILE B 278 -38.87 27.85 20.53
C ILE B 278 -40.02 26.94 20.95
N GLY B 279 -40.28 25.91 20.13
CA GLY B 279 -41.46 25.07 20.30
C GLY B 279 -41.50 24.26 21.57
N ALA B 280 -40.33 23.88 22.08
CA ALA B 280 -40.24 23.14 23.33
C ALA B 280 -40.71 23.98 24.52
N LEU B 281 -40.55 25.30 24.44
CA LEU B 281 -41.06 26.18 25.49
C LEU B 281 -42.59 26.30 25.48
N TYR B 282 -43.24 25.88 24.39
CA TYR B 282 -44.68 26.04 24.25
C TYR B 282 -45.44 24.75 23.90
N LEU B 283 -44.84 23.61 24.18
CA LEU B 283 -45.45 22.32 23.89
C LEU B 283 -46.26 21.81 25.08
N GLU B 284 -46.02 22.40 26.25
CA GLU B 284 -46.73 22.02 27.46
C GLU B 284 -48.18 22.50 27.43
N GLY C 18 -39.94 -33.12 11.17
CA GLY C 18 -39.05 -34.12 10.51
C GLY C 18 -37.69 -34.28 11.18
N MET C 19 -37.02 -33.15 11.40
CA MET C 19 -35.73 -33.12 12.10
C MET C 19 -35.60 -31.86 12.95
N LYS C 20 -34.79 -31.92 13.99
CA LYS C 20 -34.45 -30.72 14.77
C LYS C 20 -33.06 -30.24 14.36
N VAL C 21 -32.90 -28.94 14.21
CA VAL C 21 -31.65 -28.36 13.69
C VAL C 21 -31.16 -27.25 14.61
N GLY C 22 -29.93 -27.40 15.09
CA GLY C 22 -29.26 -26.37 15.88
C GLY C 22 -28.10 -25.80 15.09
N ILE C 23 -28.08 -24.48 14.94
CA ILE C 23 -27.04 -23.80 14.13
C ILE C 23 -26.32 -22.71 14.91
N ASP C 24 -25.00 -22.81 14.96
CA ASP C 24 -24.16 -21.77 15.51
C ASP C 24 -23.52 -21.06 14.32
N ALA C 25 -24.09 -19.92 13.95
CA ALA C 25 -23.58 -19.13 12.82
C ALA C 25 -22.58 -18.10 13.33
N GLY C 26 -21.30 -18.41 13.21
CA GLY C 26 -20.22 -17.57 13.72
C GLY C 26 -19.68 -16.60 12.68
N GLY C 27 -18.61 -15.88 13.06
CA GLY C 27 -17.97 -14.93 12.17
C GLY C 27 -17.29 -15.57 10.98
N THR C 28 -16.86 -16.83 11.14
CA THR C 28 -16.08 -17.51 10.12
C THR C 28 -16.76 -18.80 9.66
N LEU C 29 -17.22 -19.62 10.61
CA LEU C 29 -17.83 -20.90 10.28
C LEU C 29 -19.24 -21.07 10.85
N ILE C 30 -20.11 -21.70 10.07
CA ILE C 30 -21.45 -22.05 10.51
C ILE C 30 -21.44 -23.52 10.86
N LYS C 31 -21.60 -23.81 12.15
CA LYS C 31 -21.68 -25.19 12.62
C LYS C 31 -23.13 -25.64 12.67
N ILE C 32 -23.42 -26.77 12.05
CA ILE C 32 -24.79 -27.26 11.92
C ILE C 32 -24.92 -28.65 12.53
N VAL C 33 -25.94 -28.80 13.34
CA VAL C 33 -26.26 -30.06 14.00
C VAL C 33 -27.69 -30.44 13.64
N GLN C 34 -27.84 -31.61 13.01
CA GLN C 34 -29.14 -32.17 12.68
C GLN C 34 -29.45 -33.32 13.62
N GLU C 35 -30.58 -33.24 14.32
CA GLU C 35 -31.02 -34.31 15.21
C GLU C 35 -32.28 -34.99 14.67
N GLN C 36 -32.20 -36.31 14.52
CA GLN C 36 -33.29 -37.09 13.95
C GLN C 36 -33.10 -38.56 14.35
N ASP C 37 -34.15 -39.15 14.91
CA ASP C 37 -34.13 -40.56 15.33
C ASP C 37 -33.02 -40.86 16.35
N ASN C 38 -32.91 -39.98 17.35
CA ASN C 38 -31.93 -40.12 18.45
C ASN C 38 -30.47 -40.15 18.00
N GLN C 39 -30.16 -39.43 16.92
CA GLN C 39 -28.81 -39.43 16.35
C GLN C 39 -28.42 -38.07 15.78
N ARG C 40 -27.17 -37.67 16.00
CA ARG C 40 -26.66 -36.39 15.54
C ARG C 40 -25.85 -36.53 14.26
N THR C 41 -26.14 -35.66 13.29
CA THR C 41 -25.26 -35.47 12.14
C THR C 41 -24.58 -34.12 12.34
N PHE C 42 -23.33 -34.01 11.89
CA PHE C 42 -22.59 -32.77 11.95
C PHE C 42 -22.35 -32.25 10.55
N LYS C 43 -22.28 -30.93 10.39
CA LYS C 43 -21.99 -30.31 9.10
C LYS C 43 -21.42 -28.91 9.31
N THR C 44 -20.47 -28.54 8.47
CA THR C 44 -19.83 -27.23 8.58
C THR C 44 -19.87 -26.52 7.23
N GLU C 45 -20.20 -25.23 7.28
CA GLU C 45 -20.25 -24.37 6.11
C GLU C 45 -19.51 -23.06 6.45
N LEU C 46 -18.99 -22.39 5.43
CA LEU C 46 -18.32 -21.09 5.62
C LEU C 46 -19.36 -19.98 5.76
N THR C 47 -19.09 -19.01 6.63
CA THR C 47 -20.01 -17.90 6.87
C THR C 47 -20.22 -17.05 5.61
N LYS C 48 -19.21 -16.98 4.75
CA LYS C 48 -19.34 -16.31 3.46
C LYS C 48 -20.47 -16.93 2.61
N ASN C 49 -20.73 -18.22 2.82
CA ASN C 49 -21.78 -18.96 2.12
C ASN C 49 -23.04 -19.15 3.00
N ILE C 50 -23.33 -18.15 3.82
CA ILE C 50 -24.53 -18.15 4.65
C ILE C 50 -25.83 -18.28 3.82
N ASP C 51 -25.86 -17.66 2.64
CA ASP C 51 -27.07 -17.70 1.79
C ASP C 51 -27.31 -19.06 1.14
N GLN C 52 -26.27 -19.89 1.06
CA GLN C 52 -26.43 -21.31 0.73
C GLN C 52 -27.08 -22.07 1.89
N VAL C 53 -26.72 -21.72 3.11
CA VAL C 53 -27.31 -22.33 4.30
C VAL C 53 -28.77 -21.90 4.44
N VAL C 54 -29.06 -20.63 4.19
CA VAL C 54 -30.43 -20.16 4.19
C VAL C 54 -31.25 -20.87 3.10
N GLU C 55 -30.67 -20.95 1.90
CA GLU C 55 -31.30 -21.65 0.78
C GLU C 55 -31.60 -23.12 1.13
N TRP C 56 -30.71 -23.75 1.90
CA TRP C 56 -30.87 -25.15 2.29
C TRP C 56 -31.98 -25.35 3.32
N LEU C 57 -31.97 -24.52 4.37
CA LEU C 57 -32.95 -24.60 5.46
C LEU C 57 -34.40 -24.51 4.98
N ASN C 58 -34.68 -23.59 4.07
CA ASN C 58 -36.04 -23.34 3.63
C ASN C 58 -36.67 -24.53 2.90
N GLN C 59 -35.83 -25.35 2.28
CA GLN C 59 -36.27 -26.55 1.56
C GLN C 59 -36.31 -27.81 2.45
N GLN C 60 -36.41 -27.61 3.77
CA GLN C 60 -36.26 -28.71 4.72
C GLN C 60 -37.53 -28.91 5.54
N GLN C 61 -37.69 -30.10 6.11
CA GLN C 61 -38.80 -30.41 7.03
C GLN C 61 -38.31 -30.37 8.48
N ILE C 62 -38.76 -29.37 9.24
CA ILE C 62 -38.18 -29.09 10.54
C ILE C 62 -39.22 -28.98 11.66
N GLU C 63 -38.95 -29.67 12.76
CA GLU C 63 -39.77 -29.60 13.97
C GLU C 63 -39.34 -28.40 14.80
N LYS C 64 -38.03 -28.29 15.07
CA LYS C 64 -37.46 -27.17 15.79
C LYS C 64 -36.17 -26.65 15.13
N LEU C 65 -36.08 -25.33 14.94
CA LEU C 65 -34.83 -24.69 14.56
C LEU C 65 -34.35 -23.81 15.71
N CYS C 66 -33.11 -24.04 16.15
CA CYS C 66 -32.50 -23.24 17.21
C CYS C 66 -31.20 -22.62 16.70
N LEU C 67 -31.04 -21.31 16.91
CA LEU C 67 -29.90 -20.57 16.39
C LEU C 67 -29.10 -19.90 17.50
N THR C 68 -27.82 -19.69 17.21
CA THR C 68 -26.94 -18.91 18.06
C THR C 68 -25.72 -18.43 17.27
N GLY C 69 -24.94 -17.55 17.88
CA GLY C 69 -23.82 -16.91 17.22
C GLY C 69 -24.24 -15.58 16.61
N GLY C 70 -23.25 -14.80 16.18
CA GLY C 70 -23.51 -13.46 15.66
C GLY C 70 -24.34 -13.35 14.38
N ASN C 71 -24.41 -14.42 13.61
CA ASN C 71 -25.11 -14.40 12.32
C ASN C 71 -26.43 -15.17 12.32
N ALA C 72 -26.90 -15.52 13.51
CA ALA C 72 -28.19 -16.19 13.68
C ALA C 72 -29.32 -15.31 13.16
N GLY C 73 -29.22 -14.01 13.47
CA GLY C 73 -30.19 -13.01 13.02
C GLY C 73 -30.31 -12.96 11.51
N VAL C 74 -29.19 -13.14 10.80
CA VAL C 74 -29.22 -13.10 9.34
C VAL C 74 -29.91 -14.34 8.75
N ILE C 75 -29.86 -15.46 9.46
CA ILE C 75 -30.56 -16.67 9.04
C ILE C 75 -32.08 -16.59 9.31
N ALA C 76 -32.46 -16.19 10.52
CA ALA C 76 -33.88 -16.09 10.91
C ALA C 76 -34.65 -15.08 10.07
N GLU C 77 -33.95 -14.08 9.55
CA GLU C 77 -34.58 -13.03 8.74
C GLU C 77 -35.00 -13.50 7.34
N ASN C 78 -34.24 -14.42 6.77
CA ASN C 78 -34.50 -14.88 5.41
C ASN C 78 -35.10 -16.29 5.31
N ILE C 79 -35.65 -16.81 6.40
CA ILE C 79 -36.31 -18.12 6.40
C ILE C 79 -37.80 -17.99 6.66
N ASN C 80 -38.57 -18.93 6.12
CA ASN C 80 -40.01 -19.01 6.35
C ASN C 80 -40.33 -20.08 7.38
N ILE C 81 -39.42 -20.25 8.32
CA ILE C 81 -39.54 -21.22 9.40
C ILE C 81 -39.22 -20.45 10.69
N PRO C 82 -40.00 -20.66 11.75
CA PRO C 82 -39.66 -19.97 13.00
C PRO C 82 -38.35 -20.47 13.62
N ALA C 83 -37.72 -19.64 14.43
CA ALA C 83 -36.45 -19.97 15.04
C ALA C 83 -36.27 -19.32 16.40
N GLN C 84 -35.82 -20.12 17.36
CA GLN C 84 -35.38 -19.58 18.63
C GLN C 84 -33.92 -19.15 18.46
N ILE C 85 -33.54 -18.06 19.12
CA ILE C 85 -32.17 -17.55 19.07
C ILE C 85 -31.62 -17.44 20.49
N PHE C 86 -30.49 -18.08 20.74
CA PHE C 86 -29.89 -18.10 22.08
C PHE C 86 -28.53 -17.41 22.10
N VAL C 87 -28.21 -16.83 23.27
CA VAL C 87 -26.89 -16.26 23.51
C VAL C 87 -25.85 -17.37 23.36
N GLU C 88 -24.81 -17.12 22.58
CA GLU C 88 -23.80 -18.15 22.28
C GLU C 88 -23.02 -18.63 23.50
N PHE C 89 -22.88 -17.77 24.51
CA PHE C 89 -22.14 -18.12 25.72
C PHE C 89 -22.85 -19.22 26.49
N ASP C 90 -24.16 -19.09 26.63
CA ASP C 90 -24.99 -20.10 27.28
C ASP C 90 -25.12 -21.35 26.43
N ALA C 91 -25.15 -21.17 25.11
CA ALA C 91 -25.28 -22.30 24.19
C ALA C 91 -23.99 -23.13 24.24
N ALA C 92 -22.85 -22.46 24.06
CA ALA C 92 -21.55 -23.14 24.13
C ALA C 92 -21.44 -23.98 25.40
N SER C 93 -21.67 -23.34 26.54
CA SER C 93 -21.61 -23.99 27.83
C SER C 93 -22.51 -25.21 27.90
N GLN C 94 -23.76 -25.05 27.46
CA GLN C 94 -24.74 -26.14 27.53
C GLN C 94 -24.30 -27.35 26.70
N GLY C 95 -23.90 -27.10 25.46
CA GLY C 95 -23.45 -28.16 24.56
C GLY C 95 -22.11 -28.75 24.93
N LEU C 96 -21.20 -27.92 25.41
CA LEU C 96 -19.93 -28.40 25.96
C LEU C 96 -20.19 -29.36 27.13
N GLY C 97 -21.09 -28.97 28.03
CA GLY C 97 -21.48 -29.83 29.14
C GLY C 97 -21.91 -31.21 28.68
N ILE C 98 -22.75 -31.23 27.65
CA ILE C 98 -23.25 -32.49 27.07
C ILE C 98 -22.14 -33.31 26.41
N LEU C 99 -21.21 -32.63 25.74
CA LEU C 99 -20.13 -33.33 25.06
C LEU C 99 -19.14 -33.93 26.07
N LEU C 100 -18.77 -33.16 27.09
CA LEU C 100 -17.86 -33.64 28.12
C LEU C 100 -18.37 -34.92 28.80
N LYS C 101 -19.65 -34.92 29.17
CA LYS C 101 -20.25 -36.08 29.85
C LYS C 101 -20.44 -37.27 28.91
N GLU C 102 -20.72 -37.01 27.64
CA GLU C 102 -20.78 -38.07 26.62
C GLU C 102 -19.39 -38.67 26.37
N GLN C 103 -18.35 -37.92 26.69
CA GLN C 103 -16.98 -38.38 26.51
C GLN C 103 -16.30 -38.75 27.83
N GLY C 104 -17.09 -38.82 28.91
CA GLY C 104 -16.64 -39.39 30.17
C GLY C 104 -15.86 -38.48 31.09
N HIS C 105 -16.26 -37.20 31.16
CA HIS C 105 -15.64 -36.25 32.07
C HIS C 105 -16.71 -35.66 32.97
N ASP C 106 -16.79 -36.16 34.20
CA ASP C 106 -17.67 -35.60 35.22
C ASP C 106 -16.89 -34.60 36.06
N LEU C 107 -16.74 -33.39 35.52
CA LEU C 107 -15.95 -32.36 36.17
C LEU C 107 -16.82 -31.48 37.07
N ALA C 108 -16.28 -31.10 38.22
CA ALA C 108 -17.01 -30.30 39.20
C ALA C 108 -17.10 -28.83 38.77
N ASP C 109 -16.02 -28.33 38.19
CA ASP C 109 -15.97 -26.98 37.64
C ASP C 109 -14.87 -26.86 36.60
N TYR C 110 -14.93 -25.81 35.78
CA TYR C 110 -13.87 -25.55 34.83
C TYR C 110 -13.94 -24.18 34.19
N ILE C 111 -12.78 -23.68 33.78
CA ILE C 111 -12.72 -22.58 32.83
C ILE C 111 -12.90 -23.24 31.48
N PHE C 112 -13.65 -22.60 30.58
CA PHE C 112 -13.55 -22.98 29.17
C PHE C 112 -13.22 -21.79 28.29
N ALA C 113 -12.34 -22.04 27.34
CA ALA C 113 -11.91 -21.04 26.39
C ALA C 113 -12.39 -21.46 25.02
N ASN C 114 -13.28 -20.63 24.47
CA ASN C 114 -13.80 -20.79 23.13
C ASN C 114 -12.94 -19.95 22.18
N VAL C 115 -12.04 -20.61 21.47
CA VAL C 115 -11.11 -19.93 20.58
C VAL C 115 -11.71 -20.01 19.19
N GLY C 116 -12.56 -19.03 18.88
CA GLY C 116 -13.22 -18.95 17.59
C GLY C 116 -12.49 -18.00 16.67
N THR C 117 -13.27 -17.14 15.98
CA THR C 117 -12.72 -16.00 15.25
C THR C 117 -12.01 -15.11 16.25
N GLY C 118 -12.66 -14.92 17.39
CA GLY C 118 -12.05 -14.34 18.56
C GLY C 118 -12.18 -15.33 19.69
N THR C 119 -11.56 -15.01 20.83
CA THR C 119 -11.51 -15.91 21.96
C THR C 119 -12.37 -15.38 23.12
N SER C 120 -13.19 -16.26 23.68
CA SER C 120 -14.06 -15.90 24.80
C SER C 120 -13.77 -16.85 25.95
N LEU C 121 -13.63 -16.28 27.15
CA LEU C 121 -13.27 -17.08 28.34
C LEU C 121 -14.42 -17.12 29.33
N HIS C 122 -14.68 -18.30 29.86
CA HIS C 122 -15.85 -18.54 30.72
C HIS C 122 -15.51 -19.45 31.89
N TYR C 123 -16.10 -19.17 33.04
CA TYR C 123 -16.01 -20.06 34.20
C TYR C 123 -17.31 -20.81 34.44
N PHE C 124 -17.23 -22.13 34.39
CA PHE C 124 -18.38 -23.01 34.61
C PHE C 124 -18.29 -23.66 36.01
N ASP C 125 -19.30 -23.40 36.85
CA ASP C 125 -19.27 -23.80 38.26
C ASP C 125 -19.84 -25.20 38.54
N GLY C 126 -20.23 -25.92 37.49
CA GLY C 126 -20.86 -27.23 37.62
C GLY C 126 -22.31 -27.21 37.15
N GLN C 127 -22.89 -26.01 37.03
CA GLN C 127 -24.27 -25.87 36.54
C GLN C 127 -24.42 -24.82 35.44
N SER C 128 -23.94 -23.61 35.68
CA SER C 128 -24.03 -22.53 34.69
C SER C 128 -22.72 -21.77 34.52
N GLN C 129 -22.61 -21.08 33.40
CA GLN C 129 -21.42 -20.28 33.06
C GLN C 129 -21.61 -18.79 33.33
N ARG C 130 -20.50 -18.11 33.55
CA ARG C 130 -20.46 -16.66 33.36
C ARG C 130 -19.16 -16.32 32.66
N ARG C 131 -19.22 -15.27 31.85
CA ARG C 131 -18.08 -14.87 31.02
C ARG C 131 -17.10 -14.07 31.87
N VAL C 132 -15.87 -14.55 31.98
CA VAL C 132 -14.86 -13.94 32.86
C VAL C 132 -13.72 -13.22 32.12
N GLY C 133 -13.75 -13.24 30.80
CA GLY C 133 -12.77 -12.49 30.04
C GLY C 133 -12.88 -12.78 28.55
N GLY C 134 -12.03 -12.13 27.77
CA GLY C 134 -12.01 -12.30 26.34
C GLY C 134 -10.85 -11.55 25.73
N ILE C 135 -10.46 -11.94 24.52
CA ILE C 135 -9.31 -11.35 23.88
C ILE C 135 -9.44 -11.53 22.37
N GLY C 136 -8.87 -10.60 21.60
CA GLY C 136 -8.93 -10.66 20.14
C GLY C 136 -7.93 -11.61 19.49
N THR C 137 -7.09 -12.27 20.28
CA THR C 137 -6.18 -13.27 19.75
C THR C 137 -6.88 -14.63 19.68
N GLY C 138 -7.09 -15.09 18.45
CA GLY C 138 -7.74 -16.36 18.21
C GLY C 138 -7.53 -16.81 16.77
N GLY C 139 -8.54 -17.49 16.23
CA GLY C 139 -8.46 -18.04 14.89
C GLY C 139 -8.44 -17.00 13.80
N GLY C 140 -9.14 -15.89 14.00
CA GLY C 140 -9.15 -14.79 13.04
C GLY C 140 -7.78 -14.19 12.89
N MET C 141 -7.09 -13.98 14.01
CA MET C 141 -5.72 -13.45 13.99
C MET C 141 -4.77 -14.41 13.29
N ILE C 142 -4.94 -15.71 13.53
CA ILE C 142 -4.09 -16.72 12.89
C ILE C 142 -4.26 -16.60 11.37
N GLN C 143 -5.51 -16.59 10.90
CA GLN C 143 -5.79 -16.45 9.46
C GLN C 143 -5.36 -15.07 8.94
N GLY C 144 -5.70 -14.03 9.68
CA GLY C 144 -5.47 -12.65 9.27
C GLY C 144 -4.01 -12.29 9.20
N LEU C 145 -3.34 -12.32 10.35
CA LEU C 145 -1.91 -12.02 10.42
C LEU C 145 -1.12 -13.03 9.60
N GLY C 146 -1.61 -14.26 9.57
CA GLY C 146 -1.01 -15.31 8.75
C GLY C 146 -0.96 -14.96 7.27
N TYR C 147 -2.01 -14.35 6.76
CA TYR C 147 -2.04 -13.89 5.37
C TYR C 147 -1.08 -12.73 5.11
N LEU C 148 -1.06 -11.75 6.01
CA LEU C 148 -0.18 -10.58 5.85
C LEU C 148 1.29 -10.94 5.78
N LEU C 149 1.67 -12.06 6.38
CA LEU C 149 3.07 -12.48 6.42
C LEU C 149 3.46 -13.53 5.37
N SER C 150 2.48 -14.19 4.76
CA SER C 150 2.77 -15.29 3.82
C SER C 150 1.98 -15.29 2.50
N GLN C 151 0.99 -14.40 2.38
CA GLN C 151 0.08 -14.36 1.22
C GLN C 151 -0.88 -15.56 1.10
N ILE C 152 -0.89 -16.44 2.09
CA ILE C 152 -1.71 -17.67 2.02
C ILE C 152 -3.13 -17.41 2.54
N THR C 153 -4.13 -17.55 1.65
CA THR C 153 -5.54 -17.36 2.00
C THR C 153 -6.19 -18.64 2.52
N ASP C 154 -5.83 -19.78 1.91
CA ASP C 154 -6.45 -21.07 2.20
C ASP C 154 -6.09 -21.57 3.60
N TYR C 155 -7.08 -21.99 4.38
CA TYR C 155 -6.86 -22.36 5.78
C TYR C 155 -6.06 -23.65 5.96
N LYS C 156 -6.42 -24.69 5.20
CA LYS C 156 -5.71 -25.97 5.33
C LYS C 156 -4.24 -25.77 5.00
N GLN C 157 -3.98 -25.08 3.88
CA GLN C 157 -2.61 -24.74 3.49
C GLN C 157 -1.91 -23.94 4.57
N LEU C 158 -2.62 -22.99 5.18
CA LEU C 158 -2.07 -22.14 6.26
C LEU C 158 -1.58 -22.96 7.46
N THR C 159 -2.46 -23.77 8.03
CA THR C 159 -2.10 -24.56 9.21
C THR C 159 -1.04 -25.63 8.90
N ASP C 160 -1.17 -26.28 7.74
CA ASP C 160 -0.22 -27.32 7.31
C ASP C 160 1.21 -26.81 7.17
N MET C 161 1.36 -25.62 6.61
CA MET C 161 2.68 -25.01 6.41
C MET C 161 3.32 -24.70 7.76
N ALA C 162 2.50 -24.23 8.69
CA ALA C 162 2.97 -23.84 10.02
C ALA C 162 3.49 -25.02 10.84
N GLN C 163 2.95 -26.22 10.59
CA GLN C 163 3.34 -27.42 11.33
C GLN C 163 4.84 -27.77 11.20
N HIS C 164 5.45 -27.41 10.07
CA HIS C 164 6.89 -27.64 9.85
C HIS C 164 7.73 -26.45 10.33
N GLY C 165 7.08 -25.41 10.83
CA GLY C 165 7.76 -24.19 11.23
C GLY C 165 8.48 -24.31 12.56
N ASP C 166 9.43 -23.39 12.76
CA ASP C 166 10.29 -23.37 13.94
C ASP C 166 10.41 -21.92 14.40
N ARG C 167 10.27 -21.69 15.70
CA ARG C 167 10.14 -20.33 16.24
C ARG C 167 11.44 -19.73 16.81
N ASN C 168 12.55 -20.45 16.67
CA ASN C 168 13.77 -20.14 17.44
C ASN C 168 14.40 -18.79 17.08
N THR C 169 14.53 -18.56 15.78
CA THR C 169 15.11 -17.32 15.26
C THR C 169 14.17 -16.11 15.38
N ILE C 170 12.89 -16.35 15.67
CA ILE C 170 11.89 -15.27 15.74
C ILE C 170 11.56 -14.88 17.20
N ASP C 171 11.40 -15.85 18.09
CA ASP C 171 10.97 -15.58 19.47
C ASP C 171 12.13 -15.40 20.46
N LEU C 172 11.95 -14.48 21.40
CA LEU C 172 12.95 -14.18 22.41
C LEU C 172 12.55 -14.84 23.72
N LYS C 173 13.45 -15.67 24.24
CA LYS C 173 13.24 -16.36 25.50
C LYS C 173 13.90 -15.59 26.61
N VAL C 174 13.56 -15.93 27.85
CA VAL C 174 14.12 -15.30 29.05
C VAL C 174 15.64 -15.45 29.13
N ARG C 175 16.15 -16.61 28.72
CA ARG C 175 17.60 -16.90 28.80
C ARG C 175 18.42 -16.05 27.82
N HIS C 176 17.78 -15.51 26.80
CA HIS C 176 18.47 -14.63 25.86
C HIS C 176 18.63 -13.22 26.43
N ILE C 177 17.78 -12.87 27.40
CA ILE C 177 17.91 -11.60 28.12
C ILE C 177 18.87 -11.79 29.30
N TYR C 178 18.55 -12.76 30.16
CA TYR C 178 19.44 -13.15 31.27
C TYR C 178 20.38 -14.26 30.82
N LYS C 179 21.52 -13.87 30.25
CA LYS C 179 22.50 -14.84 29.75
C LYS C 179 23.24 -15.52 30.88
N GLU C 182 21.89 -16.73 36.49
CA GLU C 182 20.61 -17.39 36.29
C GLU C 182 19.44 -16.40 36.43
N PRO C 183 18.29 -16.73 35.81
CA PRO C 183 17.17 -15.79 35.72
C PRO C 183 16.18 -15.90 36.85
N PRO C 184 15.45 -14.80 37.15
CA PRO C 184 14.42 -14.81 38.19
C PRO C 184 13.17 -15.64 37.84
N ILE C 185 12.92 -15.84 36.54
CA ILE C 185 11.85 -16.76 36.09
C ILE C 185 12.46 -17.76 35.10
N PRO C 186 11.79 -18.91 34.88
CA PRO C 186 12.42 -19.97 34.07
C PRO C 186 12.89 -19.52 32.68
N GLY C 187 14.12 -19.91 32.34
CA GLY C 187 14.80 -19.42 31.15
C GLY C 187 14.20 -19.87 29.83
N ASP C 188 13.46 -20.98 29.84
CA ASP C 188 12.83 -21.51 28.64
C ASP C 188 11.54 -20.77 28.25
N LEU C 189 11.05 -19.91 29.15
CA LEU C 189 9.85 -19.12 28.87
C LEU C 189 10.05 -18.14 27.72
N THR C 190 9.00 -17.94 26.94
CA THR C 190 8.97 -16.88 25.95
C THR C 190 8.93 -15.55 26.69
N ALA C 191 9.92 -14.71 26.43
CA ALA C 191 10.02 -13.40 27.06
C ALA C 191 9.35 -12.38 26.17
N ALA C 192 9.60 -12.47 24.86
CA ALA C 192 9.00 -11.57 23.89
C ALA C 192 8.75 -12.28 22.56
N ASN C 193 7.48 -12.38 22.17
CA ASN C 193 7.13 -12.95 20.87
C ASN C 193 7.64 -12.05 19.77
N PHE C 194 8.28 -12.63 18.76
CA PHE C 194 8.87 -11.90 17.63
C PHE C 194 10.08 -10.99 17.98
N GLY C 195 10.50 -10.94 19.24
CA GLY C 195 11.55 -10.01 19.68
C GLY C 195 12.98 -10.43 19.39
N HIS C 196 13.15 -11.59 18.77
CA HIS C 196 14.46 -12.11 18.35
C HIS C 196 14.71 -11.82 16.86
N VAL C 197 13.75 -11.16 16.21
CA VAL C 197 13.87 -10.85 14.78
C VAL C 197 15.00 -9.86 14.53
N LEU C 198 15.14 -8.87 15.41
CA LEU C 198 16.16 -7.84 15.26
C LEU C 198 17.59 -8.34 15.51
N HIS C 199 17.73 -9.57 16.04
CA HIS C 199 19.02 -10.20 16.21
C HIS C 199 19.29 -11.28 15.14
N HIS C 200 18.39 -11.36 14.14
CA HIS C 200 18.51 -12.36 13.09
C HIS C 200 18.04 -11.83 11.72
N LEU C 201 18.47 -10.62 11.37
CA LEU C 201 18.07 -9.98 10.12
C LEU C 201 18.68 -10.65 8.87
N ASP C 202 19.83 -11.30 9.02
CA ASP C 202 20.46 -12.04 7.92
C ASP C 202 19.72 -13.34 7.59
N ASP C 204 16.85 -15.58 7.03
CA ASP C 204 15.71 -15.86 6.16
C ASP C 204 14.48 -16.26 6.98
N PHE C 205 13.49 -15.38 7.01
CA PHE C 205 12.25 -15.64 7.74
C PHE C 205 11.24 -16.33 6.84
N THR C 206 11.22 -17.66 6.93
CA THR C 206 10.42 -18.49 6.03
C THR C 206 8.93 -18.36 6.38
N PRO C 207 8.04 -18.60 5.40
CA PRO C 207 6.61 -18.66 5.67
C PRO C 207 6.25 -19.56 6.86
N SER C 208 6.81 -20.76 6.89
CA SER C 208 6.54 -21.73 7.95
C SER C 208 6.89 -21.19 9.34
N ASN C 209 8.08 -20.64 9.47
CA ASN C 209 8.56 -20.11 10.74
C ASN C 209 7.72 -18.91 11.24
N LYS C 210 7.36 -18.04 10.32
CA LYS C 210 6.53 -16.87 10.64
C LYS C 210 5.12 -17.27 11.14
N LEU C 211 4.46 -18.16 10.40
CA LEU C 211 3.16 -18.71 10.79
C LEU C 211 3.24 -19.47 12.12
N ALA C 212 4.30 -20.25 12.31
CA ALA C 212 4.52 -20.96 13.57
C ALA C 212 4.54 -19.99 14.76
N ALA C 213 5.19 -18.85 14.57
CA ALA C 213 5.29 -17.82 15.60
C ALA C 213 3.98 -17.05 15.79
N VAL C 214 3.22 -16.85 14.71
CA VAL C 214 1.88 -16.28 14.79
C VAL C 214 0.99 -17.20 15.64
N ILE C 215 1.06 -18.50 15.35
CA ILE C 215 0.28 -19.49 16.09
C ILE C 215 0.73 -19.54 17.55
N GLY C 216 2.05 -19.39 17.75
CA GLY C 216 2.64 -19.46 19.08
C GLY C 216 2.23 -18.32 19.98
N VAL C 217 2.13 -17.12 19.42
CA VAL C 217 1.69 -15.98 20.23
C VAL C 217 0.20 -16.06 20.59
N VAL C 218 -0.62 -16.48 19.64
CA VAL C 218 -2.06 -16.65 19.88
C VAL C 218 -2.29 -17.65 21.01
N GLY C 219 -1.54 -18.76 20.98
CA GLY C 219 -1.66 -19.81 21.99
C GLY C 219 -1.16 -19.41 23.37
N GLU C 220 -0.07 -18.66 23.42
CA GLU C 220 0.49 -18.21 24.69
C GLU C 220 -0.43 -17.17 25.37
N VAL C 221 -1.01 -16.27 24.57
CA VAL C 221 -1.94 -15.27 25.12
C VAL C 221 -3.20 -15.92 25.70
N VAL C 222 -3.84 -16.81 24.94
CA VAL C 222 -5.06 -17.48 25.39
C VAL C 222 -4.81 -18.37 26.62
N THR C 223 -3.73 -19.16 26.60
CA THR C 223 -3.39 -19.99 27.75
C THR C 223 -3.05 -19.15 28.97
N THR C 224 -2.19 -18.15 28.81
CA THR C 224 -1.90 -17.21 29.90
C THR C 224 -3.20 -16.65 30.49
N MET C 225 -4.09 -16.22 29.60
CA MET C 225 -5.36 -15.66 30.02
C MET C 225 -6.20 -16.71 30.73
N ALA C 226 -6.23 -17.91 30.16
CA ALA C 226 -7.05 -19.00 30.69
C ALA C 226 -6.62 -19.47 32.10
N ILE C 227 -5.31 -19.73 32.28
CA ILE C 227 -4.80 -20.14 33.59
C ILE C 227 -4.98 -19.01 34.62
N THR C 228 -4.84 -17.76 34.18
CA THR C 228 -5.04 -16.60 35.07
C THR C 228 -6.44 -16.55 35.69
N VAL C 229 -7.46 -16.83 34.89
CA VAL C 229 -8.85 -16.88 35.41
C VAL C 229 -9.14 -18.20 36.13
N ALA C 230 -8.48 -19.28 35.72
CA ALA C 230 -8.54 -20.55 36.45
C ALA C 230 -7.96 -20.39 37.85
N ARG C 231 -6.89 -19.61 37.97
CA ARG C 231 -6.33 -19.22 39.26
C ARG C 231 -7.31 -18.33 39.99
N GLU C 232 -7.79 -17.29 39.33
CA GLU C 232 -8.77 -16.37 39.92
C GLU C 232 -10.00 -17.10 40.48
N PHE C 233 -10.50 -18.09 39.75
CA PHE C 233 -11.70 -18.83 40.16
C PHE C 233 -11.42 -20.22 40.71
N LYS C 234 -10.21 -20.42 41.22
CA LYS C 234 -9.83 -21.62 41.98
C LYS C 234 -10.27 -22.96 41.36
N THR C 235 -10.12 -23.09 40.05
CA THR C 235 -10.31 -24.38 39.38
C THR C 235 -9.01 -24.82 38.72
N GLU C 236 -8.85 -26.13 38.60
CA GLU C 236 -7.66 -26.72 38.01
C GLU C 236 -7.93 -27.08 36.55
N ASN C 237 -9.20 -27.16 36.18
CA ASN C 237 -9.57 -27.67 34.87
C ASN C 237 -9.77 -26.55 33.87
N ILE C 238 -9.18 -26.74 32.69
CA ILE C 238 -9.38 -25.84 31.57
C ILE C 238 -9.76 -26.65 30.33
N VAL C 239 -10.94 -26.36 29.77
CA VAL C 239 -11.40 -27.02 28.56
C VAL C 239 -11.31 -26.02 27.41
N TYR C 240 -10.58 -26.39 26.37
CA TYR C 240 -10.43 -25.52 25.19
C TYR C 240 -11.26 -26.05 24.04
N ILE C 241 -12.08 -25.19 23.45
CA ILE C 241 -12.88 -25.53 22.27
C ILE C 241 -12.75 -24.45 21.23
N GLY C 242 -13.35 -24.66 20.07
CA GLY C 242 -13.30 -23.72 18.96
C GLY C 242 -12.57 -24.32 17.78
N SER C 243 -12.97 -23.93 16.58
CA SER C 243 -12.42 -24.53 15.37
C SER C 243 -10.95 -24.16 15.12
N SER C 244 -10.47 -23.06 15.70
CA SER C 244 -9.07 -22.64 15.55
C SER C 244 -8.08 -23.76 15.85
N PHE C 245 -8.53 -24.74 16.64
CA PHE C 245 -7.73 -25.89 17.03
C PHE C 245 -7.75 -26.99 15.97
N HIS C 246 -8.73 -26.94 15.08
CA HIS C 246 -8.88 -27.94 14.03
C HIS C 246 -7.76 -27.83 13.02
N ASN C 247 -7.19 -28.97 12.66
CA ASN C 247 -6.03 -29.05 11.79
C ASN C 247 -4.84 -28.19 12.26
N ASN C 248 -4.69 -28.05 13.58
CA ASN C 248 -3.61 -27.24 14.15
C ASN C 248 -3.01 -27.87 15.41
N ALA C 249 -2.23 -28.92 15.19
CA ALA C 249 -1.53 -29.63 16.26
C ALA C 249 -0.60 -28.72 17.06
N LEU C 250 0.09 -27.83 16.35
CA LEU C 250 1.01 -26.88 16.99
C LEU C 250 0.28 -26.07 18.05
N LEU C 251 -0.82 -25.43 17.64
CA LEU C 251 -1.63 -24.63 18.57
C LEU C 251 -2.07 -25.48 19.74
N ARG C 252 -2.61 -26.66 19.45
CA ARG C 252 -3.03 -27.60 20.47
C ARG C 252 -1.87 -27.97 21.41
N LYS C 253 -0.70 -28.24 20.84
CA LYS C 253 0.49 -28.54 21.63
C LYS C 253 0.95 -27.32 22.43
N VAL C 254 0.94 -26.15 21.80
CA VAL C 254 1.37 -24.94 22.49
C VAL C 254 0.54 -24.70 23.75
N VAL C 255 -0.79 -24.74 23.62
CA VAL C 255 -1.65 -24.40 24.76
C VAL C 255 -1.69 -25.51 25.82
N GLU C 256 -1.59 -26.76 25.38
CA GLU C 256 -1.57 -27.91 26.28
C GLU C 256 -0.33 -27.93 27.18
N ASP C 257 0.85 -27.80 26.56
CA ASP C 257 2.11 -27.87 27.30
C ASP C 257 2.17 -26.86 28.44
N TYR C 258 1.78 -25.61 28.15
CA TYR C 258 1.85 -24.55 29.14
C TYR C 258 0.81 -24.71 30.24
N THR C 259 -0.38 -25.17 29.88
CA THR C 259 -1.43 -25.46 30.87
C THR C 259 -0.91 -26.44 31.92
N VAL C 260 -0.33 -27.55 31.45
CA VAL C 260 0.29 -28.55 32.32
C VAL C 260 1.40 -27.95 33.18
N LEU C 261 2.21 -27.07 32.61
CA LEU C 261 3.32 -26.47 33.35
C LEU C 261 2.89 -25.64 34.56
N ARG C 262 1.76 -24.95 34.45
CA ARG C 262 1.29 -24.04 35.50
C ARG C 262 0.29 -24.68 36.47
N GLY C 263 0.30 -26.01 36.54
CA GLY C 263 -0.50 -26.74 37.53
C GLY C 263 -1.99 -26.80 37.23
N CYS C 264 -2.35 -26.81 35.94
CA CYS C 264 -3.74 -27.00 35.53
C CYS C 264 -3.87 -28.19 34.58
N LYS C 265 -5.09 -28.71 34.47
CA LYS C 265 -5.39 -29.82 33.57
C LYS C 265 -6.09 -29.34 32.29
N PRO C 266 -5.44 -29.56 31.13
CA PRO C 266 -6.06 -29.17 29.87
C PRO C 266 -6.96 -30.29 29.35
N TYR C 267 -8.09 -29.92 28.77
CA TYR C 267 -9.01 -30.88 28.15
C TYR C 267 -9.42 -30.40 26.78
N TYR C 268 -9.39 -31.29 25.79
CA TYR C 268 -9.98 -31.03 24.48
C TYR C 268 -11.22 -31.90 24.34
N VAL C 269 -12.06 -31.58 23.36
CA VAL C 269 -13.38 -32.17 23.24
C VAL C 269 -13.67 -32.49 21.79
N GLU C 270 -13.98 -33.75 21.49
CA GLU C 270 -14.39 -34.16 20.14
C GLU C 270 -15.70 -33.48 19.79
N ASN C 271 -15.75 -32.90 18.59
CA ASN C 271 -16.85 -32.05 18.15
C ASN C 271 -17.07 -30.81 19.04
N GLY C 272 -16.06 -30.45 19.82
CA GLY C 272 -16.14 -29.31 20.72
C GLY C 272 -16.56 -28.03 20.01
N ALA C 273 -16.14 -27.89 18.76
CA ALA C 273 -16.51 -26.74 17.93
C ALA C 273 -18.01 -26.63 17.72
N PHE C 274 -18.72 -27.76 17.82
CA PHE C 274 -20.19 -27.78 17.71
C PHE C 274 -20.89 -27.58 19.05
N SER C 275 -20.15 -27.18 20.08
CA SER C 275 -20.74 -26.92 21.40
C SER C 275 -21.99 -26.02 21.33
N GLY C 276 -21.87 -24.91 20.62
CA GLY C 276 -22.92 -23.91 20.56
C GLY C 276 -24.18 -24.40 19.87
N ALA C 277 -23.99 -25.09 18.75
CA ALA C 277 -25.08 -25.67 17.98
C ALA C 277 -25.85 -26.69 18.83
N ILE C 278 -25.10 -27.58 19.48
CA ILE C 278 -25.70 -28.58 20.36
C ILE C 278 -26.46 -27.91 21.49
N GLY C 279 -25.85 -26.91 22.11
CA GLY C 279 -26.45 -26.21 23.23
C GLY C 279 -27.73 -25.49 22.87
N ALA C 280 -27.82 -25.02 21.64
CA ALA C 280 -29.02 -24.31 21.15
C ALA C 280 -30.24 -25.22 21.17
N LEU C 281 -30.03 -26.49 20.83
CA LEU C 281 -31.08 -27.51 20.84
C LEU C 281 -31.54 -27.90 22.24
N TYR C 282 -30.58 -28.22 23.11
CA TYR C 282 -30.90 -28.57 24.49
C TYR C 282 -31.64 -27.43 25.19
N LEU C 283 -31.20 -26.19 24.95
CA LEU C 283 -31.83 -25.00 25.57
C LEU C 283 -33.28 -24.78 25.12
N GLU C 284 -33.66 -25.31 23.96
CA GLU C 284 -35.03 -25.30 23.41
C GLU C 284 -36.15 -25.75 24.35
N LYS C 285 -37.25 -25.01 24.37
CA LYS C 285 -38.41 -25.37 25.20
C LYS C 285 -39.70 -25.21 24.38
N MET D 19 29.66 10.63 42.00
CA MET D 19 28.21 10.42 41.70
C MET D 19 27.72 9.03 42.15
N LYS D 20 26.40 8.90 42.28
CA LYS D 20 25.76 7.62 42.52
C LYS D 20 24.98 7.22 41.27
N VAL D 21 25.39 6.12 40.64
CA VAL D 21 24.86 5.71 39.34
C VAL D 21 24.02 4.45 39.44
N GLY D 22 22.74 4.55 39.06
CA GLY D 22 21.85 3.40 38.98
C GLY D 22 21.67 2.96 37.54
N ILE D 23 21.72 1.65 37.29
CA ILE D 23 21.62 1.13 35.93
C ILE D 23 20.60 -0.01 35.85
N ASP D 24 19.79 0.03 34.79
CA ASP D 24 18.84 -1.04 34.47
C ASP D 24 19.21 -1.59 33.09
N ALA D 25 20.04 -2.63 33.07
CA ALA D 25 20.48 -3.26 31.82
C ALA D 25 19.49 -4.32 31.35
N GLY D 26 18.40 -3.88 30.72
CA GLY D 26 17.41 -4.78 30.14
C GLY D 26 17.78 -5.32 28.77
N GLY D 27 16.81 -5.96 28.12
CA GLY D 27 17.06 -6.70 26.88
C GLY D 27 17.25 -5.86 25.64
N THR D 28 16.70 -4.65 25.64
CA THR D 28 16.81 -3.75 24.48
C THR D 28 17.54 -2.46 24.85
N LEU D 29 17.08 -1.80 25.91
CA LEU D 29 17.69 -0.54 26.36
C LEU D 29 18.38 -0.67 27.72
N ILE D 30 19.46 0.10 27.87
CA ILE D 30 20.13 0.25 29.16
C ILE D 30 19.79 1.63 29.65
N LYS D 31 19.11 1.69 30.78
CA LYS D 31 18.70 2.96 31.35
C LYS D 31 19.63 3.29 32.49
N ILE D 32 20.19 4.50 32.46
CA ILE D 32 21.20 4.93 33.42
C ILE D 32 20.69 6.17 34.16
N VAL D 33 20.69 6.08 35.49
CA VAL D 33 20.39 7.21 36.34
C VAL D 33 21.65 7.62 37.08
N GLN D 34 22.04 8.88 36.92
CA GLN D 34 23.17 9.45 37.66
C GLN D 34 22.63 10.45 38.67
N GLU D 35 22.93 10.22 39.95
CA GLU D 35 22.51 11.13 41.02
C GLU D 35 23.73 11.85 41.61
N GLN D 36 23.65 13.18 41.62
CA GLN D 36 24.75 14.02 42.07
C GLN D 36 24.22 15.42 42.40
N ASP D 37 24.51 15.90 43.61
CA ASP D 37 24.07 17.22 44.07
C ASP D 37 22.55 17.38 44.04
N ASN D 38 21.85 16.36 44.55
CA ASN D 38 20.38 16.36 44.65
C ASN D 38 19.65 16.49 43.31
N GLN D 39 20.25 15.94 42.24
CA GLN D 39 19.68 16.07 40.90
C GLN D 39 19.93 14.82 40.05
N ARG D 40 18.93 14.44 39.27
CA ARG D 40 19.00 13.25 38.42
C ARG D 40 19.30 13.59 36.96
N THR D 41 20.26 12.88 36.39
CA THR D 41 20.46 12.89 34.95
C THR D 41 19.92 11.55 34.43
N PHE D 42 19.25 11.61 33.28
CA PHE D 42 18.71 10.42 32.63
C PHE D 42 19.41 10.19 31.29
N LYS D 43 19.98 8.99 31.14
CA LYS D 43 20.71 8.63 29.93
C LYS D 43 20.19 7.29 29.37
N THR D 44 20.19 7.17 28.05
CA THR D 44 19.79 5.93 27.39
C THR D 44 20.93 5.43 26.49
N GLU D 45 21.07 4.11 26.44
CA GLU D 45 21.94 3.44 25.47
C GLU D 45 21.30 2.13 25.06
N LEU D 46 21.53 1.73 23.82
CA LEU D 46 21.07 0.44 23.33
C LEU D 46 21.84 -0.66 24.06
N THR D 47 21.18 -1.80 24.29
CA THR D 47 21.81 -2.94 24.96
C THR D 47 22.94 -3.53 24.11
N LYS D 48 22.75 -3.54 22.79
CA LYS D 48 23.79 -4.04 21.89
C LYS D 48 25.11 -3.27 22.04
N ASN D 49 25.03 -2.00 22.44
CA ASN D 49 26.21 -1.17 22.68
C ASN D 49 26.63 -1.16 24.16
N ILE D 50 26.55 -2.32 24.82
CA ILE D 50 26.80 -2.42 26.25
C ILE D 50 28.28 -2.25 26.60
N ASP D 51 29.17 -2.53 25.66
CA ASP D 51 30.61 -2.32 25.85
C ASP D 51 30.94 -0.85 26.08
N GLN D 52 30.19 0.05 25.44
CA GLN D 52 30.40 1.49 25.61
C GLN D 52 30.01 1.97 27.00
N VAL D 53 29.02 1.32 27.60
CA VAL D 53 28.61 1.65 28.97
C VAL D 53 29.66 1.13 29.96
N VAL D 54 30.14 -0.09 29.73
CA VAL D 54 31.27 -0.65 30.48
C VAL D 54 32.45 0.30 30.43
N GLU D 55 32.86 0.65 29.20
CA GLU D 55 33.93 1.61 28.96
C GLU D 55 33.71 2.87 29.78
N TRP D 56 32.56 3.50 29.60
CA TRP D 56 32.21 4.74 30.29
C TRP D 56 32.36 4.61 31.81
N LEU D 57 31.74 3.57 32.37
CA LEU D 57 31.78 3.29 33.82
C LEU D 57 33.19 3.15 34.37
N ASN D 58 34.08 2.54 33.58
CA ASN D 58 35.47 2.34 33.99
C ASN D 58 36.33 3.61 34.03
N GLN D 59 35.74 4.74 33.65
CA GLN D 59 36.45 6.03 33.72
C GLN D 59 35.85 7.00 34.75
N GLN D 60 34.80 6.55 35.46
CA GLN D 60 34.01 7.45 36.31
C GLN D 60 34.43 7.43 37.76
N GLN D 61 34.03 8.49 38.45
CA GLN D 61 34.17 8.61 39.90
C GLN D 61 32.82 8.27 40.53
N ILE D 62 32.67 7.02 40.94
CA ILE D 62 31.40 6.52 41.47
C ILE D 62 31.61 5.93 42.87
N GLU D 63 30.84 6.41 43.83
CA GLU D 63 30.91 5.92 45.20
C GLU D 63 29.93 4.76 45.44
N LYS D 64 28.79 4.78 44.73
CA LYS D 64 27.80 3.70 44.80
C LYS D 64 27.24 3.42 43.39
N LEU D 65 27.45 2.19 42.92
CA LEU D 65 26.96 1.75 41.61
C LEU D 65 26.01 0.56 41.79
N CYS D 66 24.75 0.75 41.43
CA CYS D 66 23.72 -0.29 41.55
C CYS D 66 23.24 -0.75 40.17
N LEU D 67 23.17 -2.06 39.97
CA LEU D 67 22.89 -2.66 38.67
C LEU D 67 21.69 -3.62 38.75
N THR D 68 20.81 -3.54 37.76
CA THR D 68 19.71 -4.50 37.65
C THR D 68 19.42 -4.87 36.20
N GLY D 69 18.54 -5.84 36.01
CA GLY D 69 18.13 -6.28 34.69
C GLY D 69 18.97 -7.44 34.17
N GLY D 70 18.63 -7.90 32.98
CA GLY D 70 19.21 -9.11 32.41
C GLY D 70 20.70 -9.08 32.14
N ASN D 71 21.20 -7.93 31.67
CA ASN D 71 22.60 -7.79 31.29
C ASN D 71 23.44 -7.09 32.36
N ALA D 72 22.98 -7.12 33.60
CA ALA D 72 23.71 -6.48 34.70
C ALA D 72 24.93 -7.32 35.06
N GLY D 73 24.78 -8.63 35.05
CA GLY D 73 25.89 -9.56 35.23
C GLY D 73 27.04 -9.30 34.26
N VAL D 74 26.70 -8.99 33.01
CA VAL D 74 27.69 -8.65 32.00
C VAL D 74 28.47 -7.42 32.43
N ILE D 75 27.76 -6.39 32.86
CA ILE D 75 28.37 -5.15 33.32
C ILE D 75 29.25 -5.38 34.55
N ALA D 76 28.71 -6.09 35.54
CA ALA D 76 29.41 -6.32 36.81
C ALA D 76 30.72 -7.09 36.63
N GLU D 77 30.71 -8.08 35.74
CA GLU D 77 31.88 -8.93 35.51
C GLU D 77 33.00 -8.17 34.78
N ASN D 78 32.63 -7.19 33.94
CA ASN D 78 33.59 -6.54 33.03
C ASN D 78 34.17 -5.21 33.54
N ILE D 79 33.51 -4.58 34.51
CA ILE D 79 34.07 -3.40 35.19
C ILE D 79 34.99 -3.83 36.31
N ASN D 80 35.93 -2.96 36.68
CA ASN D 80 36.90 -3.26 37.75
C ASN D 80 36.42 -2.85 39.14
N ILE D 81 35.54 -1.84 39.20
CA ILE D 81 34.99 -1.37 40.46
C ILE D 81 33.88 -2.30 40.96
N PRO D 82 33.57 -2.26 42.27
CA PRO D 82 32.52 -3.13 42.82
C PRO D 82 31.11 -2.61 42.56
N ALA D 83 30.14 -3.51 42.58
CA ALA D 83 28.73 -3.14 42.38
C ALA D 83 27.78 -4.20 42.93
N GLN D 84 26.60 -3.77 43.34
CA GLN D 84 25.58 -4.66 43.92
C GLN D 84 24.46 -4.91 42.92
N ILE D 85 24.08 -6.18 42.76
CA ILE D 85 23.06 -6.58 41.81
C ILE D 85 21.73 -6.82 42.53
N PHE D 86 20.68 -6.15 42.07
CA PHE D 86 19.33 -6.31 42.61
C PHE D 86 18.41 -6.87 41.52
N VAL D 87 17.43 -7.66 41.92
CA VAL D 87 16.43 -8.21 40.99
C VAL D 87 15.54 -7.07 40.48
N GLU D 88 15.24 -7.07 39.18
CA GLU D 88 14.54 -5.94 38.54
C GLU D 88 13.11 -5.70 39.00
N PHE D 89 12.47 -6.73 39.57
CA PHE D 89 11.07 -6.64 39.97
C PHE D 89 10.90 -5.75 41.21
N ASP D 90 11.72 -5.99 42.22
CA ASP D 90 11.77 -5.11 43.40
C ASP D 90 12.29 -3.71 43.05
N ALA D 91 13.29 -3.63 42.18
CA ALA D 91 13.86 -2.35 41.78
C ALA D 91 12.85 -1.52 40.98
N ALA D 92 12.22 -2.12 39.99
CA ALA D 92 11.15 -1.46 39.23
C ALA D 92 10.13 -0.85 40.17
N SER D 93 9.65 -1.65 41.11
CA SER D 93 8.65 -1.23 42.09
C SER D 93 9.11 -0.09 42.99
N GLN D 94 10.35 -0.16 43.49
CA GLN D 94 10.89 0.84 44.41
C GLN D 94 11.01 2.22 43.73
N GLY D 95 11.49 2.24 42.50
CA GLY D 95 11.64 3.49 41.74
C GLY D 95 10.31 4.03 41.26
N LEU D 96 9.44 3.13 40.81
CA LEU D 96 8.09 3.51 40.40
C LEU D 96 7.32 4.11 41.57
N GLY D 97 7.54 3.55 42.76
CA GLY D 97 6.96 4.10 43.99
C GLY D 97 7.48 5.50 44.28
N ILE D 98 8.78 5.70 44.11
CA ILE D 98 9.39 7.02 44.30
C ILE D 98 8.82 8.03 43.30
N LEU D 99 8.82 7.66 42.02
CA LEU D 99 8.38 8.56 40.96
C LEU D 99 6.91 9.00 41.08
N LEU D 100 6.09 8.14 41.67
CA LEU D 100 4.66 8.44 41.86
C LEU D 100 4.45 9.56 42.88
N LYS D 101 5.16 9.48 44.01
CA LYS D 101 5.05 10.49 45.06
C LYS D 101 5.62 11.83 44.63
N GLU D 102 6.75 11.79 43.93
CA GLU D 102 7.40 13.02 43.44
C GLU D 102 6.59 13.74 42.36
N GLN D 103 5.67 13.03 41.71
CA GLN D 103 4.82 13.61 40.69
C GLN D 103 3.39 13.85 41.18
N GLY D 104 3.19 13.74 42.50
CA GLY D 104 1.95 14.16 43.16
C GLY D 104 1.05 13.05 43.68
N HIS D 105 1.27 11.82 43.26
CA HIS D 105 0.33 10.72 43.53
C HIS D 105 0.49 10.10 44.92
N ASP D 106 -0.50 9.29 45.30
CA ASP D 106 -0.48 8.57 46.59
C ASP D 106 -1.50 7.42 46.52
N LEU D 107 -1.01 6.22 46.22
CA LEU D 107 -1.87 5.06 45.99
C LEU D 107 -1.72 4.01 47.09
N ALA D 108 -2.85 3.57 47.64
CA ALA D 108 -2.87 2.54 48.68
C ALA D 108 -2.42 1.20 48.11
N ASP D 109 -3.01 0.82 46.98
CA ASP D 109 -2.64 -0.39 46.25
C ASP D 109 -2.74 -0.16 44.75
N TYR D 110 -2.00 -0.95 43.97
CA TYR D 110 -2.10 -0.91 42.52
C TYR D 110 -1.40 -2.07 41.86
N ILE D 111 -1.70 -2.22 40.57
CA ILE D 111 -0.95 -3.09 39.69
C ILE D 111 -0.12 -2.21 38.76
N PHE D 112 1.16 -2.53 38.62
CA PHE D 112 1.96 -1.92 37.58
C PHE D 112 2.32 -2.95 36.53
N ALA D 113 2.30 -2.52 35.27
CA ALA D 113 2.62 -3.36 34.14
C ALA D 113 3.90 -2.84 33.52
N ASN D 114 4.96 -3.65 33.57
CA ASN D 114 6.22 -3.24 32.99
C ASN D 114 6.30 -3.73 31.56
N VAL D 115 5.98 -2.82 30.64
CA VAL D 115 5.97 -3.12 29.21
C VAL D 115 7.34 -2.76 28.63
N GLY D 116 8.26 -3.72 28.68
CA GLY D 116 9.60 -3.56 28.13
C GLY D 116 9.77 -4.42 26.89
N THR D 117 10.91 -5.10 26.79
CA THR D 117 11.10 -6.08 25.72
C THR D 117 9.96 -7.10 25.78
N GLY D 118 9.66 -7.54 27.00
CA GLY D 118 8.46 -8.30 27.31
C GLY D 118 7.68 -7.55 28.39
N THR D 119 6.54 -8.12 28.79
CA THR D 119 5.65 -7.47 29.75
C THR D 119 5.55 -8.25 31.06
N SER D 120 5.82 -7.56 32.17
CA SER D 120 5.78 -8.13 33.50
C SER D 120 4.70 -7.43 34.32
N LEU D 121 3.74 -8.20 34.81
CA LEU D 121 2.63 -7.66 35.60
C LEU D 121 2.88 -7.90 37.07
N HIS D 122 2.58 -6.90 37.88
CA HIS D 122 2.84 -6.97 39.31
C HIS D 122 1.71 -6.35 40.09
N TYR D 123 1.53 -6.82 41.32
CA TYR D 123 0.57 -6.25 42.26
C TYR D 123 1.33 -5.62 43.42
N PHE D 124 1.03 -4.36 43.71
CA PHE D 124 1.59 -3.66 44.85
C PHE D 124 0.46 -3.43 45.86
N ASP D 125 0.67 -3.94 47.08
CA ASP D 125 -0.34 -3.87 48.14
C ASP D 125 -0.19 -2.61 49.01
N GLY D 126 1.03 -2.09 49.11
CA GLY D 126 1.32 -0.94 49.97
C GLY D 126 2.72 -0.99 50.53
N GLN D 127 3.19 -2.20 50.82
CA GLN D 127 4.56 -2.42 51.29
C GLN D 127 5.42 -3.01 50.16
N SER D 128 5.05 -4.20 49.70
CA SER D 128 5.86 -4.94 48.72
C SER D 128 5.09 -5.29 47.45
N GLN D 129 5.84 -5.50 46.37
CA GLN D 129 5.30 -5.95 45.10
C GLN D 129 5.33 -7.46 45.02
N ARG D 130 4.47 -8.02 44.18
CA ARG D 130 4.51 -9.43 43.86
C ARG D 130 4.16 -9.59 42.38
N ARG D 131 4.86 -10.49 41.69
CA ARG D 131 4.63 -10.72 40.26
C ARG D 131 3.42 -11.63 40.05
N VAL D 132 2.37 -11.06 39.49
CA VAL D 132 1.10 -11.75 39.30
C VAL D 132 0.90 -12.24 37.86
N GLY D 133 1.96 -12.15 37.06
CA GLY D 133 1.91 -12.64 35.69
C GLY D 133 2.79 -11.87 34.73
N GLY D 134 2.81 -12.34 33.49
CA GLY D 134 3.55 -11.68 32.43
C GLY D 134 3.16 -12.26 31.09
N ILE D 135 3.67 -11.67 30.03
CA ILE D 135 3.34 -12.10 28.68
C ILE D 135 4.36 -11.59 27.68
N GLY D 136 4.56 -12.36 26.61
CA GLY D 136 5.52 -11.99 25.57
C GLY D 136 5.08 -10.91 24.60
N THR D 137 3.91 -10.31 24.82
CA THR D 137 3.45 -9.20 23.99
C THR D 137 3.96 -7.90 24.59
N GLY D 138 4.77 -7.18 23.81
CA GLY D 138 5.33 -5.91 24.25
C GLY D 138 6.19 -5.19 23.22
N GLY D 139 7.21 -4.48 23.69
CA GLY D 139 8.09 -3.70 22.85
C GLY D 139 8.89 -4.53 21.87
N GLY D 140 9.37 -5.69 22.32
CA GLY D 140 10.07 -6.63 21.45
C GLY D 140 9.20 -7.07 20.28
N MET D 141 7.93 -7.33 20.57
CA MET D 141 6.95 -7.72 19.54
C MET D 141 6.63 -6.58 18.56
N ILE D 142 6.51 -5.37 19.09
CA ILE D 142 6.25 -4.18 18.27
C ILE D 142 7.38 -3.96 17.27
N GLN D 143 8.63 -4.03 17.74
CA GLN D 143 9.81 -3.89 16.87
C GLN D 143 9.94 -5.03 15.86
N GLY D 144 9.82 -6.25 16.35
CA GLY D 144 10.04 -7.45 15.52
C GLY D 144 8.94 -7.70 14.51
N LEU D 145 7.71 -7.92 14.99
CA LEU D 145 6.57 -8.09 14.10
C LEU D 145 6.36 -6.83 13.26
N GLY D 146 6.67 -5.67 13.83
CA GLY D 146 6.72 -4.45 13.06
C GLY D 146 7.67 -4.59 11.89
N TYR D 147 8.86 -5.12 12.16
CA TYR D 147 9.86 -5.34 11.10
C TYR D 147 9.39 -6.31 10.05
N LEU D 148 8.85 -7.46 10.46
CA LEU D 148 8.42 -8.47 9.49
C LEU D 148 7.36 -7.96 8.52
N LEU D 149 6.49 -7.06 9.00
CA LEU D 149 5.42 -6.50 8.17
C LEU D 149 5.84 -5.29 7.34
N SER D 150 6.93 -4.61 7.72
CA SER D 150 7.31 -3.32 7.12
C SER D 150 8.77 -3.14 6.66
N GLN D 151 9.68 -3.97 7.14
CA GLN D 151 11.12 -3.83 6.90
C GLN D 151 11.76 -2.60 7.58
N ILE D 152 11.05 -1.99 8.53
CA ILE D 152 11.59 -0.83 9.25
C ILE D 152 12.34 -1.31 10.49
N THR D 153 13.65 -1.10 10.52
CA THR D 153 14.50 -1.50 11.64
C THR D 153 14.70 -0.39 12.65
N ASP D 154 14.42 0.85 12.24
CA ASP D 154 14.64 2.02 13.08
C ASP D 154 13.39 2.32 13.90
N TYR D 155 13.57 2.46 15.21
CA TYR D 155 12.45 2.57 16.15
C TYR D 155 11.65 3.87 16.03
N LYS D 156 12.34 5.00 15.86
CA LYS D 156 11.67 6.29 15.77
C LYS D 156 10.79 6.34 14.52
N GLN D 157 11.29 5.79 13.42
CA GLN D 157 10.52 5.70 12.18
C GLN D 157 9.33 4.73 12.35
N LEU D 158 9.62 3.48 12.71
CA LEU D 158 8.58 2.46 12.90
C LEU D 158 7.41 3.01 13.70
N THR D 159 7.70 3.61 14.87
CA THR D 159 6.67 4.18 15.72
C THR D 159 6.03 5.43 15.14
N ASP D 160 6.83 6.30 14.51
CA ASP D 160 6.28 7.49 13.83
C ASP D 160 5.25 7.09 12.79
N MET D 161 5.59 6.10 11.97
CA MET D 161 4.69 5.67 10.91
C MET D 161 3.37 5.15 11.49
N ALA D 162 3.47 4.33 12.54
CA ALA D 162 2.31 3.70 13.16
C ALA D 162 1.24 4.69 13.69
N GLN D 163 1.66 5.88 14.09
CA GLN D 163 0.72 6.90 14.57
C GLN D 163 -0.29 7.30 13.48
N HIS D 164 0.12 7.14 12.22
CA HIS D 164 -0.74 7.47 11.06
C HIS D 164 -1.51 6.26 10.50
N GLY D 165 -1.57 5.17 11.26
CA GLY D 165 -2.26 3.97 10.82
C GLY D 165 -3.74 3.98 11.14
N ASP D 166 -4.50 3.22 10.38
CA ASP D 166 -5.92 3.00 10.67
C ASP D 166 -6.11 1.50 10.86
N ARG D 167 -6.67 1.12 12.00
CA ARG D 167 -6.82 -0.27 12.39
C ARG D 167 -8.08 -0.93 11.85
N ASN D 168 -9.15 -0.14 11.67
CA ASN D 168 -10.45 -0.64 11.20
C ASN D 168 -10.34 -1.47 9.93
N THR D 169 -9.34 -1.14 9.13
CA THR D 169 -9.02 -1.84 7.89
C THR D 169 -8.56 -3.30 8.14
N ILE D 170 -8.00 -3.56 9.32
CA ILE D 170 -7.37 -4.84 9.66
C ILE D 170 -8.06 -5.60 10.82
N ASP D 171 -8.53 -4.90 11.84
CA ASP D 171 -9.15 -5.52 13.03
C ASP D 171 -10.65 -5.76 12.85
N LEU D 172 -11.13 -6.90 13.33
CA LEU D 172 -12.54 -7.23 13.30
C LEU D 172 -13.20 -6.84 14.61
N LYS D 173 -14.41 -6.30 14.52
CA LYS D 173 -15.16 -5.81 15.67
C LYS D 173 -16.27 -6.79 16.03
N VAL D 174 -16.74 -6.71 17.26
CA VAL D 174 -17.86 -7.53 17.71
C VAL D 174 -19.13 -7.28 16.87
N ARG D 175 -19.39 -6.02 16.52
CA ARG D 175 -20.55 -5.68 15.68
C ARG D 175 -20.44 -6.22 14.25
N HIS D 176 -19.22 -6.48 13.76
CA HIS D 176 -19.07 -7.06 12.42
C HIS D 176 -19.48 -8.52 12.39
N ILE D 177 -19.42 -9.19 13.53
CA ILE D 177 -19.85 -10.58 13.66
C ILE D 177 -21.34 -10.64 13.96
N TYR D 178 -21.81 -9.76 14.84
CA TYR D 178 -23.23 -9.72 15.22
C TYR D 178 -24.10 -8.89 14.27
N LYS D 179 -23.46 -8.10 13.40
CA LYS D 179 -24.12 -7.37 12.33
C LYS D 179 -25.31 -6.54 12.81
N ASP D 180 -26.52 -6.82 12.32
CA ASP D 180 -27.71 -6.03 12.68
C ASP D 180 -28.29 -6.44 14.04
N THR D 181 -27.79 -7.52 14.63
CA THR D 181 -28.25 -7.99 15.93
C THR D 181 -27.46 -7.32 17.04
N GLU D 182 -28.14 -7.01 18.15
N GLU D 182 -28.13 -6.98 18.15
CA GLU D 182 -27.49 -6.42 19.31
CA GLU D 182 -27.46 -6.37 19.28
C GLU D 182 -26.60 -7.47 19.97
C GLU D 182 -26.61 -7.42 20.01
N PRO D 183 -25.30 -7.18 20.14
CA PRO D 183 -24.38 -8.18 20.69
C PRO D 183 -24.44 -8.29 22.23
N PRO D 184 -23.95 -9.41 22.77
CA PRO D 184 -23.90 -9.60 24.23
C PRO D 184 -22.74 -8.86 24.89
N ILE D 185 -21.79 -8.39 24.08
CA ILE D 185 -20.67 -7.55 24.51
C ILE D 185 -20.76 -6.27 23.69
N PRO D 186 -20.32 -5.12 24.24
CA PRO D 186 -20.33 -3.91 23.40
C PRO D 186 -19.77 -4.15 21.99
N GLY D 187 -20.51 -3.71 20.97
CA GLY D 187 -20.19 -3.99 19.57
C GLY D 187 -18.94 -3.29 19.05
N ASP D 188 -18.51 -2.24 19.74
CA ASP D 188 -17.31 -1.52 19.33
C ASP D 188 -16.01 -2.23 19.72
N LEU D 189 -16.07 -3.18 20.65
CA LEU D 189 -14.86 -3.89 21.08
C LEU D 189 -14.28 -4.76 19.96
N THR D 190 -12.95 -4.91 19.99
CA THR D 190 -12.26 -5.75 19.03
C THR D 190 -12.62 -7.19 19.29
N ALA D 191 -13.17 -7.85 18.27
CA ALA D 191 -13.49 -9.26 18.35
C ALA D 191 -12.26 -10.09 18.01
N ALA D 192 -11.53 -9.67 16.98
CA ALA D 192 -10.40 -10.45 16.48
C ALA D 192 -9.36 -9.56 15.82
N ASN D 193 -8.23 -9.34 16.50
CA ASN D 193 -7.14 -8.58 15.91
C ASN D 193 -6.72 -9.26 14.61
N PHE D 194 -6.50 -8.46 13.57
CA PHE D 194 -6.19 -8.96 12.21
C PHE D 194 -7.33 -9.75 11.54
N GLY D 195 -8.48 -9.81 12.19
CA GLY D 195 -9.58 -10.64 11.72
C GLY D 195 -10.32 -10.11 10.50
N HIS D 196 -10.02 -8.88 10.08
CA HIS D 196 -10.74 -8.26 8.97
C HIS D 196 -9.96 -8.33 7.65
N VAL D 197 -8.73 -8.86 7.70
CA VAL D 197 -7.80 -8.86 6.57
C VAL D 197 -8.32 -9.63 5.35
N LEU D 198 -8.84 -10.83 5.57
CA LEU D 198 -9.36 -11.65 4.47
C LEU D 198 -10.61 -11.04 3.81
N HIS D 199 -11.27 -10.12 4.52
CA HIS D 199 -12.41 -9.41 3.94
C HIS D 199 -11.99 -8.19 3.10
N HIS D 200 -10.71 -7.78 3.16
CA HIS D 200 -10.28 -6.53 2.54
C HIS D 200 -9.15 -6.68 1.50
N LEU D 201 -8.86 -5.57 0.82
CA LEU D 201 -7.92 -5.53 -0.31
C LEU D 201 -6.52 -5.08 0.10
N ASP D 202 -5.52 -5.46 -0.70
CA ASP D 202 -4.10 -5.22 -0.38
C ASP D 202 -3.74 -3.76 -0.12
N ALA D 203 -4.36 -2.84 -0.86
CA ALA D 203 -4.04 -1.41 -0.77
C ALA D 203 -4.35 -0.81 0.61
N ASP D 204 -5.22 -1.48 1.38
CA ASP D 204 -5.55 -1.04 2.72
C ASP D 204 -4.51 -1.48 3.75
N PHE D 205 -3.64 -2.43 3.38
CA PHE D 205 -2.60 -2.93 4.27
C PHE D 205 -1.27 -2.21 4.06
N THR D 206 -1.28 -0.89 4.27
CA THR D 206 -0.06 -0.09 4.19
C THR D 206 0.82 -0.41 5.39
N PRO D 207 2.12 -0.07 5.32
CA PRO D 207 2.98 -0.17 6.50
C PRO D 207 2.32 0.46 7.74
N SER D 208 1.91 1.71 7.62
CA SER D 208 1.27 2.44 8.73
C SER D 208 0.12 1.63 9.35
N ASN D 209 -0.71 1.05 8.49
CA ASN D 209 -1.91 0.34 8.94
C ASN D 209 -1.55 -0.95 9.66
N LYS D 210 -0.67 -1.74 9.06
CA LYS D 210 -0.21 -2.99 9.67
C LYS D 210 0.45 -2.73 11.02
N LEU D 211 1.30 -1.70 11.09
CA LEU D 211 2.00 -1.36 12.32
C LEU D 211 1.05 -0.91 13.43
N ALA D 212 0.00 -0.19 13.08
CA ALA D 212 -1.00 0.24 14.06
C ALA D 212 -1.75 -0.97 14.62
N ALA D 213 -1.99 -1.97 13.78
CA ALA D 213 -2.61 -3.21 14.24
C ALA D 213 -1.67 -3.99 15.17
N VAL D 214 -0.38 -4.02 14.84
CA VAL D 214 0.61 -4.65 15.72
C VAL D 214 0.61 -4.01 17.10
N ILE D 215 0.64 -2.68 17.14
CA ILE D 215 0.60 -1.95 18.40
C ILE D 215 -0.75 -2.12 19.10
N GLY D 216 -1.82 -2.23 18.31
CA GLY D 216 -3.16 -2.50 18.85
C GLY D 216 -3.24 -3.81 19.62
N VAL D 217 -2.87 -4.91 18.97
CA VAL D 217 -2.93 -6.22 19.61
C VAL D 217 -2.05 -6.29 20.88
N VAL D 218 -0.85 -5.70 20.82
CA VAL D 218 0.03 -5.63 22.00
C VAL D 218 -0.64 -4.80 23.12
N GLY D 219 -1.13 -3.61 22.77
CA GLY D 219 -1.85 -2.76 23.72
C GLY D 219 -3.05 -3.46 24.33
N GLU D 220 -3.86 -4.09 23.49
CA GLU D 220 -5.07 -4.75 23.96
C GLU D 220 -4.80 -5.90 24.92
N VAL D 221 -3.78 -6.70 24.63
CA VAL D 221 -3.42 -7.86 25.46
C VAL D 221 -2.88 -7.41 26.82
N VAL D 222 -1.97 -6.44 26.81
CA VAL D 222 -1.37 -5.93 28.04
C VAL D 222 -2.44 -5.38 28.98
N THR D 223 -3.36 -4.58 28.43
CA THR D 223 -4.43 -3.99 29.23
C THR D 223 -5.41 -5.05 29.73
N THR D 224 -5.74 -6.01 28.88
CA THR D 224 -6.66 -7.08 29.28
C THR D 224 -6.12 -7.85 30.48
N MET D 225 -4.85 -8.25 30.41
CA MET D 225 -4.22 -8.94 31.52
C MET D 225 -4.07 -8.02 32.73
N ALA D 226 -3.71 -6.76 32.49
CA ALA D 226 -3.62 -5.78 33.57
C ALA D 226 -4.96 -5.59 34.29
N ILE D 227 -6.04 -5.44 33.55
CA ILE D 227 -7.37 -5.28 34.16
C ILE D 227 -7.86 -6.59 34.80
N THR D 228 -7.59 -7.72 34.14
CA THR D 228 -7.99 -9.05 34.64
C THR D 228 -7.35 -9.33 36.01
N VAL D 229 -6.12 -8.87 36.20
CA VAL D 229 -5.43 -9.08 37.47
C VAL D 229 -5.73 -7.96 38.49
N ALA D 230 -6.17 -6.79 38.02
CA ALA D 230 -6.70 -5.75 38.90
C ALA D 230 -7.98 -6.21 39.60
N ARG D 231 -8.87 -6.84 38.83
CA ARG D 231 -10.07 -7.50 39.37
C ARG D 231 -9.68 -8.56 40.40
N GLU D 232 -8.82 -9.49 39.97
CA GLU D 232 -8.39 -10.61 40.79
C GLU D 232 -7.85 -10.18 42.17
N PHE D 233 -7.01 -9.15 42.20
CA PHE D 233 -6.43 -8.69 43.47
C PHE D 233 -7.08 -7.40 44.00
N LYS D 234 -8.31 -7.14 43.56
CA LYS D 234 -9.21 -6.15 44.15
C LYS D 234 -8.59 -4.76 44.28
N THR D 235 -8.04 -4.26 43.17
CA THR D 235 -7.57 -2.88 43.06
C THR D 235 -8.11 -2.28 41.76
N GLU D 236 -8.16 -0.95 41.70
CA GLU D 236 -8.65 -0.24 40.52
C GLU D 236 -7.62 0.69 39.86
N ASN D 237 -6.43 0.79 40.45
CA ASN D 237 -5.36 1.62 39.91
C ASN D 237 -4.38 0.76 39.12
N ILE D 238 -4.13 1.14 37.88
CA ILE D 238 -3.16 0.44 37.04
C ILE D 238 -2.13 1.41 36.49
N VAL D 239 -0.89 1.25 36.91
CA VAL D 239 0.22 2.09 36.46
C VAL D 239 0.92 1.37 35.31
N TYR D 240 1.27 2.11 34.27
CA TYR D 240 1.92 1.53 33.10
C TYR D 240 3.31 2.12 32.94
N ILE D 241 4.33 1.27 33.02
CA ILE D 241 5.71 1.70 32.80
C ILE D 241 6.38 0.86 31.71
N GLY D 242 7.57 1.31 31.31
CA GLY D 242 8.37 0.63 30.29
C GLY D 242 8.57 1.54 29.10
N SER D 243 9.70 1.35 28.43
CA SER D 243 10.11 2.24 27.35
C SER D 243 9.30 2.05 26.07
N SER D 244 8.50 0.98 26.01
CA SER D 244 7.60 0.73 24.88
C SER D 244 6.61 1.87 24.59
N PHE D 245 6.34 2.71 25.60
CA PHE D 245 5.46 3.87 25.41
C PHE D 245 6.20 5.10 24.85
N HIS D 246 7.54 5.08 24.81
CA HIS D 246 8.34 6.20 24.27
C HIS D 246 8.09 6.39 22.77
N ASN D 247 7.63 7.58 22.40
CA ASN D 247 7.38 7.92 21.00
C ASN D 247 6.22 7.11 20.41
N ASN D 248 5.31 6.66 21.27
CA ASN D 248 4.16 5.86 20.85
C ASN D 248 2.87 6.31 21.54
N ALA D 249 2.33 7.42 21.06
CA ALA D 249 1.04 7.93 21.54
C ALA D 249 -0.09 6.91 21.34
N LEU D 250 -0.01 6.10 20.28
CA LEU D 250 -1.04 5.09 20.00
C LEU D 250 -1.13 4.06 21.14
N LEU D 251 0.00 3.45 21.48
CA LEU D 251 0.08 2.49 22.58
C LEU D 251 -0.45 3.11 23.87
N ARG D 252 0.07 4.23 24.25
CA ARG D 252 -0.44 5.00 25.32
C ARG D 252 -1.96 5.14 25.32
N LYS D 253 -2.53 5.45 24.19
CA LYS D 253 -3.97 5.62 24.03
C LYS D 253 -4.76 4.31 24.14
N VAL D 254 -4.25 3.24 23.53
CA VAL D 254 -4.96 1.97 23.51
C VAL D 254 -5.16 1.45 24.93
N VAL D 255 -4.10 1.48 25.73
CA VAL D 255 -4.17 0.97 27.11
C VAL D 255 -4.90 1.94 28.04
N GLU D 256 -4.76 3.25 27.83
CA GLU D 256 -5.47 4.23 28.66
C GLU D 256 -6.99 4.18 28.46
N ASP D 257 -7.45 4.05 27.22
CA ASP D 257 -8.90 4.05 26.93
C ASP D 257 -9.63 2.80 27.43
N TYR D 258 -9.03 1.63 27.25
CA TYR D 258 -9.66 0.39 27.67
C TYR D 258 -9.58 0.21 29.19
N THR D 259 -8.54 0.75 29.82
CA THR D 259 -8.44 0.75 31.28
C THR D 259 -9.58 1.57 31.88
N VAL D 260 -9.81 2.77 31.34
CA VAL D 260 -10.93 3.60 31.79
C VAL D 260 -12.28 2.97 31.44
N LEU D 261 -12.35 2.27 30.31
CA LEU D 261 -13.60 1.66 29.84
C LEU D 261 -14.06 0.51 30.74
N ARG D 262 -13.11 -0.17 31.36
CA ARG D 262 -13.42 -1.29 32.27
C ARG D 262 -13.59 -0.84 33.72
N GLY D 263 -13.52 0.47 33.96
CA GLY D 263 -13.75 1.03 35.30
C GLY D 263 -12.51 1.03 36.19
N CYS D 264 -11.35 1.24 35.58
CA CYS D 264 -10.10 1.36 36.32
C CYS D 264 -9.47 2.73 36.04
N LYS D 265 -8.45 3.08 36.83
CA LYS D 265 -7.76 4.35 36.67
C LYS D 265 -6.36 4.11 36.12
N PRO D 266 -6.11 4.53 34.86
CA PRO D 266 -4.77 4.39 34.32
C PRO D 266 -3.84 5.47 34.84
N TYR D 267 -2.55 5.16 34.93
CA TYR D 267 -1.55 6.10 35.41
C TYR D 267 -0.27 6.05 34.56
N TYR D 268 0.22 7.23 34.17
N TYR D 268 0.21 7.23 34.16
CA TYR D 268 1.47 7.35 33.43
CA TYR D 268 1.46 7.36 33.41
C TYR D 268 2.47 8.17 34.22
C TYR D 268 2.47 8.18 34.22
N VAL D 269 3.75 7.79 34.14
CA VAL D 269 4.80 8.40 34.92
C VAL D 269 5.88 9.01 34.02
N GLU D 270 6.21 10.27 34.28
CA GLU D 270 7.33 10.92 33.62
C GLU D 270 8.60 10.17 34.05
N ASN D 271 9.39 9.74 33.07
CA ASN D 271 10.58 8.91 33.32
C ASN D 271 10.24 7.53 33.87
N GLY D 272 9.03 7.05 33.59
CA GLY D 272 8.53 5.79 34.13
C GLY D 272 9.40 4.59 33.80
N ALA D 273 10.01 4.59 32.63
CA ALA D 273 10.84 3.48 32.20
C ALA D 273 12.15 3.37 32.99
N PHE D 274 12.49 4.41 33.76
CA PHE D 274 13.71 4.42 34.58
C PHE D 274 13.45 3.96 36.02
N SER D 275 12.26 3.41 36.27
CA SER D 275 11.86 2.94 37.61
C SER D 275 12.87 1.96 38.19
N GLY D 276 13.26 0.97 37.38
CA GLY D 276 14.23 -0.03 37.77
C GLY D 276 15.59 0.54 38.15
N ALA D 277 16.08 1.49 37.35
CA ALA D 277 17.37 2.11 37.59
C ALA D 277 17.38 2.86 38.91
N ILE D 278 16.39 3.73 39.09
CA ILE D 278 16.21 4.49 40.33
C ILE D 278 16.05 3.53 41.51
N GLY D 279 15.18 2.54 41.34
CA GLY D 279 14.87 1.58 42.41
C GLY D 279 16.07 0.80 42.90
N ALA D 280 16.97 0.45 41.99
CA ALA D 280 18.21 -0.24 42.35
C ALA D 280 19.07 0.64 43.25
N LEU D 281 19.02 1.95 43.00
CA LEU D 281 19.87 2.92 43.71
C LEU D 281 19.43 3.16 45.15
N TYR D 282 18.13 3.22 45.38
CA TYR D 282 17.59 3.52 46.72
C TYR D 282 17.35 2.23 47.52
N LEU D 283 18.44 1.54 47.88
CA LEU D 283 18.38 0.35 48.72
C LEU D 283 19.68 0.22 49.53
N MET E 19 9.08 -32.14 -42.18
CA MET E 19 9.13 -31.02 -43.17
C MET E 19 10.07 -29.93 -42.67
N LYS E 20 9.73 -29.28 -41.56
CA LYS E 20 10.69 -28.42 -40.84
C LYS E 20 11.13 -29.14 -39.56
N VAL E 21 12.44 -29.23 -39.35
CA VAL E 21 12.97 -29.98 -38.23
C VAL E 21 13.90 -29.12 -37.39
N GLY E 22 13.74 -29.22 -36.08
CA GLY E 22 14.60 -28.54 -35.11
C GLY E 22 15.22 -29.58 -34.20
N ILE E 23 16.55 -29.54 -34.07
CA ILE E 23 17.27 -30.53 -33.29
C ILE E 23 18.16 -29.86 -32.25
N ASP E 24 18.09 -30.35 -31.01
CA ASP E 24 18.97 -29.92 -29.93
C ASP E 24 19.87 -31.11 -29.55
N ALA E 25 20.97 -31.24 -30.27
CA ALA E 25 21.92 -32.33 -30.05
C ALA E 25 22.71 -32.10 -28.75
N GLY E 26 22.20 -32.63 -27.65
CA GLY E 26 22.79 -32.39 -26.34
C GLY E 26 23.91 -33.37 -26.01
N GLY E 27 24.49 -33.21 -24.82
CA GLY E 27 25.55 -34.08 -24.33
C GLY E 27 25.05 -35.50 -24.07
N THR E 28 23.81 -35.61 -23.59
CA THR E 28 23.22 -36.90 -23.28
C THR E 28 22.14 -37.28 -24.28
N LEU E 29 21.22 -36.36 -24.59
CA LEU E 29 20.08 -36.67 -25.45
C LEU E 29 20.03 -35.78 -26.70
N ILE E 30 19.44 -36.31 -27.77
CA ILE E 30 19.16 -35.54 -28.97
C ILE E 30 17.65 -35.30 -29.03
N LYS E 31 17.24 -34.04 -28.87
CA LYS E 31 15.82 -33.69 -28.90
C LYS E 31 15.44 -33.24 -30.29
N ILE E 32 14.52 -33.96 -30.92
CA ILE E 32 14.07 -33.66 -32.26
C ILE E 32 12.61 -33.21 -32.19
N VAL E 33 12.31 -32.10 -32.84
CA VAL E 33 10.94 -31.65 -33.02
C VAL E 33 10.67 -31.52 -34.52
N GLN E 34 9.49 -31.97 -34.94
CA GLN E 34 9.10 -31.97 -36.35
C GLN E 34 7.82 -31.18 -36.57
N GLU E 35 7.87 -30.21 -37.49
CA GLU E 35 6.71 -29.40 -37.86
C GLU E 35 6.24 -29.77 -39.26
N GLN E 36 5.07 -30.38 -39.35
CA GLN E 36 4.50 -30.81 -40.62
C GLN E 36 2.99 -30.89 -40.43
N ASP E 37 2.23 -30.49 -41.46
CA ASP E 37 0.76 -30.50 -41.42
C ASP E 37 0.19 -29.80 -40.17
N ASN E 38 0.84 -28.70 -39.79
CA ASN E 38 0.46 -27.88 -38.63
C ASN E 38 0.49 -28.59 -37.26
N GLN E 39 1.21 -29.71 -37.18
CA GLN E 39 1.29 -30.50 -35.94
C GLN E 39 2.74 -30.67 -35.48
N ARG E 40 2.95 -30.54 -34.17
CA ARG E 40 4.28 -30.60 -33.57
C ARG E 40 4.52 -31.96 -32.93
N THR E 41 5.44 -32.74 -33.49
CA THR E 41 5.77 -34.06 -32.96
C THR E 41 7.16 -34.05 -32.35
N PHE E 42 7.25 -34.49 -31.10
CA PHE E 42 8.51 -34.57 -30.38
C PHE E 42 9.09 -35.96 -30.51
N LYS E 43 10.40 -36.08 -30.29
CA LYS E 43 11.10 -37.35 -30.47
C LYS E 43 12.49 -37.26 -29.84
N THR E 44 12.88 -38.32 -29.13
CA THR E 44 14.14 -38.34 -28.40
C THR E 44 15.00 -39.48 -28.88
N GLU E 45 16.32 -39.29 -28.81
CA GLU E 45 17.28 -40.33 -29.10
C GLU E 45 18.56 -40.05 -28.31
N LEU E 46 19.22 -41.10 -27.85
CA LEU E 46 20.50 -40.97 -27.15
C LEU E 46 21.59 -40.41 -28.06
N THR E 47 22.44 -39.56 -27.50
CA THR E 47 23.51 -38.90 -28.24
C THR E 47 24.57 -39.90 -28.74
N LYS E 48 24.82 -40.97 -27.98
CA LYS E 48 25.74 -42.01 -28.45
C LYS E 48 25.26 -42.63 -29.76
N ASN E 49 23.95 -42.70 -29.93
CA ASN E 49 23.35 -43.15 -31.19
C ASN E 49 23.19 -42.02 -32.18
N ILE E 50 24.14 -41.09 -32.21
CA ILE E 50 24.06 -39.94 -33.11
C ILE E 50 24.08 -40.36 -34.58
N ASP E 51 24.76 -41.47 -34.87
N ASP E 51 24.76 -41.47 -34.87
CA ASP E 51 24.81 -42.02 -36.23
CA ASP E 51 24.82 -42.01 -36.23
C ASP E 51 23.42 -42.33 -36.79
C ASP E 51 23.44 -42.36 -36.79
N GLN E 52 22.54 -42.85 -35.94
CA GLN E 52 21.17 -43.17 -36.34
C GLN E 52 20.38 -41.91 -36.67
N VAL E 53 20.64 -40.83 -35.92
CA VAL E 53 20.01 -39.53 -36.18
C VAL E 53 20.49 -38.97 -37.52
N VAL E 54 21.79 -39.12 -37.77
CA VAL E 54 22.42 -38.68 -39.02
C VAL E 54 21.91 -39.49 -40.20
N GLU E 55 21.76 -40.80 -40.00
CA GLU E 55 21.23 -41.69 -41.04
C GLU E 55 19.78 -41.36 -41.37
N TRP E 56 19.00 -41.08 -40.34
CA TRP E 56 17.58 -40.74 -40.50
C TRP E 56 17.39 -39.44 -41.30
N LEU E 57 18.12 -38.40 -40.92
CA LEU E 57 18.03 -37.09 -41.57
C LEU E 57 18.33 -37.11 -43.07
N ASN E 58 19.33 -37.90 -43.46
CA ASN E 58 19.71 -38.02 -44.87
C ASN E 58 18.73 -38.83 -45.73
N GLN E 59 17.79 -39.51 -45.09
CA GLN E 59 16.75 -40.28 -45.78
C GLN E 59 15.38 -39.58 -45.76
N GLN E 60 15.32 -38.39 -45.17
CA GLN E 60 14.04 -37.71 -44.91
C GLN E 60 13.87 -36.45 -45.76
N GLN E 61 12.62 -36.06 -45.99
CA GLN E 61 12.28 -34.87 -46.78
C GLN E 61 12.10 -33.64 -45.89
N ILE E 62 13.17 -32.84 -45.78
CA ILE E 62 13.20 -31.67 -44.89
C ILE E 62 13.37 -30.38 -45.70
N GLU E 63 12.43 -29.45 -45.55
CA GLU E 63 12.50 -28.15 -46.23
C GLU E 63 13.50 -27.22 -45.55
N LYS E 64 13.52 -27.25 -44.22
CA LYS E 64 14.38 -26.39 -43.41
C LYS E 64 14.84 -27.15 -42.17
N LEU E 65 16.16 -27.15 -41.92
CA LEU E 65 16.76 -27.83 -40.78
C LEU E 65 17.54 -26.84 -39.92
N CYS E 66 17.17 -26.75 -38.64
CA CYS E 66 17.85 -25.88 -37.69
C CYS E 66 18.44 -26.71 -36.55
N LEU E 67 19.68 -26.40 -36.20
CA LEU E 67 20.45 -27.20 -35.23
C LEU E 67 21.01 -26.34 -34.10
N THR E 68 21.11 -26.94 -32.91
CA THR E 68 21.76 -26.31 -31.77
C THR E 68 22.35 -27.34 -30.80
N GLY E 69 23.16 -26.87 -29.85
CA GLY E 69 23.77 -27.72 -28.85
C GLY E 69 25.17 -28.16 -29.22
N GLY E 70 25.82 -28.87 -28.30
CA GLY E 70 27.22 -29.28 -28.45
C GLY E 70 27.56 -30.11 -29.66
N ASN E 71 26.71 -31.08 -30.00
CA ASN E 71 27.00 -32.00 -31.10
C ASN E 71 26.28 -31.67 -32.40
N ALA E 72 25.74 -30.46 -32.49
CA ALA E 72 25.13 -29.97 -33.73
C ALA E 72 26.17 -29.87 -34.86
N GLY E 73 27.43 -29.61 -34.48
CA GLY E 73 28.54 -29.60 -35.45
C GLY E 73 28.82 -30.98 -36.00
N VAL E 74 28.68 -32.00 -35.15
CA VAL E 74 28.89 -33.39 -35.55
C VAL E 74 27.80 -33.85 -36.54
N ILE E 75 26.59 -33.33 -36.39
CA ILE E 75 25.50 -33.65 -37.32
C ILE E 75 25.75 -32.96 -38.66
N ALA E 76 25.95 -31.65 -38.63
CA ALA E 76 26.25 -30.88 -39.85
C ALA E 76 27.41 -31.49 -40.64
N GLU E 77 28.43 -31.96 -39.93
CA GLU E 77 29.61 -32.60 -40.55
C GLU E 77 29.23 -33.76 -41.47
N ASN E 78 28.29 -34.58 -41.02
CA ASN E 78 27.94 -35.83 -41.70
C ASN E 78 26.55 -35.80 -42.31
N ILE E 79 26.08 -34.60 -42.64
CA ILE E 79 24.73 -34.41 -43.18
C ILE E 79 24.81 -33.71 -44.55
N ILE E 81 22.54 -32.15 -46.81
CA ILE E 81 21.67 -30.96 -46.71
C ILE E 81 22.25 -29.91 -45.76
N PRO E 82 21.96 -28.63 -46.00
CA PRO E 82 22.52 -27.59 -45.14
C PRO E 82 21.73 -27.47 -43.85
N ALA E 83 22.31 -26.78 -42.87
CA ALA E 83 21.66 -26.59 -41.58
C ALA E 83 22.19 -25.36 -40.85
N GLN E 84 21.25 -24.56 -40.34
CA GLN E 84 21.58 -23.42 -39.49
C GLN E 84 22.08 -23.97 -38.17
N ILE E 85 23.22 -23.48 -37.69
CA ILE E 85 23.65 -23.80 -36.32
C ILE E 85 23.41 -22.56 -35.47
N PHE E 86 22.65 -22.74 -34.38
CA PHE E 86 22.37 -21.65 -33.43
C PHE E 86 22.97 -21.98 -32.06
N VAL E 87 23.35 -20.94 -31.32
CA VAL E 87 23.90 -21.11 -29.98
C VAL E 87 22.77 -21.52 -29.01
N GLU E 88 23.03 -22.53 -28.20
CA GLU E 88 21.97 -23.19 -27.42
C GLU E 88 21.27 -22.32 -26.35
N PHE E 89 21.95 -21.29 -25.87
CA PHE E 89 21.35 -20.42 -24.85
C PHE E 89 20.20 -19.60 -25.41
N ASP E 90 20.38 -19.08 -26.64
CA ASP E 90 19.38 -18.26 -27.29
C ASP E 90 18.21 -19.09 -27.81
N ALA E 91 18.51 -20.31 -28.26
CA ALA E 91 17.47 -21.22 -28.71
C ALA E 91 16.62 -21.69 -27.53
N ALA E 92 17.30 -22.01 -26.43
CA ALA E 92 16.59 -22.42 -25.20
C ALA E 92 15.59 -21.36 -24.77
N SER E 93 16.03 -20.11 -24.69
CA SER E 93 15.19 -19.00 -24.23
C SER E 93 14.01 -18.74 -25.17
N GLN E 94 14.29 -18.77 -26.47
CA GLN E 94 13.28 -18.51 -27.50
C GLN E 94 12.16 -19.55 -27.44
N GLY E 95 12.53 -20.83 -27.46
CA GLY E 95 11.55 -21.93 -27.37
C GLY E 95 10.82 -21.95 -26.04
N LEU E 96 11.53 -21.63 -24.96
CA LEU E 96 10.89 -21.57 -23.64
C LEU E 96 9.84 -20.46 -23.60
N GLY E 97 10.19 -19.29 -24.10
CA GLY E 97 9.27 -18.15 -24.16
C GLY E 97 8.03 -18.46 -24.99
N ILE E 98 8.25 -19.11 -26.12
CA ILE E 98 7.16 -19.67 -26.93
C ILE E 98 6.30 -20.60 -26.10
N LEU E 99 6.92 -21.53 -25.39
CA LEU E 99 6.19 -22.55 -24.64
C LEU E 99 5.45 -21.97 -23.44
N LEU E 100 6.01 -20.95 -22.81
CA LEU E 100 5.34 -20.27 -21.70
C LEU E 100 4.00 -19.72 -22.17
N LYS E 101 4.02 -18.99 -23.28
CA LYS E 101 2.82 -18.40 -23.88
C LYS E 101 1.75 -19.42 -24.27
N GLU E 102 2.16 -20.55 -24.86
CA GLU E 102 1.22 -21.57 -25.34
C GLU E 102 0.48 -22.26 -24.20
N GLN E 103 1.13 -22.32 -23.03
CA GLN E 103 0.54 -22.91 -21.83
C GLN E 103 -0.05 -21.84 -20.90
N GLY E 104 -0.07 -20.59 -21.37
CA GLY E 104 -0.78 -19.51 -20.70
C GLY E 104 -0.07 -18.87 -19.53
N HIS E 105 1.25 -18.82 -19.58
CA HIS E 105 2.04 -18.23 -18.50
C HIS E 105 2.53 -16.84 -18.89
N ASP E 106 1.90 -15.82 -18.31
CA ASP E 106 2.19 -14.43 -18.60
C ASP E 106 3.31 -13.91 -17.68
N LEU E 107 4.51 -14.48 -17.84
CA LEU E 107 5.65 -14.15 -16.98
C LEU E 107 6.38 -12.93 -17.51
N ALA E 108 6.47 -11.89 -16.68
CA ALA E 108 7.08 -10.60 -17.07
C ALA E 108 8.58 -10.76 -17.26
N ASP E 109 9.21 -11.45 -16.32
CA ASP E 109 10.59 -11.86 -16.44
C ASP E 109 10.80 -13.09 -15.56
N TYR E 110 11.96 -13.71 -15.70
CA TYR E 110 12.24 -14.92 -14.94
C TYR E 110 13.69 -15.37 -15.05
N ILE E 111 14.12 -16.11 -14.04
CA ILE E 111 15.27 -16.98 -14.16
C ILE E 111 14.76 -18.26 -14.83
N PHE E 112 15.59 -18.87 -15.67
CA PHE E 112 15.36 -20.27 -16.01
C PHE E 112 16.62 -21.10 -15.84
N ALA E 113 16.45 -22.29 -15.26
CA ALA E 113 17.54 -23.17 -14.95
C ALA E 113 17.45 -24.38 -15.87
N ASN E 114 18.34 -24.41 -16.85
CA ASN E 114 18.45 -25.54 -17.75
C ASN E 114 19.29 -26.65 -17.13
N VAL E 115 18.62 -27.68 -16.61
CA VAL E 115 19.32 -28.81 -16.01
C VAL E 115 19.45 -29.94 -17.03
N GLY E 116 20.50 -29.86 -17.85
CA GLY E 116 20.79 -30.88 -18.85
C GLY E 116 21.82 -31.85 -18.29
N THR E 117 22.76 -32.28 -19.13
CA THR E 117 23.89 -33.07 -18.66
C THR E 117 24.59 -32.27 -17.57
N GLY E 118 24.75 -30.96 -17.82
CA GLY E 118 25.16 -29.98 -16.81
C GLY E 118 24.12 -28.87 -16.72
N THR E 119 24.21 -28.05 -15.68
CA THR E 119 23.20 -27.01 -15.44
C THR E 119 23.70 -25.62 -15.86
N SER E 120 22.90 -24.96 -16.69
CA SER E 120 23.17 -23.60 -17.13
C SER E 120 22.03 -22.68 -16.66
N LEU E 121 22.38 -21.48 -16.20
CA LEU E 121 21.44 -20.57 -15.58
C LEU E 121 21.37 -19.24 -16.30
N HIS E 122 20.16 -18.73 -16.49
CA HIS E 122 19.92 -17.56 -17.31
C HIS E 122 18.87 -16.63 -16.70
N TYR E 123 18.95 -15.35 -17.06
CA TYR E 123 17.94 -14.36 -16.71
C TYR E 123 17.34 -13.77 -17.98
N PHE E 124 16.04 -13.97 -18.16
CA PHE E 124 15.29 -13.38 -19.25
C PHE E 124 14.57 -12.13 -18.73
N ASP E 125 14.96 -10.97 -19.24
CA ASP E 125 14.43 -9.68 -18.76
C ASP E 125 13.09 -9.31 -19.38
N GLY E 126 12.66 -10.08 -20.38
CA GLY E 126 11.42 -9.82 -21.12
C GLY E 126 11.67 -9.63 -22.60
N GLN E 127 12.89 -9.20 -22.94
CA GLN E 127 13.30 -9.00 -24.31
C GLN E 127 14.25 -10.13 -24.74
N SER E 128 15.38 -10.22 -24.02
CA SER E 128 16.47 -11.14 -24.38
C SER E 128 17.02 -11.85 -23.15
N GLN E 129 17.77 -12.90 -23.35
CA GLN E 129 18.41 -13.64 -22.25
C GLN E 129 19.87 -13.36 -22.06
N ARG E 130 20.35 -13.72 -20.89
CA ARG E 130 21.75 -13.58 -20.52
C ARG E 130 22.11 -14.69 -19.56
N ARG E 131 23.30 -15.26 -19.70
CA ARG E 131 23.75 -16.33 -18.82
C ARG E 131 24.30 -15.75 -17.52
N VAL E 132 23.82 -16.26 -16.40
CA VAL E 132 24.13 -15.69 -15.08
C VAL E 132 24.86 -16.67 -14.16
N GLY E 133 25.25 -17.81 -14.71
CA GLY E 133 25.94 -18.84 -13.95
C GLY E 133 25.68 -20.22 -14.50
N GLY E 134 26.22 -21.21 -13.80
CA GLY E 134 26.06 -22.60 -14.19
C GLY E 134 26.90 -23.49 -13.31
N ILE E 135 26.68 -24.79 -13.39
CA ILE E 135 27.34 -25.73 -12.49
C ILE E 135 27.21 -27.18 -12.98
N GLY E 136 28.18 -28.01 -12.59
CA GLY E 136 28.28 -29.38 -13.08
C GLY E 136 27.41 -30.41 -12.38
N THR E 137 26.54 -29.93 -11.48
CA THR E 137 25.56 -30.76 -10.83
C THR E 137 24.27 -30.71 -11.66
N GLY E 138 24.07 -31.74 -12.48
CA GLY E 138 22.88 -31.84 -13.31
C GLY E 138 22.51 -33.30 -13.55
N GLY E 139 21.88 -33.56 -14.69
CA GLY E 139 21.48 -34.91 -15.08
C GLY E 139 22.64 -35.86 -15.28
N GLY E 140 23.81 -35.33 -15.64
CA GLY E 140 25.00 -36.14 -15.88
C GLY E 140 25.60 -36.71 -14.60
N MET E 141 25.44 -35.96 -13.50
CA MET E 141 25.91 -36.39 -12.20
C MET E 141 24.98 -37.43 -11.60
N ILE E 142 23.67 -37.21 -11.77
CA ILE E 142 22.66 -38.17 -11.34
C ILE E 142 22.95 -39.53 -11.96
N GLN E 143 23.26 -39.53 -13.26
CA GLN E 143 23.56 -40.77 -13.96
C GLN E 143 24.93 -41.33 -13.55
N GLY E 144 25.95 -40.47 -13.59
CA GLY E 144 27.33 -40.90 -13.40
C GLY E 144 27.66 -41.31 -11.97
N LEU E 145 27.38 -40.42 -11.02
CA LEU E 145 27.50 -40.77 -9.61
C LEU E 145 26.45 -41.83 -9.22
N GLY E 146 25.36 -41.90 -9.98
CA GLY E 146 24.36 -42.94 -9.78
C GLY E 146 24.92 -44.32 -10.08
N TYR E 147 25.68 -44.43 -11.16
CA TYR E 147 26.29 -45.69 -11.54
C TYR E 147 27.37 -46.17 -10.57
N LEU E 148 28.16 -45.25 -10.02
CA LEU E 148 29.24 -45.63 -9.12
C LEU E 148 28.74 -46.23 -7.80
N LEU E 149 27.56 -45.81 -7.38
CA LEU E 149 26.96 -46.25 -6.12
C LEU E 149 26.01 -47.45 -6.26
N SER E 150 25.39 -47.61 -7.43
CA SER E 150 24.42 -48.71 -7.65
C SER E 150 24.73 -49.63 -8.85
N GLN E 151 25.65 -49.20 -9.72
CA GLN E 151 25.96 -49.91 -10.97
C GLN E 151 24.75 -50.04 -11.91
N ILE E 152 23.84 -49.08 -11.83
CA ILE E 152 22.69 -49.02 -12.74
C ILE E 152 23.02 -48.08 -13.90
N THR E 153 22.92 -48.61 -15.11
CA THR E 153 23.16 -47.86 -16.33
C THR E 153 21.86 -47.28 -16.89
N ASP E 154 20.77 -48.01 -16.71
CA ASP E 154 19.48 -47.66 -17.31
C ASP E 154 18.78 -46.53 -16.55
N TYR E 155 18.48 -45.43 -17.24
CA TYR E 155 17.87 -44.25 -16.62
C TYR E 155 16.51 -44.53 -15.99
N LYS E 156 15.72 -45.37 -16.64
CA LYS E 156 14.39 -45.72 -16.14
C LYS E 156 14.53 -46.50 -14.85
N GLN E 157 15.38 -47.53 -14.85
CA GLN E 157 15.76 -48.23 -13.63
C GLN E 157 16.20 -47.23 -12.57
N LEU E 158 17.03 -46.28 -12.98
CA LEU E 158 17.63 -45.32 -12.04
C LEU E 158 16.57 -44.46 -11.36
N THR E 159 15.74 -43.78 -12.14
CA THR E 159 14.73 -42.88 -11.58
C THR E 159 13.68 -43.62 -10.77
N ASP E 160 13.08 -44.63 -11.39
CA ASP E 160 12.08 -45.48 -10.72
C ASP E 160 12.58 -45.96 -9.36
N MET E 161 13.80 -46.49 -9.34
CA MET E 161 14.45 -46.97 -8.12
C MET E 161 14.57 -45.87 -7.06
N ALA E 162 14.96 -44.67 -7.49
CA ALA E 162 15.23 -43.57 -6.57
C ALA E 162 13.98 -42.98 -5.91
N GLN E 163 12.82 -43.10 -6.55
CA GLN E 163 11.58 -42.56 -6.00
C GLN E 163 11.24 -43.20 -4.64
N HIS E 164 11.54 -44.48 -4.51
CA HIS E 164 11.17 -45.25 -3.31
C HIS E 164 12.28 -45.24 -2.26
N GLY E 165 13.30 -44.41 -2.44
CA GLY E 165 14.45 -44.37 -1.53
C GLY E 165 14.22 -43.47 -0.33
N ASP E 166 15.09 -43.63 0.68
CA ASP E 166 15.07 -42.80 1.88
C ASP E 166 16.47 -42.23 2.17
N ARG E 167 16.52 -40.96 2.58
CA ARG E 167 17.78 -40.25 2.73
C ARG E 167 18.20 -40.05 4.19
N ASN E 168 17.42 -40.58 5.14
CA ASN E 168 17.68 -40.33 6.57
C ASN E 168 18.98 -40.94 7.07
N THR E 169 19.28 -42.15 6.62
CA THR E 169 20.54 -42.80 6.96
C THR E 169 21.74 -42.15 6.27
N ILE E 170 21.50 -41.34 5.25
CA ILE E 170 22.60 -40.79 4.45
C ILE E 170 22.83 -39.29 4.66
N ASP E 171 21.76 -38.49 4.74
CA ASP E 171 21.88 -37.03 4.79
C ASP E 171 21.87 -36.48 6.21
N LEU E 172 22.87 -35.64 6.52
CA LEU E 172 22.95 -34.98 7.82
C LEU E 172 22.12 -33.70 7.83
N LYS E 173 21.21 -33.58 8.79
CA LYS E 173 20.44 -32.35 8.99
C LYS E 173 21.08 -31.53 10.10
N VAL E 174 20.63 -30.30 10.27
CA VAL E 174 21.21 -29.41 11.23
C VAL E 174 21.22 -29.99 12.65
N ARG E 175 22.41 -30.32 13.22
CA ARG E 175 22.52 -31.04 14.49
C ARG E 175 23.05 -30.13 15.60
N HIS E 176 22.12 -29.59 16.38
CA HIS E 176 22.42 -28.72 17.51
C HIS E 176 21.80 -29.30 18.77
N PRO E 183 19.54 -23.62 17.77
CA PRO E 183 19.62 -23.90 16.33
C PRO E 183 19.38 -22.64 15.49
N PRO E 184 20.47 -21.95 15.08
CA PRO E 184 20.40 -20.65 14.38
C PRO E 184 19.67 -20.64 13.01
N ILE E 185 19.46 -21.79 12.40
CA ILE E 185 18.68 -21.89 11.15
C ILE E 185 17.79 -23.13 11.21
N PRO E 186 16.70 -23.16 10.42
CA PRO E 186 15.72 -24.24 10.55
C PRO E 186 16.34 -25.63 10.64
N GLY E 187 15.85 -26.42 11.59
CA GLY E 187 16.43 -27.72 11.91
C GLY E 187 16.35 -28.76 10.81
N ASP E 188 15.31 -28.67 9.98
CA ASP E 188 15.02 -29.70 8.98
C ASP E 188 15.77 -29.49 7.65
N LEU E 189 16.57 -28.43 7.56
CA LEU E 189 17.42 -28.22 6.39
C LEU E 189 18.60 -29.19 6.41
N THR E 190 18.96 -29.69 5.23
CA THR E 190 20.14 -30.54 5.09
C THR E 190 21.40 -29.75 5.51
N ALA E 191 22.12 -30.25 6.50
CA ALA E 191 23.38 -29.63 6.92
C ALA E 191 24.50 -30.05 5.98
N ALA E 192 24.62 -31.36 5.79
CA ALA E 192 25.64 -31.93 4.91
C ALA E 192 25.05 -33.10 4.14
N ASN E 193 25.08 -33.03 2.81
CA ASN E 193 24.61 -34.14 1.96
C ASN E 193 25.59 -35.29 2.07
N PHE E 194 25.09 -36.49 2.32
CA PHE E 194 25.91 -37.67 2.59
C PHE E 194 26.61 -37.62 3.96
N GLY E 195 26.19 -36.69 4.82
CA GLY E 195 26.85 -36.46 6.09
C GLY E 195 26.52 -37.44 7.19
N HIS E 196 25.36 -38.10 7.09
CA HIS E 196 24.92 -39.03 8.12
C HIS E 196 25.54 -40.42 7.95
N VAL E 197 26.17 -40.66 6.80
CA VAL E 197 26.77 -41.95 6.46
C VAL E 197 27.72 -42.45 7.55
N LEU E 198 28.50 -41.54 8.12
CA LEU E 198 29.46 -41.89 9.18
C LEU E 198 28.82 -42.30 10.51
N HIS E 199 27.55 -41.96 10.71
CA HIS E 199 26.83 -42.36 11.92
C HIS E 199 26.02 -43.64 11.74
N HIS E 200 25.98 -44.13 10.50
CA HIS E 200 25.26 -45.36 10.15
C HIS E 200 26.22 -46.30 9.44
N LEU E 201 27.44 -46.38 9.95
CA LEU E 201 28.53 -47.10 9.27
C LEU E 201 28.26 -48.58 9.05
N ASP E 202 27.52 -49.18 9.98
CA ASP E 202 27.22 -50.60 9.94
C ASP E 202 25.89 -50.89 9.22
N ALA E 203 25.09 -49.85 9.02
CA ALA E 203 23.79 -49.96 8.37
C ALA E 203 23.92 -50.23 6.86
N ASP E 204 22.92 -50.90 6.30
CA ASP E 204 22.89 -51.19 4.86
C ASP E 204 22.53 -49.95 4.09
N PHE E 205 23.44 -49.50 3.23
CA PHE E 205 23.16 -48.40 2.31
C PHE E 205 22.60 -48.98 1.02
N THR E 206 21.27 -48.96 0.94
CA THR E 206 20.52 -49.63 -0.12
C THR E 206 20.57 -48.82 -1.42
N PRO E 207 20.65 -49.53 -2.58
CA PRO E 207 20.68 -48.89 -3.89
C PRO E 207 19.71 -47.71 -4.01
N SER E 208 18.46 -47.92 -3.63
CA SER E 208 17.43 -46.88 -3.73
C SER E 208 17.68 -45.67 -2.83
N ASN E 209 18.29 -45.89 -1.68
CA ASN E 209 18.53 -44.81 -0.71
C ASN E 209 19.70 -43.93 -1.13
N LYS E 210 20.77 -44.57 -1.61
CA LYS E 210 21.91 -43.87 -2.16
C LYS E 210 21.56 -43.05 -3.42
N LEU E 211 20.68 -43.59 -4.27
CA LEU E 211 20.24 -42.87 -5.46
C LEU E 211 19.40 -41.63 -5.13
N ALA E 212 18.52 -41.77 -4.15
CA ALA E 212 17.69 -40.65 -3.70
C ALA E 212 18.53 -39.48 -3.20
N ALA E 213 19.61 -39.78 -2.48
CA ALA E 213 20.51 -38.75 -1.96
C ALA E 213 21.32 -38.08 -3.08
N VAL E 214 21.66 -38.84 -4.11
CA VAL E 214 22.34 -38.26 -5.27
C VAL E 214 21.42 -37.27 -5.97
N ILE E 215 20.18 -37.68 -6.25
CA ILE E 215 19.18 -36.75 -6.76
C ILE E 215 18.97 -35.63 -5.78
N GLY E 216 18.98 -35.97 -4.49
CA GLY E 216 18.88 -34.98 -3.42
C GLY E 216 19.85 -33.82 -3.58
N VAL E 217 21.15 -34.11 -3.58
CA VAL E 217 22.16 -33.05 -3.61
C VAL E 217 22.11 -32.23 -4.90
N VAL E 218 21.96 -32.90 -6.04
CA VAL E 218 21.89 -32.20 -7.33
C VAL E 218 20.76 -31.17 -7.28
N GLY E 219 19.57 -31.62 -6.89
CA GLY E 219 18.43 -30.72 -6.77
C GLY E 219 18.71 -29.56 -5.85
N GLU E 220 19.25 -29.85 -4.66
CA GLU E 220 19.53 -28.83 -3.66
C GLU E 220 20.54 -27.79 -4.14
N VAL E 221 21.62 -28.25 -4.76
CA VAL E 221 22.62 -27.32 -5.30
C VAL E 221 22.01 -26.44 -6.37
N VAL E 222 21.31 -27.07 -7.31
CA VAL E 222 20.74 -26.36 -8.46
C VAL E 222 19.74 -25.29 -8.03
N THR E 223 18.90 -25.61 -7.05
CA THR E 223 17.91 -24.67 -6.56
C THR E 223 18.55 -23.55 -5.73
N THR E 224 19.63 -23.87 -5.01
CA THR E 224 20.36 -22.86 -4.25
C THR E 224 20.91 -21.82 -5.22
N MET E 225 21.49 -22.29 -6.31
CA MET E 225 21.98 -21.40 -7.38
C MET E 225 20.84 -20.62 -8.02
N ALA E 226 19.71 -21.29 -8.23
CA ALA E 226 18.53 -20.70 -8.87
C ALA E 226 17.98 -19.51 -8.09
N ILE E 227 17.74 -19.70 -6.80
CA ILE E 227 17.17 -18.63 -5.96
C ILE E 227 18.15 -17.47 -5.73
N THR E 228 19.44 -17.78 -5.62
CA THR E 228 20.46 -16.77 -5.34
C THR E 228 20.56 -15.76 -6.48
N VAL E 229 20.50 -16.24 -7.72
CA VAL E 229 20.51 -15.35 -8.88
C VAL E 229 19.15 -14.68 -9.11
N ALA E 230 18.06 -15.39 -8.80
CA ALA E 230 16.71 -14.82 -8.88
C ALA E 230 16.61 -13.64 -7.93
N ARG E 231 17.09 -13.84 -6.70
CA ARG E 231 17.23 -12.78 -5.71
C ARG E 231 18.09 -11.64 -6.27
N GLU E 232 19.26 -12.00 -6.80
CA GLU E 232 20.23 -11.05 -7.34
C GLU E 232 19.65 -10.15 -8.43
N PHE E 233 18.95 -10.75 -9.38
CA PHE E 233 18.35 -10.01 -10.51
C PHE E 233 16.93 -9.52 -10.23
N LYS E 234 16.51 -9.62 -8.97
CA LYS E 234 15.27 -8.98 -8.48
C LYS E 234 13.99 -9.59 -9.07
N THR E 235 13.99 -10.91 -9.25
CA THR E 235 12.80 -11.59 -9.76
C THR E 235 12.36 -12.75 -8.86
N GLU E 236 11.06 -13.02 -8.86
CA GLU E 236 10.46 -14.10 -8.09
C GLU E 236 10.30 -15.39 -8.91
N ASN E 237 10.31 -15.27 -10.22
CA ASN E 237 9.99 -16.40 -11.11
C ASN E 237 11.23 -17.21 -11.53
N ILE E 238 11.19 -18.51 -11.27
CA ILE E 238 12.22 -19.45 -11.74
C ILE E 238 11.56 -20.57 -12.57
N VAL E 239 11.97 -20.69 -13.83
CA VAL E 239 11.48 -21.73 -14.73
C VAL E 239 12.51 -22.86 -14.89
N TYR E 240 12.12 -24.08 -14.52
CA TYR E 240 13.03 -25.22 -14.58
C TYR E 240 12.77 -26.06 -15.82
N ILE E 241 13.75 -26.10 -16.72
CA ILE E 241 13.69 -27.00 -17.89
C ILE E 241 14.88 -27.96 -17.86
N GLY E 242 14.89 -28.91 -18.80
CA GLY E 242 15.89 -29.96 -18.84
C GLY E 242 15.24 -31.34 -18.82
N SER E 243 15.89 -32.31 -19.46
CA SER E 243 15.39 -33.69 -19.45
C SER E 243 15.69 -34.38 -18.11
N SER E 244 16.57 -33.80 -17.30
CA SER E 244 16.82 -34.30 -15.94
C SER E 244 15.53 -34.46 -15.14
N PHE E 245 14.58 -33.54 -15.34
CA PHE E 245 13.26 -33.61 -14.70
C PHE E 245 12.28 -34.63 -15.32
N HIS E 246 12.64 -35.23 -16.45
CA HIS E 246 11.74 -36.11 -17.19
C HIS E 246 11.65 -37.49 -16.54
N ASN E 247 10.44 -37.86 -16.11
CA ASN E 247 10.19 -39.07 -15.31
C ASN E 247 11.01 -39.13 -14.02
N ASN E 248 11.04 -38.01 -13.28
CA ASN E 248 11.80 -37.91 -12.04
C ASN E 248 11.14 -36.91 -11.07
N ALA E 249 10.13 -37.38 -10.37
CA ALA E 249 9.34 -36.53 -9.46
C ALA E 249 10.11 -36.15 -8.19
N LEU E 250 11.07 -36.99 -7.80
CA LEU E 250 11.92 -36.71 -6.65
C LEU E 250 12.68 -35.42 -6.89
N LEU E 251 13.37 -35.37 -8.02
CA LEU E 251 14.14 -34.19 -8.41
C LEU E 251 13.22 -32.99 -8.50
N ARG E 252 12.09 -33.16 -9.18
CA ARG E 252 11.10 -32.10 -9.35
C ARG E 252 10.57 -31.60 -7.98
N LYS E 253 10.27 -32.53 -7.08
CA LYS E 253 9.73 -32.17 -5.76
C LYS E 253 10.76 -31.44 -4.89
N VAL E 254 11.94 -32.03 -4.77
CA VAL E 254 13.03 -31.44 -3.98
C VAL E 254 13.23 -29.99 -4.38
N VAL E 255 13.37 -29.75 -5.69
CA VAL E 255 13.63 -28.39 -6.19
C VAL E 255 12.41 -27.47 -6.12
N GLU E 256 11.20 -28.02 -6.22
CA GLU E 256 9.99 -27.22 -6.09
C GLU E 256 9.79 -26.72 -4.67
N ASP E 257 9.96 -27.61 -3.70
CA ASP E 257 9.75 -27.26 -2.29
C ASP E 257 10.72 -26.20 -1.79
N TYR E 258 12.00 -26.37 -2.13
CA TYR E 258 13.01 -25.41 -1.69
C TYR E 258 12.85 -24.06 -2.40
N THR E 259 12.41 -24.09 -3.66
CA THR E 259 12.09 -22.87 -4.41
C THR E 259 10.97 -22.09 -3.70
N VAL E 260 9.98 -22.82 -3.19
CA VAL E 260 8.84 -22.20 -2.50
C VAL E 260 9.24 -21.75 -1.08
N LEU E 261 10.10 -22.54 -0.43
CA LEU E 261 10.60 -22.19 0.90
C LEU E 261 11.24 -20.80 0.90
N ARG E 262 11.97 -20.50 -0.17
CA ARG E 262 12.72 -19.24 -0.27
C ARG E 262 11.92 -18.08 -0.90
N GLY E 263 10.62 -18.28 -1.11
CA GLY E 263 9.75 -17.20 -1.54
C GLY E 263 9.82 -16.87 -3.02
N CYS E 264 10.29 -17.82 -3.82
CA CYS E 264 10.24 -17.69 -5.27
C CYS E 264 9.17 -18.64 -5.83
N LYS E 265 8.80 -18.41 -7.09
CA LYS E 265 7.71 -19.15 -7.72
C LYS E 265 8.22 -20.08 -8.81
N PRO E 266 8.10 -21.41 -8.58
CA PRO E 266 8.62 -22.39 -9.53
C PRO E 266 7.70 -22.56 -10.73
N TYR E 267 8.28 -22.81 -11.90
CA TYR E 267 7.53 -23.07 -13.12
C TYR E 267 8.13 -24.24 -13.91
N TYR E 268 7.33 -25.29 -14.11
CA TYR E 268 7.64 -26.33 -15.09
C TYR E 268 6.68 -26.18 -16.26
N VAL E 269 7.13 -26.63 -17.44
CA VAL E 269 6.32 -26.53 -18.67
C VAL E 269 6.36 -27.83 -19.47
N GLU E 270 5.25 -28.12 -20.16
CA GLU E 270 5.16 -29.30 -21.03
C GLU E 270 6.22 -29.17 -22.12
N ASN E 271 7.01 -30.23 -22.26
CA ASN E 271 8.07 -30.31 -23.28
C ASN E 271 9.13 -29.21 -23.14
N GLY E 272 9.43 -28.86 -21.88
CA GLY E 272 10.45 -27.88 -21.56
C GLY E 272 11.84 -28.37 -21.94
N ALA E 273 12.03 -29.68 -21.95
CA ALA E 273 13.28 -30.29 -22.41
C ALA E 273 13.55 -30.04 -23.88
N PHE E 274 12.48 -29.75 -24.62
CA PHE E 274 12.58 -29.47 -26.06
C PHE E 274 12.68 -27.98 -26.41
N SER E 275 13.00 -27.14 -25.42
CA SER E 275 12.99 -25.68 -25.63
C SER E 275 13.97 -25.23 -26.72
N GLY E 276 15.18 -25.79 -26.68
CA GLY E 276 16.21 -25.48 -27.66
C GLY E 276 15.85 -25.94 -29.06
N ALA E 277 15.33 -27.16 -29.15
CA ALA E 277 14.91 -27.74 -30.42
C ALA E 277 13.85 -26.85 -31.09
N ILE E 278 12.83 -26.47 -30.33
CA ILE E 278 11.77 -25.57 -30.81
C ILE E 278 12.32 -24.17 -31.14
N GLY E 279 13.13 -23.64 -30.23
CA GLY E 279 13.66 -22.29 -30.37
C GLY E 279 14.46 -22.04 -31.63
N ALA E 280 15.22 -23.03 -32.07
CA ALA E 280 16.11 -22.91 -33.24
C ALA E 280 15.36 -22.73 -34.56
N LEU E 281 14.09 -23.13 -34.58
CA LEU E 281 13.23 -22.92 -35.73
C LEU E 281 12.68 -21.50 -35.84
N TYR E 282 12.85 -20.69 -34.78
CA TYR E 282 12.30 -19.33 -34.74
C TYR E 282 13.34 -18.27 -34.36
N LEU E 283 14.59 -18.51 -34.71
CA LEU E 283 15.66 -17.55 -34.50
C LEU E 283 16.00 -16.75 -35.77
N GLU E 284 15.26 -17.01 -36.85
CA GLU E 284 15.42 -16.25 -38.07
C GLU E 284 14.99 -14.79 -37.90
N MET F 19 44.70 -20.11 32.83
CA MET F 19 44.42 -19.89 31.38
C MET F 19 42.92 -19.78 31.10
N LYS F 20 42.59 -19.14 29.98
CA LYS F 20 41.21 -19.11 29.50
C LYS F 20 41.10 -19.90 28.21
N VAL F 21 39.92 -20.47 27.96
CA VAL F 21 39.73 -21.44 26.88
C VAL F 21 38.60 -21.02 25.94
N GLY F 22 38.78 -21.33 24.66
CA GLY F 22 37.75 -21.13 23.64
C GLY F 22 37.54 -22.44 22.91
N ILE F 23 36.27 -22.85 22.80
CA ILE F 23 35.93 -24.13 22.18
C ILE F 23 34.83 -23.95 21.13
N ASP F 24 35.09 -24.48 19.94
CA ASP F 24 34.07 -24.54 18.90
C ASP F 24 33.75 -26.01 18.65
N ALA F 25 32.64 -26.46 19.24
CA ALA F 25 32.20 -27.85 19.12
C ALA F 25 31.29 -28.01 17.91
N GLY F 26 31.90 -28.35 16.78
CA GLY F 26 31.18 -28.49 15.52
C GLY F 26 30.50 -29.83 15.37
N GLY F 27 30.06 -30.12 14.14
CA GLY F 27 29.39 -31.39 13.84
C GLY F 27 30.34 -32.55 13.68
N THR F 28 31.62 -32.26 13.39
CA THR F 28 32.61 -33.31 13.19
C THR F 28 33.83 -33.16 14.10
N LEU F 29 34.27 -31.91 14.33
CA LEU F 29 35.46 -31.64 15.13
C LEU F 29 35.19 -30.62 16.22
N ILE F 30 35.90 -30.77 17.33
CA ILE F 30 35.87 -29.81 18.42
C ILE F 30 37.20 -29.08 18.43
N LYS F 31 37.17 -27.80 18.05
CA LYS F 31 38.37 -26.98 18.00
C LYS F 31 38.53 -26.27 19.34
N ILE F 32 39.72 -26.40 19.94
CA ILE F 32 39.98 -25.90 21.28
C ILE F 32 41.18 -24.96 21.25
N VAL F 33 41.00 -23.75 21.74
CA VAL F 33 42.07 -22.75 21.79
C VAL F 33 42.35 -22.37 23.24
N GLN F 34 43.62 -22.46 23.63
CA GLN F 34 44.08 -22.04 24.96
C GLN F 34 44.94 -20.79 24.81
N GLU F 35 44.54 -19.71 25.47
CA GLU F 35 45.30 -18.47 25.46
C GLU F 35 45.93 -18.20 26.82
N GLN F 36 47.25 -18.01 26.82
CA GLN F 36 48.02 -17.81 28.04
C GLN F 36 49.35 -17.17 27.70
N ASP F 37 49.67 -16.07 28.38
CA ASP F 37 50.93 -15.33 28.17
C ASP F 37 51.10 -14.86 26.72
N ASN F 38 50.03 -14.29 26.16
CA ASN F 38 50.02 -13.74 24.80
C ASN F 38 50.34 -14.74 23.70
N GLN F 39 49.94 -16.00 23.91
CA GLN F 39 50.25 -17.08 22.96
C GLN F 39 49.11 -18.10 22.88
N ARG F 40 48.85 -18.58 21.66
CA ARG F 40 47.79 -19.55 21.40
C ARG F 40 48.33 -20.96 21.26
N THR F 41 47.68 -21.90 21.96
CA THR F 41 47.87 -23.33 21.70
C THR F 41 46.62 -23.81 20.97
N PHE F 42 46.81 -24.71 20.00
CA PHE F 42 45.71 -25.25 19.21
C PHE F 42 45.54 -26.75 19.48
N LYS F 43 44.31 -27.15 19.75
CA LYS F 43 43.99 -28.56 20.06
C LYS F 43 42.69 -28.98 19.37
N THR F 44 42.64 -30.23 18.93
CA THR F 44 41.53 -30.75 18.14
C THR F 44 41.11 -32.14 18.60
N GLU F 45 39.81 -32.38 18.63
CA GLU F 45 39.26 -33.71 18.92
C GLU F 45 38.02 -33.96 18.08
N LEU F 46 37.75 -35.24 17.82
CA LEU F 46 36.56 -35.65 17.08
C LEU F 46 35.31 -35.45 17.92
N THR F 47 34.29 -34.83 17.34
CA THR F 47 33.01 -34.60 18.03
C THR F 47 32.42 -35.92 18.54
N LYS F 48 32.67 -37.01 17.80
CA LYS F 48 32.24 -38.34 18.23
C LYS F 48 32.84 -38.71 19.60
N ASN F 49 34.00 -38.12 19.91
CA ASN F 49 34.67 -38.31 21.19
C ASN F 49 34.49 -37.12 22.13
N ILE F 50 33.29 -36.52 22.12
CA ILE F 50 33.03 -35.31 22.92
C ILE F 50 33.04 -35.55 24.44
N ASP F 51 32.86 -36.81 24.85
CA ASP F 51 32.95 -37.18 26.26
C ASP F 51 34.39 -37.08 26.76
N GLN F 52 35.37 -37.30 25.86
CA GLN F 52 36.78 -37.15 26.21
C GLN F 52 37.18 -35.69 26.40
N VAL F 53 36.39 -34.77 25.84
CA VAL F 53 36.61 -33.34 26.04
C VAL F 53 35.95 -32.87 27.34
N VAL F 54 34.83 -33.49 27.72
CA VAL F 54 34.23 -33.25 29.04
C VAL F 54 35.23 -33.62 30.12
N GLU F 55 35.77 -34.84 30.04
CA GLU F 55 36.81 -35.31 30.95
C GLU F 55 37.97 -34.34 30.98
N TRP F 56 38.50 -34.02 29.80
CA TRP F 56 39.67 -33.14 29.69
C TRP F 56 39.45 -31.78 30.33
N LEU F 57 38.25 -31.22 30.17
CA LEU F 57 37.92 -29.91 30.76
C LEU F 57 37.90 -29.94 32.27
N ASN F 58 37.33 -31.00 32.84
CA ASN F 58 37.22 -31.16 34.29
C ASN F 58 38.57 -31.36 34.97
N GLN F 59 39.54 -31.89 34.23
CA GLN F 59 40.90 -32.09 34.74
C GLN F 59 41.80 -30.84 34.62
N GLN F 60 41.29 -29.76 34.03
CA GLN F 60 42.11 -28.57 33.75
C GLN F 60 41.80 -27.37 34.65
N GLN F 61 42.71 -26.40 34.63
CA GLN F 61 42.59 -25.15 35.37
C GLN F 61 42.72 -23.96 34.41
N LEU F 65 36.50 -20.02 29.94
CA LEU F 65 35.81 -20.99 29.09
C LEU F 65 34.71 -20.34 28.26
N CYS F 66 34.92 -20.27 26.95
CA CYS F 66 33.96 -19.67 26.02
C CYS F 66 33.60 -20.67 24.94
N LEU F 67 32.31 -20.77 24.63
CA LEU F 67 31.81 -21.86 23.78
C LEU F 67 31.04 -21.38 22.56
N THR F 68 31.05 -22.20 21.52
CA THR F 68 30.22 -22.00 20.33
C THR F 68 30.07 -23.30 19.55
N GLY F 69 29.09 -23.33 18.64
CA GLY F 69 28.88 -24.47 17.76
C GLY F 69 27.71 -25.36 18.19
N GLY F 70 27.36 -26.30 17.32
CA GLY F 70 26.19 -27.15 17.52
C GLY F 70 26.22 -28.09 18.72
N ASN F 71 27.41 -28.49 19.13
CA ASN F 71 27.59 -29.32 20.32
C ASN F 71 28.16 -28.51 21.48
N ALA F 72 27.71 -27.26 21.60
CA ALA F 72 28.14 -26.40 22.70
C ALA F 72 27.35 -26.72 23.97
N GLY F 73 26.05 -26.96 23.79
CA GLY F 73 25.16 -27.28 24.90
C GLY F 73 25.54 -28.54 25.67
N VAL F 74 25.99 -29.56 24.94
CA VAL F 74 26.42 -30.82 25.57
C VAL F 74 27.65 -30.63 26.46
N ILE F 75 28.55 -29.74 26.06
CA ILE F 75 29.73 -29.41 26.87
C ILE F 75 29.34 -28.44 28.00
N ALA F 76 28.43 -27.51 27.70
CA ALA F 76 27.94 -26.54 28.69
C ALA F 76 27.21 -27.22 29.85
N GLU F 77 26.53 -28.32 29.55
CA GLU F 77 25.79 -29.07 30.55
C GLU F 77 26.71 -30.04 31.29
N ASN F 78 27.37 -30.92 30.53
CA ASN F 78 28.25 -31.94 31.12
C ASN F 78 29.60 -31.35 31.57
N ILE F 79 29.60 -30.61 32.68
CA ILE F 79 30.78 -29.86 33.09
C ILE F 79 30.71 -29.38 34.54
N ASN F 80 31.86 -29.13 35.14
CA ASN F 80 31.96 -28.60 36.50
C ASN F 80 32.51 -27.17 36.53
N ILE F 81 31.95 -26.30 35.69
CA ILE F 81 32.36 -24.89 35.65
C ILE F 81 31.33 -24.07 34.87
N PRO F 82 31.23 -22.76 35.17
CA PRO F 82 30.36 -21.91 34.34
C PRO F 82 30.94 -21.67 32.94
N ALA F 83 30.06 -21.73 31.94
CA ALA F 83 30.45 -21.49 30.55
C ALA F 83 29.53 -20.47 29.89
N GLN F 84 30.06 -19.77 28.89
CA GLN F 84 29.33 -18.72 28.19
C GLN F 84 29.23 -19.03 26.70
N ILE F 85 28.02 -19.33 26.24
CA ILE F 85 27.79 -19.72 24.85
C ILE F 85 27.56 -18.49 23.97
N PHE F 86 28.15 -18.52 22.77
CA PHE F 86 27.95 -17.47 21.77
C PHE F 86 27.41 -18.06 20.46
N VAL F 87 26.96 -17.20 19.57
CA VAL F 87 26.39 -17.63 18.27
C VAL F 87 27.52 -18.02 17.31
N GLU F 88 27.34 -19.15 16.63
CA GLU F 88 28.38 -19.73 15.77
C GLU F 88 28.97 -18.79 14.72
N PHE F 89 28.15 -17.93 14.13
CA PHE F 89 28.56 -17.14 12.96
C PHE F 89 29.35 -15.87 13.29
N ASP F 90 28.96 -15.19 14.35
CA ASP F 90 29.67 -13.99 14.79
C ASP F 90 31.05 -14.36 15.35
N ALA F 91 31.12 -15.43 16.13
CA ALA F 91 32.40 -15.93 16.64
C ALA F 91 33.39 -16.15 15.48
N ALA F 92 32.97 -16.93 14.48
CA ALA F 92 33.84 -17.23 13.33
C ALA F 92 34.33 -15.94 12.67
N SER F 93 33.37 -15.06 12.38
CA SER F 93 33.65 -13.74 11.79
C SER F 93 34.69 -12.95 12.59
N GLN F 94 34.50 -12.92 13.91
CA GLN F 94 35.37 -12.16 14.81
C GLN F 94 36.75 -12.78 14.92
N GLY F 95 36.81 -14.10 14.99
CA GLY F 95 38.09 -14.81 15.04
C GLY F 95 38.85 -14.68 13.74
N LEU F 96 38.12 -14.65 12.63
CA LEU F 96 38.72 -14.51 11.31
C LEU F 96 39.35 -13.13 11.14
N GLY F 97 38.65 -12.10 11.60
CA GLY F 97 39.16 -10.72 11.55
C GLY F 97 40.46 -10.54 12.29
N ILE F 98 40.59 -11.20 13.43
CA ILE F 98 41.83 -11.17 14.22
C ILE F 98 42.97 -11.85 13.47
N LEU F 99 42.70 -13.03 12.91
CA LEU F 99 43.73 -13.82 12.22
C LEU F 99 44.23 -13.17 10.93
N LEU F 100 43.39 -12.39 10.27
CA LEU F 100 43.79 -11.68 9.05
C LEU F 100 44.83 -10.60 9.36
N LYS F 101 44.50 -9.70 10.29
CA LYS F 101 45.41 -8.62 10.70
C LYS F 101 46.75 -9.16 11.16
N GLU F 102 46.73 -10.26 11.90
CA GLU F 102 47.95 -10.92 12.38
C GLU F 102 48.83 -11.40 11.23
N GLN F 103 48.22 -11.99 10.21
CA GLN F 103 48.96 -12.63 9.13
C GLN F 103 49.22 -11.71 7.92
N GLY F 104 48.93 -10.42 8.09
CA GLY F 104 49.36 -9.39 7.14
C GLY F 104 48.36 -9.08 6.03
N HIS F 105 47.10 -8.89 6.41
CA HIS F 105 46.04 -8.59 5.45
C HIS F 105 45.14 -7.47 5.96
N ASP F 106 44.91 -6.47 5.10
CA ASP F 106 44.01 -5.36 5.39
C ASP F 106 42.90 -5.36 4.34
N LEU F 107 41.73 -5.87 4.73
CA LEU F 107 40.59 -5.95 3.82
C LEU F 107 39.44 -5.12 4.37
N ALA F 108 38.92 -4.22 3.53
CA ALA F 108 37.75 -3.42 3.89
C ALA F 108 36.50 -4.27 4.02
N ASP F 109 36.41 -5.30 3.18
CA ASP F 109 35.29 -6.22 3.16
C ASP F 109 35.65 -7.52 2.44
N TYR F 110 34.91 -8.59 2.73
CA TYR F 110 35.14 -9.88 2.09
C TYR F 110 33.98 -10.84 2.29
N ILE F 111 33.83 -11.77 1.35
CA ILE F 111 33.00 -12.94 1.57
C ILE F 111 33.87 -13.91 2.36
N PHE F 112 33.27 -14.68 3.25
CA PHE F 112 33.98 -15.81 3.83
C PHE F 112 33.11 -17.05 3.86
N ALA F 113 33.70 -18.16 3.41
CA ALA F 113 33.03 -19.44 3.34
C ALA F 113 33.59 -20.34 4.43
N ASN F 114 32.70 -20.82 5.30
CA ASN F 114 33.06 -21.76 6.33
C ASN F 114 32.79 -23.14 5.80
N VAL F 115 33.85 -23.83 5.38
CA VAL F 115 33.70 -25.16 4.80
C VAL F 115 33.96 -26.17 5.91
N GLY F 116 32.89 -26.44 6.67
CA GLY F 116 32.93 -27.42 7.75
C GLY F 116 32.22 -28.69 7.31
N THR F 117 31.59 -29.37 8.26
CA THR F 117 30.73 -30.50 7.94
C THR F 117 29.84 -30.09 6.77
N GLY F 118 29.14 -28.96 6.94
CA GLY F 118 28.43 -28.30 5.85
C GLY F 118 29.03 -26.92 5.64
N THR F 119 28.63 -26.25 4.56
CA THR F 119 29.23 -24.97 4.16
C THR F 119 28.32 -23.77 4.38
N SER F 120 28.86 -22.74 5.05
CA SER F 120 28.12 -21.52 5.37
C SER F 120 28.83 -20.29 4.79
N LEU F 121 28.08 -19.44 4.09
CA LEU F 121 28.66 -18.27 3.42
C LEU F 121 28.23 -16.99 4.10
N HIS F 122 29.15 -16.03 4.16
CA HIS F 122 28.97 -14.81 4.92
C HIS F 122 29.56 -13.60 4.20
N TYR F 123 29.02 -12.42 4.48
CA TYR F 123 29.53 -11.17 3.95
C TYR F 123 29.91 -10.24 5.10
N PHE F 124 31.20 -9.95 5.21
CA PHE F 124 31.69 -9.02 6.23
C PHE F 124 31.89 -7.67 5.59
N ASP F 125 31.10 -6.68 6.03
CA ASP F 125 31.12 -5.33 5.44
C ASP F 125 32.20 -4.41 6.02
N GLY F 126 33.02 -4.94 6.93
CA GLY F 126 33.99 -4.13 7.66
C GLY F 126 33.62 -4.01 9.12
N GLN F 127 32.31 -4.06 9.41
CA GLN F 127 31.80 -3.99 10.78
C GLN F 127 31.31 -5.35 11.27
N SER F 128 30.30 -5.88 10.60
CA SER F 128 29.62 -7.11 11.05
C SER F 128 29.33 -8.09 9.91
N GLN F 129 29.27 -9.37 10.26
CA GLN F 129 29.02 -10.44 9.29
C GLN F 129 27.55 -10.53 8.95
N ARG F 130 27.26 -11.23 7.85
CA ARG F 130 25.89 -11.49 7.43
C ARG F 130 25.86 -12.79 6.62
N ARG F 131 25.04 -13.74 7.05
CA ARG F 131 24.91 -14.99 6.33
C ARG F 131 24.11 -14.75 5.05
N VAL F 132 24.72 -15.07 3.91
CA VAL F 132 24.12 -14.84 2.59
C VAL F 132 23.84 -16.15 1.87
N GLY F 133 23.86 -17.25 2.62
CA GLY F 133 23.52 -18.55 2.06
C GLY F 133 24.38 -19.67 2.61
N GLY F 134 24.01 -20.89 2.27
CA GLY F 134 24.74 -22.07 2.66
C GLY F 134 24.39 -23.22 1.73
N ILE F 135 25.09 -24.33 1.91
CA ILE F 135 24.93 -25.47 1.04
C ILE F 135 25.53 -26.70 1.71
N GLY F 136 24.89 -27.85 1.50
CA GLY F 136 25.31 -29.08 2.15
C GLY F 136 26.50 -29.79 1.54
N THR F 137 27.14 -29.15 0.55
CA THR F 137 28.36 -29.66 -0.02
C THR F 137 29.50 -29.17 0.85
N GLY F 138 30.18 -30.11 1.50
CA GLY F 138 31.28 -29.75 2.40
C GLY F 138 32.12 -30.93 2.84
N GLY F 139 32.81 -30.74 3.96
CA GLY F 139 33.63 -31.78 4.56
C GLY F 139 32.84 -33.03 4.93
N GLY F 140 31.61 -32.83 5.38
CA GLY F 140 30.72 -33.94 5.74
C GLY F 140 30.39 -34.81 4.54
N MET F 141 30.23 -34.18 3.38
CA MET F 141 30.01 -34.89 2.13
C MET F 141 31.27 -35.64 1.69
N ILE F 142 32.42 -34.96 1.75
CA ILE F 142 33.71 -35.58 1.38
C ILE F 142 33.90 -36.90 2.14
N GLN F 143 33.71 -36.87 3.44
CA GLN F 143 33.82 -38.06 4.26
C GLN F 143 32.78 -39.13 3.93
N GLY F 144 31.52 -38.72 3.84
CA GLY F 144 30.40 -39.64 3.70
C GLY F 144 30.26 -40.28 2.32
N LEU F 145 30.25 -39.45 1.29
CA LEU F 145 30.22 -39.94 -0.08
C LEU F 145 31.57 -40.59 -0.43
N GLY F 146 32.62 -40.17 0.26
CA GLY F 146 33.94 -40.76 0.11
C GLY F 146 34.02 -42.17 0.65
N TYR F 147 33.40 -42.41 1.81
CA TYR F 147 33.28 -43.77 2.33
C TYR F 147 32.48 -44.64 1.36
N LEU F 148 31.29 -44.16 0.97
CA LEU F 148 30.41 -44.93 0.08
C LEU F 148 31.09 -45.43 -1.20
N LEU F 149 32.07 -44.68 -1.70
CA LEU F 149 32.76 -45.02 -2.95
C LEU F 149 34.10 -45.73 -2.74
N SER F 150 34.74 -45.53 -1.58
CA SER F 150 36.06 -46.14 -1.30
C SER F 150 36.03 -47.24 -0.23
N GLN F 151 35.12 -47.08 0.74
CA GLN F 151 35.02 -47.93 1.94
C GLN F 151 36.06 -47.60 3.02
N ILE F 152 36.62 -46.39 2.93
CA ILE F 152 37.57 -45.85 3.90
C ILE F 152 36.86 -44.90 4.86
N THR F 153 37.15 -45.01 6.15
CA THR F 153 36.57 -44.13 7.17
C THR F 153 37.59 -43.22 7.87
N ASP F 154 38.88 -43.53 7.74
CA ASP F 154 39.93 -42.70 8.32
C ASP F 154 40.18 -41.47 7.46
N TYR F 155 40.09 -40.28 8.06
CA TYR F 155 40.21 -39.02 7.30
C TYR F 155 41.55 -38.84 6.60
N LYS F 156 42.64 -39.00 7.35
CA LYS F 156 44.00 -38.85 6.82
C LYS F 156 44.23 -39.79 5.64
N GLN F 157 43.70 -41.01 5.77
CA GLN F 157 43.78 -42.00 4.72
C GLN F 157 42.93 -41.59 3.51
N LEU F 158 41.70 -41.17 3.78
CA LEU F 158 40.76 -40.77 2.72
C LEU F 158 41.35 -39.66 1.85
N THR F 159 41.89 -38.63 2.50
CA THR F 159 42.44 -37.47 1.81
C THR F 159 43.74 -37.77 1.05
N ASP F 160 44.66 -38.50 1.68
CA ASP F 160 45.94 -38.87 1.03
C ASP F 160 45.71 -39.63 -0.26
N MET F 161 44.77 -40.57 -0.25
CA MET F 161 44.40 -41.33 -1.45
C MET F 161 43.94 -40.38 -2.56
N ALA F 162 43.14 -39.38 -2.20
CA ALA F 162 42.55 -38.46 -3.17
C ALA F 162 43.55 -37.62 -3.96
N GLN F 163 44.74 -37.40 -3.40
CA GLN F 163 45.75 -36.55 -4.05
C GLN F 163 46.36 -37.23 -5.28
N HIS F 164 46.36 -38.57 -5.29
CA HIS F 164 46.85 -39.32 -6.46
C HIS F 164 45.78 -39.48 -7.54
N GLY F 165 44.59 -38.90 -7.33
CA GLY F 165 43.46 -39.09 -8.22
C GLY F 165 43.52 -38.25 -9.48
N ASP F 166 42.90 -38.77 -10.54
CA ASP F 166 42.77 -38.11 -11.82
C ASP F 166 41.29 -38.12 -12.21
N ARG F 167 40.70 -36.94 -12.37
CA ARG F 167 39.27 -36.79 -12.61
C ARG F 167 38.88 -36.85 -14.10
N ASN F 168 39.83 -37.15 -14.97
CA ASN F 168 39.61 -37.10 -16.42
C ASN F 168 38.58 -38.11 -16.89
N THR F 169 38.61 -39.29 -16.28
CA THR F 169 37.74 -40.38 -16.67
C THR F 169 36.37 -40.33 -15.98
N ILE F 170 36.20 -39.41 -15.04
CA ILE F 170 34.95 -39.30 -14.28
C ILE F 170 34.17 -38.03 -14.64
N ASP F 171 34.86 -36.88 -14.65
CA ASP F 171 34.23 -35.59 -14.95
C ASP F 171 34.19 -35.27 -16.44
N LEU F 172 33.19 -34.49 -16.83
CA LEU F 172 32.98 -34.09 -18.22
C LEU F 172 33.18 -32.59 -18.37
N LYS F 173 33.97 -32.18 -19.36
CA LYS F 173 34.26 -30.78 -19.59
C LYS F 173 33.40 -30.23 -20.72
N VAL F 174 33.38 -28.91 -20.86
CA VAL F 174 32.56 -28.27 -21.89
C VAL F 174 33.02 -28.72 -23.29
N ARG F 175 34.33 -28.82 -23.48
CA ARG F 175 34.88 -29.22 -24.78
C ARG F 175 34.52 -30.66 -25.17
N HIS F 176 34.31 -31.54 -24.20
CA HIS F 176 33.90 -32.91 -24.49
C HIS F 176 32.47 -32.96 -25.06
N ILE F 177 31.63 -32.02 -24.65
CA ILE F 177 30.29 -31.89 -25.24
C ILE F 177 30.38 -31.26 -26.64
N TYR F 178 31.04 -30.11 -26.75
CA TYR F 178 31.09 -29.37 -28.02
C TYR F 178 32.09 -29.91 -29.05
N LYS F 179 33.01 -30.78 -28.61
CA LYS F 179 33.99 -31.44 -29.49
C LYS F 179 34.62 -30.41 -30.45
N ASP F 180 34.46 -30.61 -31.76
CA ASP F 180 35.18 -29.82 -32.76
C ASP F 180 34.77 -28.35 -32.78
N THR F 181 33.56 -28.05 -32.34
CA THR F 181 33.03 -26.69 -32.42
C THR F 181 33.48 -25.85 -31.22
N GLU F 182 33.79 -24.58 -31.48
CA GLU F 182 34.18 -23.65 -30.43
C GLU F 182 32.97 -23.39 -29.53
N PRO F 183 33.11 -23.70 -28.22
CA PRO F 183 31.98 -23.63 -27.31
C PRO F 183 31.65 -22.21 -26.92
N PRO F 184 30.37 -21.93 -26.59
CA PRO F 184 29.99 -20.58 -26.18
C PRO F 184 30.48 -20.21 -24.78
N ILE F 185 31.21 -21.12 -24.15
CA ILE F 185 31.80 -20.91 -22.84
C ILE F 185 33.13 -21.65 -22.79
N PRO F 186 34.14 -21.08 -22.09
CA PRO F 186 35.47 -21.70 -21.98
C PRO F 186 35.41 -23.23 -21.90
N GLY F 187 36.07 -23.88 -22.85
CA GLY F 187 35.95 -25.32 -23.04
C GLY F 187 36.62 -26.19 -21.99
N ASP F 188 37.45 -25.61 -21.13
CA ASP F 188 38.13 -26.36 -20.07
C ASP F 188 37.31 -26.49 -18.79
N LEU F 189 36.25 -25.68 -18.67
CA LEU F 189 35.37 -25.74 -17.51
C LEU F 189 34.67 -27.09 -17.41
N THR F 190 34.47 -27.56 -16.18
CA THR F 190 33.66 -28.73 -15.92
C THR F 190 32.22 -28.46 -16.39
N ALA F 191 31.69 -29.37 -17.20
CA ALA F 191 30.30 -29.28 -17.65
C ALA F 191 29.41 -30.12 -16.73
N ALA F 192 29.89 -31.29 -16.36
CA ALA F 192 29.14 -32.18 -15.47
C ALA F 192 30.09 -33.01 -14.62
N ASN F 193 29.96 -32.88 -13.29
CA ASN F 193 30.68 -33.73 -12.35
C ASN F 193 30.15 -35.15 -12.47
N PHE F 194 31.07 -36.12 -12.53
CA PHE F 194 30.75 -37.52 -12.78
C PHE F 194 30.04 -37.74 -14.13
N GLY F 195 30.29 -36.84 -15.08
CA GLY F 195 29.62 -36.87 -16.39
C GLY F 195 30.30 -37.69 -17.47
N HIS F 196 31.56 -38.07 -17.25
CA HIS F 196 32.28 -38.94 -18.18
C HIS F 196 32.11 -40.43 -17.90
N VAL F 197 31.53 -40.76 -16.75
CA VAL F 197 31.49 -42.12 -16.23
C VAL F 197 30.82 -43.13 -17.16
N LEU F 198 29.64 -42.76 -17.67
CA LEU F 198 28.87 -43.66 -18.55
C LEU F 198 29.56 -44.00 -19.88
N HIS F 199 30.55 -43.21 -20.27
CA HIS F 199 31.33 -43.47 -21.46
C HIS F 199 32.51 -44.40 -21.17
N HIS F 200 33.18 -44.18 -20.02
CA HIS F 200 34.35 -44.96 -19.63
C HIS F 200 34.00 -46.18 -18.75
N LEU F 201 32.97 -46.92 -19.14
CA LEU F 201 32.46 -48.03 -18.31
C LEU F 201 33.25 -49.33 -18.50
N ASP F 202 34.57 -49.25 -18.46
CA ASP F 202 35.43 -50.43 -18.46
C ASP F 202 35.94 -50.70 -17.04
N ALA F 203 35.30 -50.07 -16.05
CA ALA F 203 35.58 -50.29 -14.63
C ALA F 203 37.02 -49.95 -14.24
N ASP F 204 37.52 -48.82 -14.76
CA ASP F 204 38.82 -48.29 -14.38
C ASP F 204 38.66 -47.20 -13.31
N PHE F 205 37.62 -47.32 -12.49
CA PHE F 205 37.31 -46.33 -11.48
C PHE F 205 37.89 -46.74 -10.13
N THR F 206 39.14 -46.34 -9.91
CA THR F 206 39.85 -46.63 -8.67
C THR F 206 39.33 -45.71 -7.57
N PRO F 207 39.54 -46.08 -6.29
CA PRO F 207 39.11 -45.20 -5.21
C PRO F 207 39.78 -43.82 -5.29
N SER F 208 41.03 -43.81 -5.73
CA SER F 208 41.79 -42.57 -5.86
C SER F 208 41.09 -41.56 -6.78
N ASN F 209 40.71 -41.99 -7.97
CA ASN F 209 40.04 -41.12 -8.94
C ASN F 209 38.64 -40.72 -8.49
N LYS F 210 37.92 -41.66 -7.87
CA LYS F 210 36.57 -41.40 -7.38
C LYS F 210 36.54 -40.36 -6.26
N LEU F 211 37.51 -40.40 -5.36
CA LEU F 211 37.57 -39.46 -4.25
C LEU F 211 38.04 -38.07 -4.72
N ALA F 212 38.95 -38.06 -5.69
CA ALA F 212 39.37 -36.81 -6.30
C ALA F 212 38.18 -36.09 -6.93
N ALA F 213 37.24 -36.90 -7.45
CA ALA F 213 36.02 -36.38 -8.06
C ALA F 213 35.06 -35.82 -7.01
N VAL F 214 34.98 -36.51 -5.88
CA VAL F 214 34.13 -36.08 -4.77
C VAL F 214 34.61 -34.75 -4.22
N ILE F 215 35.92 -34.64 -4.00
CA ILE F 215 36.52 -33.39 -3.52
C ILE F 215 36.35 -32.29 -4.56
N GLY F 216 36.40 -32.66 -5.84
CA GLY F 216 36.19 -31.72 -6.93
C GLY F 216 34.83 -31.04 -6.88
N VAL F 217 33.76 -31.83 -6.86
CA VAL F 217 32.41 -31.28 -6.91
C VAL F 217 32.13 -30.38 -5.70
N VAL F 218 32.61 -30.78 -4.53
CA VAL F 218 32.48 -29.96 -3.34
C VAL F 218 33.22 -28.65 -3.56
N GLY F 219 34.49 -28.75 -3.95
CA GLY F 219 35.27 -27.56 -4.29
C GLY F 219 34.57 -26.66 -5.29
N GLU F 220 34.09 -27.25 -6.38
CA GLU F 220 33.43 -26.49 -7.45
C GLU F 220 32.11 -25.85 -7.00
N VAL F 221 31.29 -26.62 -6.27
CA VAL F 221 30.00 -26.13 -5.81
C VAL F 221 30.17 -25.01 -4.77
N VAL F 222 31.09 -25.21 -3.82
CA VAL F 222 31.38 -24.20 -2.80
C VAL F 222 31.86 -22.89 -3.43
N THR F 223 32.83 -22.99 -4.33
CA THR F 223 33.45 -21.81 -4.95
C THR F 223 32.45 -21.04 -5.82
N THR F 224 31.74 -21.74 -6.70
CA THR F 224 30.67 -21.14 -7.51
C THR F 224 29.76 -20.28 -6.65
N MET F 225 29.32 -20.83 -5.52
CA MET F 225 28.45 -20.10 -4.60
C MET F 225 29.14 -18.91 -3.95
N ALA F 226 30.41 -19.07 -3.58
CA ALA F 226 31.19 -17.99 -2.98
C ALA F 226 31.37 -16.83 -3.97
N ILE F 227 31.64 -17.19 -5.23
CA ILE F 227 31.80 -16.21 -6.29
C ILE F 227 30.47 -15.49 -6.58
N THR F 228 29.41 -16.27 -6.70
CA THR F 228 28.09 -15.75 -7.05
C THR F 228 27.62 -14.69 -6.05
N VAL F 229 27.89 -14.90 -4.77
CA VAL F 229 27.46 -13.96 -3.74
C VAL F 229 28.46 -12.82 -3.52
N ALA F 230 29.72 -13.05 -3.86
CA ALA F 230 30.71 -11.97 -3.88
C ALA F 230 30.35 -10.94 -4.95
N ARG F 231 29.92 -11.42 -6.11
CA ARG F 231 29.39 -10.57 -7.18
C ARG F 231 28.12 -9.85 -6.71
N GLU F 232 27.23 -10.62 -6.08
CA GLU F 232 25.98 -10.09 -5.53
C GLU F 232 26.24 -8.91 -4.61
N PHE F 233 27.14 -9.09 -3.65
CA PHE F 233 27.48 -8.05 -2.68
C PHE F 233 28.73 -7.25 -3.08
N LYS F 234 29.10 -7.33 -4.36
CA LYS F 234 30.09 -6.43 -4.95
C LYS F 234 31.43 -6.39 -4.22
N THR F 235 32.10 -7.53 -4.16
CA THR F 235 33.43 -7.63 -3.57
C THR F 235 34.28 -8.64 -4.33
N GLU F 236 35.60 -8.42 -4.31
CA GLU F 236 36.55 -9.29 -4.99
C GLU F 236 37.19 -10.30 -4.05
N ASN F 237 37.07 -10.06 -2.74
CA ASN F 237 37.81 -10.84 -1.76
C ASN F 237 36.98 -11.99 -1.20
N ILE F 238 37.57 -13.18 -1.16
CA ILE F 238 36.91 -14.38 -0.59
C ILE F 238 37.88 -15.15 0.30
N VAL F 239 37.63 -15.11 1.61
CA VAL F 239 38.43 -15.85 2.59
C VAL F 239 37.77 -17.21 2.85
N TYR F 240 38.55 -18.28 2.65
CA TYR F 240 38.07 -19.64 2.86
C TYR F 240 38.64 -20.23 4.15
N ILE F 241 37.76 -20.63 5.05
CA ILE F 241 38.15 -21.24 6.33
C ILE F 241 37.35 -22.52 6.57
N GLY F 242 37.72 -23.27 7.60
CA GLY F 242 37.11 -24.56 7.94
C GLY F 242 38.13 -25.68 7.87
N SER F 243 37.91 -26.73 8.66
CA SER F 243 38.83 -27.87 8.72
C SER F 243 38.87 -28.71 7.42
N SER F 244 37.93 -28.47 6.50
CA SER F 244 37.86 -29.20 5.22
C SER F 244 39.14 -29.10 4.38
N PHE F 245 39.86 -28.00 4.53
CA PHE F 245 41.12 -27.79 3.80
C PHE F 245 42.34 -28.47 4.42
N HIS F 246 42.20 -29.00 5.65
N HIS F 246 42.19 -28.99 5.65
CA HIS F 246 43.32 -29.65 6.34
CA HIS F 246 43.26 -29.71 6.35
C HIS F 246 43.60 -31.01 5.70
C HIS F 246 43.58 -31.00 5.63
N ASN F 247 44.87 -31.28 5.44
CA ASN F 247 45.33 -32.49 4.73
C ASN F 247 44.68 -32.69 3.35
N ASN F 248 44.37 -31.58 2.67
CA ASN F 248 43.71 -31.67 1.37
C ASN F 248 44.13 -30.53 0.45
N ALA F 249 45.33 -30.67 -0.10
CA ALA F 249 45.85 -29.72 -1.09
C ALA F 249 44.99 -29.66 -2.35
N LEU F 250 44.33 -30.77 -2.70
CA LEU F 250 43.44 -30.81 -3.86
C LEU F 250 42.25 -29.86 -3.69
N LEU F 251 41.50 -30.04 -2.61
CA LEU F 251 40.34 -29.19 -2.33
C LEU F 251 40.74 -27.73 -2.39
N ARG F 252 41.79 -27.41 -1.64
CA ARG F 252 42.39 -26.07 -1.63
C ARG F 252 42.72 -25.57 -3.03
N LYS F 253 43.33 -26.42 -3.85
CA LYS F 253 43.72 -26.06 -5.22
C LYS F 253 42.53 -25.83 -6.15
N VAL F 254 41.53 -26.71 -6.07
CA VAL F 254 40.30 -26.57 -6.84
C VAL F 254 39.64 -25.22 -6.56
N VAL F 255 39.46 -24.91 -5.28
CA VAL F 255 38.74 -23.69 -4.90
C VAL F 255 39.55 -22.40 -5.18
N GLU F 256 40.87 -22.45 -4.98
CA GLU F 256 41.74 -21.30 -5.22
C GLU F 256 41.86 -20.95 -6.70
N ASP F 257 42.12 -21.98 -7.51
CA ASP F 257 42.29 -21.79 -8.94
C ASP F 257 41.00 -21.26 -9.59
N TYR F 258 39.86 -21.84 -9.24
CA TYR F 258 38.60 -21.38 -9.81
C TYR F 258 38.20 -20.00 -9.30
N THR F 259 38.55 -19.69 -8.05
CA THR F 259 38.31 -18.35 -7.51
C THR F 259 39.08 -17.31 -8.34
N VAL F 260 40.35 -17.55 -8.60
CA VAL F 260 41.19 -16.65 -9.40
C VAL F 260 40.60 -16.47 -10.81
N LEU F 261 40.25 -17.57 -11.46
CA LEU F 261 39.64 -17.54 -12.79
C LEU F 261 38.40 -16.65 -12.87
N ARG F 262 37.64 -16.57 -11.80
CA ARG F 262 36.37 -15.85 -11.79
C ARG F 262 36.45 -14.45 -11.16
N GLY F 263 37.62 -13.83 -11.27
CA GLY F 263 37.76 -12.41 -10.98
C GLY F 263 37.78 -12.04 -9.52
N CYS F 264 38.01 -13.03 -8.66
CA CYS F 264 38.10 -12.82 -7.22
C CYS F 264 39.46 -13.25 -6.71
N LYS F 265 39.73 -12.92 -5.46
CA LYS F 265 41.01 -13.20 -4.82
C LYS F 265 40.83 -14.16 -3.65
N PRO F 266 41.41 -15.36 -3.73
CA PRO F 266 41.26 -16.31 -2.65
C PRO F 266 42.22 -16.01 -1.51
N TYR F 267 41.73 -16.13 -0.28
CA TYR F 267 42.54 -15.89 0.91
C TYR F 267 42.48 -17.10 1.82
N TYR F 268 43.64 -17.58 2.24
CA TYR F 268 43.73 -18.64 3.24
C TYR F 268 44.39 -18.13 4.51
N VAL F 269 44.01 -18.75 5.62
CA VAL F 269 44.43 -18.33 6.95
C VAL F 269 45.05 -19.53 7.63
N GLU F 270 46.16 -19.31 8.35
CA GLU F 270 46.72 -20.33 9.21
C GLU F 270 45.86 -20.48 10.48
N ASN F 271 45.45 -21.71 10.76
CA ASN F 271 44.49 -22.03 11.84
C ASN F 271 43.14 -21.34 11.68
N GLY F 272 42.72 -21.16 10.43
CA GLY F 272 41.43 -20.55 10.11
C GLY F 272 40.25 -21.37 10.56
N ALA F 273 40.45 -22.68 10.69
CA ALA F 273 39.43 -23.58 11.26
C ALA F 273 39.17 -23.30 12.74
N PHE F 274 40.09 -22.60 13.40
CA PHE F 274 39.93 -22.20 14.80
C PHE F 274 39.32 -20.80 14.94
N SER F 275 38.73 -20.29 13.86
CA SER F 275 38.10 -18.96 13.88
C SER F 275 36.95 -18.88 14.88
N GLY F 276 36.19 -19.96 15.00
CA GLY F 276 35.10 -20.04 15.97
C GLY F 276 35.60 -19.99 17.41
N ALA F 277 36.66 -20.73 17.70
CA ALA F 277 37.22 -20.83 19.05
C ALA F 277 37.88 -19.53 19.51
N ILE F 278 38.55 -18.86 18.59
CA ILE F 278 39.22 -17.59 18.87
C ILE F 278 38.20 -16.46 19.02
N GLY F 279 37.16 -16.49 18.19
CA GLY F 279 36.08 -15.52 18.28
C GLY F 279 35.38 -15.51 19.62
N ALA F 280 35.13 -16.69 20.19
CA ALA F 280 34.46 -16.81 21.49
C ALA F 280 35.29 -16.20 22.64
N LEU F 281 36.62 -16.30 22.53
CA LEU F 281 37.52 -15.62 23.48
C LEU F 281 37.35 -14.12 23.36
N TYR F 282 37.20 -13.67 22.11
CA TYR F 282 36.92 -12.26 21.83
C TYR F 282 35.48 -11.94 22.24
N LEU F 283 35.38 -11.40 23.42
CA LEU F 283 34.11 -10.94 23.90
C LEU F 283 34.31 -9.58 24.63
N MET G 19 -12.47 20.71 -51.59
CA MET G 19 -11.42 20.42 -50.56
C MET G 19 -12.06 20.13 -49.20
N LYS G 20 -11.38 19.29 -48.42
CA LYS G 20 -11.69 19.14 -47.00
C LYS G 20 -10.76 20.06 -46.21
N VAL G 21 -11.26 20.66 -45.14
CA VAL G 21 -10.52 21.68 -44.40
C VAL G 21 -10.64 21.51 -42.89
N GLY G 22 -9.49 21.39 -42.23
CA GLY G 22 -9.36 21.41 -40.78
C GLY G 22 -8.63 22.68 -40.36
N ILE G 23 -9.12 23.33 -39.31
CA ILE G 23 -8.54 24.58 -38.84
C ILE G 23 -8.36 24.54 -37.33
N ASP G 24 -7.13 24.80 -36.89
CA ASP G 24 -6.79 24.95 -35.48
C ASP G 24 -6.56 26.44 -35.21
N ALA G 25 -7.62 27.12 -34.76
CA ALA G 25 -7.56 28.54 -34.43
C ALA G 25 -7.11 28.72 -32.99
N GLY G 26 -5.81 28.86 -32.79
CA GLY G 26 -5.22 28.91 -31.45
C GLY G 26 -5.14 30.31 -30.89
N GLY G 27 -4.32 30.46 -29.86
CA GLY G 27 -4.17 31.75 -29.18
C GLY G 27 -3.44 32.79 -30.00
N THR G 28 -2.51 32.35 -30.84
CA THR G 28 -1.68 33.27 -31.63
C THR G 28 -1.70 33.00 -33.14
N LEU G 29 -1.88 31.73 -33.53
CA LEU G 29 -1.89 31.36 -34.95
C LEU G 29 -3.11 30.51 -35.32
N ILE G 30 -3.59 30.73 -36.53
CA ILE G 30 -4.62 29.92 -37.12
C ILE G 30 -3.92 28.95 -38.07
N LYS G 31 -3.99 27.66 -37.77
CA LYS G 31 -3.39 26.64 -38.63
C LYS G 31 -4.44 26.03 -39.55
N ILE G 32 -4.20 26.10 -40.85
CA ILE G 32 -5.17 25.59 -41.82
C ILE G 32 -4.58 24.44 -42.64
N VAL G 33 -5.29 23.31 -42.64
CA VAL G 33 -4.89 22.12 -43.38
C VAL G 33 -5.90 21.87 -44.49
N GLN G 34 -5.41 21.73 -45.72
CA GLN G 34 -6.25 21.45 -46.89
C GLN G 34 -6.00 20.04 -47.42
N GLU G 35 -7.09 19.28 -47.56
CA GLU G 35 -7.03 17.91 -48.06
C GLU G 35 -7.90 17.73 -49.30
N GLN G 36 -7.26 17.50 -50.45
CA GLN G 36 -7.96 17.08 -51.67
C GLN G 36 -7.09 16.08 -52.45
N ASP G 37 -7.76 15.15 -53.12
CA ASP G 37 -7.10 13.99 -53.72
C ASP G 37 -6.33 13.24 -52.63
N ASN G 38 -5.07 12.89 -52.87
CA ASN G 38 -4.24 12.20 -51.88
C ASN G 38 -3.14 13.12 -51.36
N GLN G 39 -3.48 14.39 -51.17
CA GLN G 39 -2.48 15.45 -50.95
C GLN G 39 -2.94 16.45 -49.88
N ARG G 40 -1.98 16.99 -49.15
CA ARG G 40 -2.24 17.82 -47.96
C ARG G 40 -1.51 19.16 -48.07
N THR G 41 -2.26 20.27 -48.02
CA THR G 41 -1.66 21.60 -48.11
C THR G 41 -1.73 22.28 -46.74
N PHE G 42 -0.76 23.17 -46.48
CA PHE G 42 -0.66 23.85 -45.19
C PHE G 42 -0.73 25.36 -45.38
N LYS G 43 -1.46 26.01 -44.48
CA LYS G 43 -1.60 27.47 -44.48
C LYS G 43 -1.59 28.01 -43.04
N THR G 44 -0.96 29.15 -42.85
CA THR G 44 -0.90 29.80 -41.54
C THR G 44 -1.39 31.22 -41.64
N GLU G 45 -1.98 31.72 -40.57
CA GLU G 45 -2.37 33.12 -40.47
C GLU G 45 -2.42 33.51 -39.00
N LEU G 46 -2.30 34.81 -38.73
CA LEU G 46 -2.34 35.28 -37.35
C LEU G 46 -3.76 35.25 -36.82
N THR G 47 -3.90 34.92 -35.55
CA THR G 47 -5.18 34.94 -34.85
C THR G 47 -5.79 36.34 -34.89
N LYS G 48 -4.96 37.37 -34.79
CA LYS G 48 -5.45 38.75 -34.87
C LYS G 48 -6.02 39.10 -36.27
N ASN G 49 -5.79 38.23 -37.26
CA ASN G 49 -6.35 38.41 -38.61
C ASN G 49 -7.41 37.35 -38.94
N ILE G 50 -8.08 36.85 -37.91
CA ILE G 50 -9.13 35.84 -38.08
C ILE G 50 -10.28 36.35 -38.96
N ASP G 51 -10.43 37.67 -39.06
CA ASP G 51 -11.34 38.29 -40.02
C ASP G 51 -11.02 37.91 -41.46
N GLN G 52 -9.72 37.87 -41.79
CA GLN G 52 -9.29 37.53 -43.15
C GLN G 52 -9.46 36.04 -43.46
N VAL G 53 -9.48 35.21 -42.42
CA VAL G 53 -9.71 33.77 -42.56
C VAL G 53 -11.18 33.49 -42.85
N VAL G 54 -12.06 34.15 -42.08
CA VAL G 54 -13.50 34.12 -42.31
C VAL G 54 -13.87 34.52 -43.75
N GLU G 55 -13.29 35.62 -44.22
CA GLU G 55 -13.58 36.13 -45.56
C GLU G 55 -13.04 35.20 -46.63
N TRP G 56 -11.83 34.69 -46.40
CA TRP G 56 -11.22 33.68 -47.25
C TRP G 56 -12.06 32.38 -47.32
N LEU G 57 -12.56 31.92 -46.17
CA LEU G 57 -13.35 30.69 -46.12
C LEU G 57 -14.61 30.72 -46.99
N ASN G 58 -15.33 31.84 -46.97
CA ASN G 58 -16.55 31.98 -47.76
C ASN G 58 -16.31 32.00 -49.29
N GLN G 59 -15.05 32.15 -49.71
CA GLN G 59 -14.69 32.11 -51.13
C GLN G 59 -14.19 30.73 -51.58
N GLN G 60 -14.07 29.78 -50.66
CA GLN G 60 -13.56 28.45 -51.00
C GLN G 60 -14.70 27.44 -51.17
N GLN G 61 -14.45 26.42 -51.99
CA GLN G 61 -15.35 25.27 -52.08
C GLN G 61 -14.95 24.27 -51.01
N ILE G 62 -15.72 24.21 -49.93
CA ILE G 62 -15.39 23.33 -48.81
C ILE G 62 -16.43 22.22 -48.67
N GLU G 63 -15.97 20.98 -48.79
CA GLU G 63 -16.81 19.81 -48.55
C GLU G 63 -17.09 19.68 -47.05
N LYS G 64 -16.03 19.60 -46.25
CA LYS G 64 -16.15 19.42 -44.79
C LYS G 64 -15.26 20.39 -44.02
N LEU G 65 -15.87 21.21 -43.16
CA LEU G 65 -15.14 22.19 -42.36
C LEU G 65 -15.08 21.77 -40.87
N CYS G 66 -13.91 21.33 -40.44
CA CYS G 66 -13.70 20.85 -39.07
C CYS G 66 -12.85 21.85 -38.27
N LEU G 67 -13.24 22.09 -37.03
CA LEU G 67 -12.72 23.19 -36.26
C LEU G 67 -12.25 22.78 -34.87
N THR G 68 -11.15 23.38 -34.43
CA THR G 68 -10.67 23.19 -33.08
C THR G 68 -9.88 24.42 -32.62
N GLY G 69 -9.52 24.43 -31.33
CA GLY G 69 -8.80 25.55 -30.72
C GLY G 69 -9.75 26.55 -30.11
N GLY G 70 -9.19 27.48 -29.33
CA GLY G 70 -9.98 28.45 -28.57
C GLY G 70 -10.83 29.36 -29.44
N ASN G 71 -10.34 29.69 -30.62
CA ASN G 71 -11.02 30.64 -31.48
C ASN G 71 -11.94 30.00 -32.56
N ALA G 72 -12.10 28.68 -32.49
CA ALA G 72 -12.96 27.97 -33.46
C ALA G 72 -14.38 28.54 -33.52
N GLY G 73 -14.93 28.88 -32.36
CA GLY G 73 -16.28 29.43 -32.26
C GLY G 73 -16.45 30.77 -32.91
N VAL G 74 -15.39 31.58 -32.89
CA VAL G 74 -15.39 32.84 -33.62
C VAL G 74 -15.56 32.55 -35.11
N ILE G 75 -14.84 31.56 -35.64
CA ILE G 75 -14.98 31.17 -37.04
C ILE G 75 -16.39 30.66 -37.32
N ALA G 76 -16.87 29.71 -36.50
CA ALA G 76 -18.17 29.08 -36.72
C ALA G 76 -19.31 30.09 -36.65
N GLU G 77 -19.21 31.02 -35.69
CA GLU G 77 -20.20 32.07 -35.49
C GLU G 77 -20.34 33.00 -36.69
N ASN G 78 -19.25 33.19 -37.44
CA ASN G 78 -19.20 34.19 -38.50
C ASN G 78 -19.25 33.62 -39.93
N ILE G 79 -19.55 32.33 -40.06
CA ILE G 79 -19.57 31.69 -41.37
C ILE G 79 -20.88 31.00 -41.68
N ASN G 80 -21.13 30.87 -42.98
CA ASN G 80 -22.32 30.24 -43.51
C ASN G 80 -22.19 28.71 -43.46
N ILE G 81 -20.98 28.23 -43.74
CA ILE G 81 -20.69 26.80 -43.88
C ILE G 81 -20.88 26.06 -42.55
N PRO G 82 -21.59 24.92 -42.57
CA PRO G 82 -21.72 24.14 -41.34
C PRO G 82 -20.38 23.58 -40.90
N ALA G 83 -20.15 23.56 -39.58
CA ALA G 83 -18.87 23.11 -39.04
C ALA G 83 -19.07 22.33 -37.74
N GLN G 84 -18.28 21.28 -37.56
CA GLN G 84 -18.23 20.57 -36.28
C GLN G 84 -16.98 20.98 -35.52
N ILE G 85 -17.16 21.29 -34.24
CA ILE G 85 -16.07 21.73 -33.39
C ILE G 85 -15.63 20.57 -32.52
N PHE G 86 -14.32 20.37 -32.41
CA PHE G 86 -13.74 19.32 -31.58
C PHE G 86 -12.78 19.92 -30.54
N VAL G 87 -12.73 19.28 -29.38
CA VAL G 87 -11.83 19.68 -28.31
C VAL G 87 -10.39 19.50 -28.81
N GLU G 88 -9.57 20.52 -28.61
CA GLU G 88 -8.21 20.58 -29.15
C GLU G 88 -7.25 19.51 -28.67
N PHE G 89 -7.49 18.95 -27.49
CA PHE G 89 -6.61 17.92 -26.91
C PHE G 89 -6.75 16.61 -27.67
N ASP G 90 -7.99 16.19 -27.94
CA ASP G 90 -8.25 15.02 -28.78
C ASP G 90 -7.69 15.25 -30.18
N ALA G 91 -8.12 16.34 -30.81
CA ALA G 91 -7.69 16.65 -32.18
C ALA G 91 -6.17 16.65 -32.28
N ALA G 92 -5.51 17.34 -31.35
CA ALA G 92 -4.05 17.35 -31.26
C ALA G 92 -3.48 15.93 -31.19
N SER G 93 -4.06 15.11 -30.32
CA SER G 93 -3.60 13.73 -30.11
C SER G 93 -3.77 12.86 -31.35
N GLN G 94 -4.93 12.95 -32.00
CA GLN G 94 -5.21 12.15 -33.20
C GLN G 94 -4.30 12.54 -34.35
N GLY G 95 -4.17 13.85 -34.58
CA GLY G 95 -3.33 14.36 -35.67
C GLY G 95 -1.86 14.02 -35.50
N LEU G 96 -1.36 14.15 -34.27
CA LEU G 96 0.03 13.81 -33.96
C LEU G 96 0.34 12.33 -34.24
N GLY G 97 -0.58 11.46 -33.85
CA GLY G 97 -0.46 10.02 -34.07
C GLY G 97 -0.38 9.69 -35.54
N ILE G 98 -1.16 10.40 -36.35
CA ILE G 98 -1.07 10.29 -37.81
C ILE G 98 0.32 10.72 -38.32
N LEU G 99 0.77 11.92 -37.92
CA LEU G 99 2.05 12.45 -38.41
C LEU G 99 3.26 11.58 -38.02
N LEU G 100 3.17 10.95 -36.85
CA LEU G 100 4.24 10.10 -36.34
C LEU G 100 4.43 8.84 -37.18
N LYS G 101 3.33 8.26 -37.66
CA LYS G 101 3.38 7.01 -38.43
C LYS G 101 3.71 7.23 -39.91
N GLU G 102 3.35 8.40 -40.45
CA GLU G 102 3.77 8.77 -41.81
C GLU G 102 5.26 9.02 -41.84
N GLN G 103 5.80 9.54 -40.74
CA GLN G 103 7.21 9.90 -40.67
C GLN G 103 8.06 8.78 -40.04
N GLY G 104 7.43 7.63 -39.80
CA GLY G 104 8.14 6.38 -39.56
C GLY G 104 8.32 5.97 -38.10
N HIS G 105 7.52 6.55 -37.22
CA HIS G 105 7.60 6.23 -35.79
C HIS G 105 6.40 5.37 -35.36
N ASP G 106 6.69 4.25 -34.70
CA ASP G 106 5.66 3.38 -34.13
C ASP G 106 5.88 3.31 -32.62
N LEU G 107 5.40 4.32 -31.91
CA LEU G 107 5.62 4.45 -30.48
C LEU G 107 4.45 3.83 -29.73
N ALA G 108 4.74 2.96 -28.77
CA ALA G 108 3.71 2.28 -28.00
C ALA G 108 2.98 3.25 -27.07
N ASP G 109 3.71 4.24 -26.58
CA ASP G 109 3.14 5.29 -25.73
C ASP G 109 4.11 6.45 -25.62
N TYR G 110 3.62 7.60 -25.17
CA TYR G 110 4.47 8.78 -25.07
C TYR G 110 3.78 9.95 -24.41
N ILE G 111 4.58 10.80 -23.79
CA ILE G 111 4.13 12.11 -23.39
C ILE G 111 4.23 12.95 -24.65
N PHE G 112 3.23 13.80 -24.91
CA PHE G 112 3.42 14.86 -25.89
C PHE G 112 3.11 16.21 -25.26
N ALA G 113 3.96 17.19 -25.54
CA ALA G 113 3.89 18.52 -24.95
C ALA G 113 3.57 19.56 -26.02
N ASN G 114 2.33 20.04 -26.03
CA ASN G 114 1.93 21.08 -26.97
C ASN G 114 2.41 22.44 -26.48
N VAL G 115 3.48 22.94 -27.10
CA VAL G 115 4.07 24.23 -26.74
C VAL G 115 3.55 25.29 -27.70
N GLY G 116 2.35 25.81 -27.40
CA GLY G 116 1.74 26.90 -28.17
C GLY G 116 1.96 28.24 -27.51
N THR G 117 0.92 29.08 -27.50
CA THR G 117 0.96 30.34 -26.72
C THR G 117 1.28 29.97 -25.27
N GLY G 118 0.56 28.95 -24.77
CA GLY G 118 0.88 28.29 -23.52
C GLY G 118 1.21 26.83 -23.79
N THR G 119 1.59 26.10 -22.74
CA THR G 119 2.01 24.71 -22.86
C THR G 119 1.03 23.76 -22.18
N SER G 120 0.69 22.69 -22.89
CA SER G 120 -0.22 21.64 -22.42
C SER G 120 0.43 20.28 -22.63
N LEU G 121 0.30 19.42 -21.62
CA LEU G 121 1.04 18.18 -21.55
C LEU G 121 0.07 17.02 -21.48
N HIS G 122 0.43 15.92 -22.13
CA HIS G 122 -0.48 14.81 -22.38
C HIS G 122 0.26 13.50 -22.41
N TYR G 123 -0.33 12.47 -21.79
CA TYR G 123 0.16 11.10 -21.84
C TYR G 123 -0.73 10.32 -22.79
N PHE G 124 -0.12 9.72 -23.82
CA PHE G 124 -0.81 8.84 -24.76
C PHE G 124 -0.44 7.40 -24.44
N ASP G 125 -1.43 6.60 -24.05
CA ASP G 125 -1.15 5.23 -23.59
C ASP G 125 -1.15 4.18 -24.71
N GLY G 126 -1.02 4.62 -25.95
CA GLY G 126 -1.16 3.73 -27.11
C GLY G 126 -2.56 3.77 -27.70
N GLN G 127 -3.56 4.11 -26.90
CA GLN G 127 -4.97 4.12 -27.34
C GLN G 127 -5.55 5.53 -27.35
N SER G 128 -5.53 6.21 -26.21
CA SER G 128 -6.11 7.57 -26.11
C SER G 128 -5.21 8.52 -25.31
N GLN G 129 -5.62 9.79 -25.23
CA GLN G 129 -4.87 10.83 -24.51
C GLN G 129 -5.51 11.17 -23.18
N ARG G 130 -4.66 11.46 -22.20
CA ARG G 130 -5.07 12.12 -20.98
C ARG G 130 -4.22 13.38 -20.85
N ARG G 131 -4.85 14.54 -20.62
CA ARG G 131 -4.11 15.72 -20.22
C ARG G 131 -3.63 15.49 -18.78
N VAL G 132 -2.33 15.68 -18.57
CA VAL G 132 -1.68 15.38 -17.28
C VAL G 132 -1.11 16.63 -16.61
N GLY G 133 -1.24 17.76 -17.28
CA GLY G 133 -0.74 19.01 -16.74
C GLY G 133 -0.65 20.09 -17.79
N GLY G 134 -0.10 21.22 -17.39
CA GLY G 134 0.06 22.37 -18.26
C GLY G 134 0.75 23.48 -17.51
N ILE G 135 1.33 24.41 -18.26
CA ILE G 135 2.11 25.46 -17.68
C ILE G 135 2.10 26.66 -18.61
N GLY G 136 2.06 27.86 -18.03
CA GLY G 136 2.00 29.10 -18.78
C GLY G 136 3.28 29.52 -19.47
N THR G 137 4.34 28.71 -19.37
CA THR G 137 5.61 28.99 -20.03
C THR G 137 5.59 28.39 -21.42
N GLY G 138 5.66 29.25 -22.43
CA GLY G 138 5.50 28.83 -23.83
C GLY G 138 5.82 29.93 -24.83
N GLY G 139 5.18 29.86 -26.00
CA GLY G 139 5.42 30.82 -27.06
C GLY G 139 4.98 32.23 -26.70
N GLY G 140 3.88 32.33 -25.97
CA GLY G 140 3.37 33.63 -25.49
C GLY G 140 4.37 34.29 -24.56
N MET G 141 5.04 33.49 -23.74
CA MET G 141 6.02 34.02 -22.79
C MET G 141 7.27 34.50 -23.50
N ILE G 142 7.72 33.73 -24.48
CA ILE G 142 8.88 34.11 -25.29
C ILE G 142 8.63 35.46 -25.95
N GLN G 143 7.51 35.57 -26.65
CA GLN G 143 7.09 36.83 -27.27
C GLN G 143 6.91 37.96 -26.25
N GLY G 144 6.18 37.65 -25.18
CA GLY G 144 5.81 38.64 -24.19
C GLY G 144 6.94 39.14 -23.32
N LEU G 145 7.66 38.23 -22.68
CA LEU G 145 8.81 38.64 -21.87
C LEU G 145 9.92 39.13 -22.79
N GLY G 146 9.98 38.55 -24.00
CA GLY G 146 10.89 39.00 -25.04
C GLY G 146 10.79 40.49 -25.34
N TYR G 147 9.56 40.97 -25.60
CA TYR G 147 9.33 42.39 -25.87
C TYR G 147 9.74 43.27 -24.70
N LEU G 148 9.35 42.89 -23.49
CA LEU G 148 9.65 43.69 -22.31
C LEU G 148 11.16 43.93 -22.10
N LEU G 149 11.99 43.02 -22.61
CA LEU G 149 13.45 43.08 -22.48
C LEU G 149 14.16 43.61 -23.72
N SER G 150 13.51 43.47 -24.88
CA SER G 150 14.12 43.83 -26.15
C SER G 150 13.40 44.94 -26.94
N GLN G 151 12.13 45.19 -26.59
N GLN G 151 12.13 45.18 -26.61
CA GLN G 151 11.24 46.06 -27.37
CA GLN G 151 11.25 46.08 -27.37
C GLN G 151 11.00 45.59 -28.80
C GLN G 151 10.97 45.58 -28.80
N ILE G 152 11.32 44.33 -29.09
CA ILE G 152 11.09 43.73 -30.42
C ILE G 152 9.74 43.01 -30.42
N THR G 153 8.86 43.39 -31.35
CA THR G 153 7.56 42.75 -31.53
C THR G 153 7.56 41.72 -32.66
N ASP G 154 8.46 41.90 -33.64
CA ASP G 154 8.52 41.01 -34.80
C ASP G 154 9.11 39.66 -34.41
N TYR G 155 8.37 38.59 -34.67
CA TYR G 155 8.71 37.28 -34.18
C TYR G 155 10.03 36.73 -34.75
N LYS G 156 10.18 36.78 -36.06
CA LYS G 156 11.43 36.38 -36.73
C LYS G 156 12.64 37.16 -36.19
N GLN G 157 12.48 38.46 -35.99
CA GLN G 157 13.55 39.32 -35.45
C GLN G 157 13.90 38.95 -34.01
N LEU G 158 12.89 38.73 -33.19
CA LEU G 158 13.09 38.40 -31.78
C LEU G 158 13.82 37.07 -31.63
N THR G 159 13.33 36.05 -32.34
CA THR G 159 13.92 34.72 -32.28
C THR G 159 15.34 34.67 -32.84
N ASP G 160 15.54 35.31 -34.00
CA ASP G 160 16.87 35.38 -34.63
C ASP G 160 17.90 36.02 -33.71
N MET G 161 17.51 37.13 -33.07
CA MET G 161 18.34 37.83 -32.10
C MET G 161 18.85 36.89 -31.00
N ALA G 162 17.98 36.02 -30.48
CA ALA G 162 18.33 35.17 -29.33
C ALA G 162 19.34 34.03 -29.62
N GLN G 163 19.45 33.60 -30.87
CA GLN G 163 20.27 32.44 -31.22
C GLN G 163 21.77 32.66 -30.98
N HIS G 164 22.23 33.91 -31.08
CA HIS G 164 23.63 34.23 -30.76
C HIS G 164 23.77 34.84 -29.34
N GLY G 165 22.79 34.57 -28.48
CA GLY G 165 22.84 35.01 -27.09
C GLY G 165 23.69 34.11 -26.23
N ASP G 166 24.29 34.70 -25.20
CA ASP G 166 25.11 33.96 -24.24
C ASP G 166 24.47 34.09 -22.88
N ARG G 167 24.11 32.96 -22.26
CA ARG G 167 23.43 32.94 -20.96
C ARG G 167 24.38 32.99 -19.75
N ASN G 168 25.69 32.90 -19.99
CA ASN G 168 26.72 32.77 -18.94
C ASN G 168 26.59 33.79 -17.81
N THR G 169 26.46 35.06 -18.17
CA THR G 169 26.38 36.15 -17.20
C THR G 169 25.00 36.28 -16.55
N ILE G 170 24.01 35.52 -17.03
CA ILE G 170 22.61 35.63 -16.55
C ILE G 170 22.15 34.45 -15.68
N ASP G 171 22.40 33.23 -16.15
CA ASP G 171 21.99 32.02 -15.42
C ASP G 171 23.02 31.52 -14.38
N LEU G 172 22.52 31.14 -13.20
CA LEU G 172 23.35 30.57 -12.13
C LEU G 172 23.25 29.06 -12.19
N LYS G 173 24.41 28.40 -12.18
CA LYS G 173 24.48 26.93 -12.18
C LYS G 173 24.72 26.35 -10.79
N VAL G 174 24.42 25.07 -10.65
CA VAL G 174 24.67 24.32 -9.42
C VAL G 174 26.12 24.49 -8.95
N ARG G 175 27.06 24.46 -9.90
CA ARG G 175 28.50 24.55 -9.57
C ARG G 175 28.88 25.87 -8.90
N HIS G 176 28.16 26.94 -9.24
CA HIS G 176 28.45 28.26 -8.69
C HIS G 176 28.05 28.35 -7.21
N ILE G 177 27.02 27.61 -6.83
CA ILE G 177 26.55 27.61 -5.43
C ILE G 177 27.51 26.75 -4.60
N TYR G 178 27.63 25.47 -4.96
CA TYR G 178 28.56 24.54 -4.31
C TYR G 178 30.01 24.81 -4.71
N THR G 181 34.01 22.15 -4.04
CA THR G 181 33.09 21.26 -3.34
C THR G 181 32.21 20.48 -4.33
N GLU G 182 32.30 19.16 -4.29
CA GLU G 182 31.47 18.28 -5.13
C GLU G 182 29.98 18.45 -4.81
N PRO G 183 29.15 18.73 -5.83
CA PRO G 183 27.73 18.98 -5.58
C PRO G 183 26.90 17.68 -5.48
N PRO G 184 25.76 17.73 -4.79
CA PRO G 184 24.89 16.56 -4.64
C PRO G 184 24.03 16.24 -5.87
N ILE G 185 24.04 17.12 -6.87
CA ILE G 185 23.42 16.88 -8.18
C ILE G 185 24.39 17.43 -9.21
N PRO G 186 24.21 17.09 -10.50
CA PRO G 186 25.19 17.55 -11.49
C PRO G 186 25.43 19.08 -11.49
N GLY G 187 26.69 19.46 -11.47
CA GLY G 187 27.09 20.85 -11.34
C GLY G 187 26.86 21.74 -12.56
N ASP G 188 26.69 21.13 -13.74
CA ASP G 188 26.44 21.92 -14.95
C ASP G 188 24.96 22.26 -15.12
N LEU G 189 24.11 21.74 -14.24
CA LEU G 189 22.68 22.05 -14.27
C LEU G 189 22.44 23.49 -13.88
N THR G 190 21.55 24.16 -14.61
CA THR G 190 21.04 25.47 -14.22
C THR G 190 20.45 25.33 -12.83
N ALA G 191 20.91 26.17 -11.91
CA ALA G 191 20.41 26.19 -10.55
C ALA G 191 19.31 27.24 -10.41
N ALA G 192 19.53 28.40 -11.01
CA ALA G 192 18.57 29.49 -10.97
C ALA G 192 18.65 30.31 -12.25
N ASN G 193 17.56 30.29 -13.02
CA ASN G 193 17.46 31.12 -14.21
C ASN G 193 17.52 32.57 -13.77
N PHE G 194 18.30 33.39 -14.47
CA PHE G 194 18.49 34.80 -14.13
C PHE G 194 19.16 35.01 -12.77
N GLY G 195 19.63 33.94 -12.14
CA GLY G 195 20.18 34.00 -10.78
C GLY G 195 21.62 34.46 -10.72
N HIS G 196 22.20 34.76 -11.88
CA HIS G 196 23.56 35.27 -11.99
C HIS G 196 23.62 36.76 -12.33
N VAL G 197 22.47 37.35 -12.65
CA VAL G 197 22.38 38.78 -13.01
C VAL G 197 22.98 39.68 -11.92
N LEU G 198 22.65 39.40 -10.67
CA LEU G 198 23.11 40.23 -9.55
C LEU G 198 24.57 40.03 -9.15
N HIS G 199 25.27 39.08 -9.77
CA HIS G 199 26.71 38.94 -9.63
C HIS G 199 27.45 39.62 -10.80
N HIS G 200 26.71 39.99 -11.84
CA HIS G 200 27.28 40.62 -13.04
C HIS G 200 26.64 41.97 -13.33
N LEU G 201 26.49 42.81 -12.31
CA LEU G 201 25.88 44.13 -12.48
C LEU G 201 26.72 45.08 -13.33
N ASP G 202 28.04 44.86 -13.33
CA ASP G 202 28.94 45.62 -14.20
C ASP G 202 28.84 45.17 -15.67
N ALA G 203 28.39 43.94 -15.88
CA ALA G 203 28.25 43.40 -17.23
C ALA G 203 27.14 44.09 -18.01
N ASP G 204 27.30 44.11 -19.32
CA ASP G 204 26.31 44.68 -20.23
C ASP G 204 25.34 43.56 -20.63
N PHE G 205 24.09 43.68 -20.21
CA PHE G 205 23.06 42.69 -20.54
C PHE G 205 22.44 43.02 -21.89
N THR G 206 22.88 42.32 -22.92
CA THR G 206 22.46 42.58 -24.29
C THR G 206 21.14 41.87 -24.59
N PRO G 207 20.38 42.39 -25.58
CA PRO G 207 19.14 41.74 -26.02
C PRO G 207 19.33 40.26 -26.37
N SER G 208 20.36 39.96 -27.18
CA SER G 208 20.68 38.57 -27.52
C SER G 208 20.76 37.67 -26.27
N ASN G 209 21.55 38.10 -25.30
CA ASN G 209 21.75 37.34 -24.08
C ASN G 209 20.46 37.21 -23.27
N LYS G 210 19.85 38.35 -22.97
CA LYS G 210 18.56 38.41 -22.28
C LYS G 210 17.54 37.48 -22.95
N LEU G 211 17.44 37.52 -24.27
CA LEU G 211 16.47 36.71 -25.00
C LEU G 211 16.80 35.22 -25.00
N ALA G 212 18.08 34.88 -25.13
CA ALA G 212 18.51 33.49 -24.97
C ALA G 212 18.09 32.95 -23.62
N ALA G 213 18.24 33.77 -22.58
CA ALA G 213 17.84 33.37 -21.21
C ALA G 213 16.32 33.16 -21.10
N VAL G 214 15.54 34.05 -21.70
CA VAL G 214 14.08 33.87 -21.71
C VAL G 214 13.70 32.53 -22.32
N ILE G 215 14.27 32.25 -23.49
CA ILE G 215 14.01 30.99 -24.18
C ILE G 215 14.59 29.85 -23.34
N GLY G 216 15.71 30.13 -22.66
CA GLY G 216 16.30 29.21 -21.70
C GLY G 216 15.31 28.71 -20.67
N VAL G 217 14.69 29.64 -19.94
CA VAL G 217 13.80 29.26 -18.84
C VAL G 217 12.52 28.59 -19.35
N VAL G 218 12.02 29.02 -20.51
CA VAL G 218 10.84 28.38 -21.08
C VAL G 218 11.17 26.94 -21.52
N GLY G 219 12.31 26.77 -22.17
CA GLY G 219 12.79 25.44 -22.56
C GLY G 219 12.98 24.54 -21.36
N GLU G 220 13.64 25.04 -20.33
CA GLU G 220 13.92 24.23 -19.14
C GLU G 220 12.65 23.88 -18.37
N VAL G 221 11.71 24.81 -18.26
CA VAL G 221 10.46 24.54 -17.53
C VAL G 221 9.57 23.53 -18.25
N VAL G 222 9.46 23.65 -19.57
CA VAL G 222 8.64 22.73 -20.36
C VAL G 222 9.18 21.29 -20.26
N THR G 223 10.51 21.15 -20.44
CA THR G 223 11.16 19.83 -20.44
C THR G 223 11.11 19.15 -19.06
N THR G 224 11.36 19.91 -18.00
CA THR G 224 11.27 19.40 -16.62
C THR G 224 9.89 18.80 -16.34
N MET G 225 8.84 19.53 -16.71
CA MET G 225 7.47 19.05 -16.53
C MET G 225 7.20 17.80 -17.37
N ALA G 226 7.63 17.84 -18.63
CA ALA G 226 7.50 16.71 -19.55
C ALA G 226 8.27 15.47 -19.05
N ILE G 227 9.50 15.69 -18.60
CA ILE G 227 10.30 14.64 -17.97
C ILE G 227 9.60 14.06 -16.75
N THR G 228 8.97 14.92 -15.94
CA THR G 228 8.41 14.49 -14.66
C THR G 228 7.18 13.60 -14.85
N VAL G 229 6.32 13.96 -15.80
CA VAL G 229 5.15 13.16 -16.11
C VAL G 229 5.52 11.90 -16.91
N ALA G 230 6.58 11.97 -17.70
CA ALA G 230 7.12 10.77 -18.37
C ALA G 230 7.43 9.71 -17.31
N ARG G 231 8.14 10.10 -16.26
CA ARG G 231 8.41 9.19 -15.14
C ARG G 231 7.12 8.76 -14.44
N GLU G 232 6.26 9.73 -14.12
CA GLU G 232 4.98 9.41 -13.48
C GLU G 232 4.21 8.32 -14.24
N PHE G 233 4.15 8.43 -15.56
CA PHE G 233 3.36 7.50 -16.37
C PHE G 233 4.19 6.41 -17.06
N LYS G 234 5.47 6.34 -16.70
CA LYS G 234 6.32 5.19 -17.03
C LYS G 234 6.58 5.03 -18.52
N THR G 235 6.96 6.13 -19.17
CA THR G 235 7.29 6.12 -20.58
C THR G 235 8.51 7.00 -20.82
N GLU G 236 9.40 6.54 -21.71
CA GLU G 236 10.64 7.25 -21.97
C GLU G 236 10.60 8.07 -23.27
N ASN G 237 9.42 8.12 -23.90
CA ASN G 237 9.20 8.92 -25.12
C ASN G 237 8.42 10.21 -24.83
N ILE G 238 9.01 11.33 -25.23
CA ILE G 238 8.39 12.64 -25.14
C ILE G 238 8.43 13.25 -26.54
N VAL G 239 7.26 13.64 -27.05
CA VAL G 239 7.13 14.27 -28.36
C VAL G 239 6.75 15.73 -28.17
N TYR G 240 7.52 16.64 -28.79
CA TYR G 240 7.30 18.06 -28.68
C TYR G 240 6.75 18.62 -29.97
N ILE G 241 5.59 19.25 -29.88
CA ILE G 241 4.97 19.92 -31.02
C ILE G 241 4.61 21.35 -30.61
N GLY G 242 4.15 22.13 -31.58
CA GLY G 242 3.71 23.50 -31.32
C GLY G 242 4.62 24.44 -32.05
N SER G 243 4.07 25.59 -32.45
CA SER G 243 4.79 26.51 -33.35
C SER G 243 5.90 27.31 -32.64
N SER G 244 5.96 27.24 -31.31
CA SER G 244 7.03 27.90 -30.56
C SER G 244 8.42 27.42 -30.98
N PHE G 245 8.48 26.23 -31.57
CA PHE G 245 9.77 25.69 -32.06
C PHE G 245 10.20 26.25 -33.43
N HIS G 246 9.23 26.75 -34.21
N HIS G 246 9.24 26.76 -34.20
CA HIS G 246 9.53 27.31 -35.53
CA HIS G 246 9.54 27.30 -35.53
C HIS G 246 10.44 28.53 -35.38
C HIS G 246 10.43 28.55 -35.41
N ASN G 247 11.49 28.58 -36.21
CA ASN G 247 12.47 29.67 -36.18
C ASN G 247 13.13 29.90 -34.82
N ASN G 248 13.26 28.83 -34.04
CA ASN G 248 13.89 28.91 -32.73
C ASN G 248 14.66 27.63 -32.44
N ALA G 249 15.82 27.51 -33.10
CA ALA G 249 16.69 26.35 -32.97
C ALA G 249 17.33 26.24 -31.58
N LEU G 250 17.27 27.30 -30.78
CA LEU G 250 17.75 27.27 -29.41
C LEU G 250 16.75 26.57 -28.50
N LEU G 251 15.47 26.81 -28.73
CA LEU G 251 14.42 26.17 -27.96
C LEU G 251 14.44 24.67 -28.18
N ARG G 252 14.61 24.24 -29.43
CA ARG G 252 14.66 22.81 -29.74
C ARG G 252 15.90 22.19 -29.13
N LYS G 253 17.02 22.90 -29.23
CA LYS G 253 18.29 22.52 -28.61
C LYS G 253 18.16 22.27 -27.10
N VAL G 254 17.59 23.24 -26.39
CA VAL G 254 17.50 23.18 -24.93
C VAL G 254 16.63 22.02 -24.47
N VAL G 255 15.49 21.81 -25.13
CA VAL G 255 14.56 20.76 -24.72
C VAL G 255 15.08 19.39 -25.15
N GLU G 256 15.70 19.34 -26.33
CA GLU G 256 16.25 18.09 -26.85
C GLU G 256 17.43 17.62 -26.01
N ASP G 257 18.34 18.52 -25.68
CA ASP G 257 19.51 18.19 -24.86
C ASP G 257 19.13 17.69 -23.47
N TYR G 258 18.21 18.37 -22.80
CA TYR G 258 17.83 18.01 -21.43
C TYR G 258 16.99 16.73 -21.38
N THR G 259 16.11 16.53 -22.37
CA THR G 259 15.37 15.28 -22.51
C THR G 259 16.33 14.10 -22.58
N VAL G 260 17.30 14.17 -23.49
CA VAL G 260 18.31 13.11 -23.61
C VAL G 260 19.08 12.93 -22.30
N LEU G 261 19.49 14.04 -21.69
CA LEU G 261 20.30 14.02 -20.46
C LEU G 261 19.58 13.30 -19.32
N ARG G 262 18.25 13.43 -19.29
CA ARG G 262 17.45 12.82 -18.25
C ARG G 262 16.93 11.42 -18.61
N GLY G 263 17.54 10.79 -19.60
CA GLY G 263 17.23 9.40 -19.94
C GLY G 263 15.87 9.19 -20.61
N CYS G 264 15.43 10.19 -21.36
CA CYS G 264 14.23 10.05 -22.21
C CYS G 264 14.62 10.26 -23.66
N LYS G 265 13.71 9.91 -24.56
CA LYS G 265 13.91 10.07 -26.00
C LYS G 265 13.03 11.19 -26.56
N PRO G 266 13.64 12.31 -26.99
CA PRO G 266 12.88 13.41 -27.56
C PRO G 266 12.52 13.16 -29.01
N TYR G 267 11.34 13.64 -29.42
CA TYR G 267 10.87 13.47 -30.78
C TYR G 267 10.31 14.80 -31.30
N TYR G 268 10.78 15.20 -32.47
CA TYR G 268 10.12 16.28 -33.22
C TYR G 268 9.47 15.66 -34.43
N VAL G 269 8.40 16.31 -34.87
CA VAL G 269 7.60 15.87 -35.99
C VAL G 269 7.52 17.01 -37.00
N GLU G 270 7.76 16.68 -38.27
CA GLU G 270 7.59 17.65 -39.34
C GLU G 270 6.10 18.00 -39.43
N ASN G 271 5.80 19.30 -39.36
CA ASN G 271 4.43 19.82 -39.35
C ASN G 271 3.66 19.50 -38.07
N GLY G 272 4.39 19.30 -36.97
CA GLY G 272 3.77 19.02 -35.68
C GLY G 272 2.81 20.11 -35.22
N ALA G 273 3.10 21.34 -35.61
CA ALA G 273 2.26 22.48 -35.27
C ALA G 273 0.86 22.41 -35.91
N PHE G 274 0.72 21.61 -36.97
CA PHE G 274 -0.59 21.37 -37.61
C PHE G 274 -1.28 20.11 -37.10
N SER G 275 -0.79 19.53 -36.01
CA SER G 275 -1.41 18.33 -35.44
C SER G 275 -2.91 18.52 -35.19
N GLY G 276 -3.30 19.64 -34.57
CA GLY G 276 -4.70 19.89 -34.23
C GLY G 276 -5.58 19.98 -35.47
N ALA G 277 -5.10 20.70 -36.49
CA ALA G 277 -5.83 20.83 -37.75
C ALA G 277 -6.04 19.47 -38.40
N ILE G 278 -4.96 18.69 -38.49
CA ILE G 278 -5.02 17.36 -39.06
C ILE G 278 -5.98 16.47 -38.28
N GLY G 279 -5.88 16.52 -36.95
CA GLY G 279 -6.73 15.72 -36.07
C GLY G 279 -8.21 16.03 -36.22
N ALA G 280 -8.54 17.31 -36.35
CA ALA G 280 -9.93 17.73 -36.52
C ALA G 280 -10.57 17.08 -37.74
N LEU G 281 -9.82 17.01 -38.85
CA LEU G 281 -10.29 16.37 -40.07
C LEU G 281 -10.57 14.89 -39.83
N TYR G 282 -9.60 14.18 -39.27
CA TYR G 282 -9.76 12.75 -38.99
C TYR G 282 -11.00 12.48 -38.13
N LEU G 283 -11.16 13.27 -37.07
CA LEU G 283 -12.30 13.11 -36.15
C LEU G 283 -13.65 13.37 -36.82
N GLU G 284 -13.66 14.11 -37.89
CA GLU G 284 -14.93 14.30 -38.54
C GLU G 284 -15.42 13.00 -39.23
N LYS G 285 -14.56 12.02 -39.43
CA LYS G 285 -15.00 10.67 -39.76
C LYS G 285 -14.41 9.67 -38.75
N GLY H 18 29.83 26.53 25.26
CA GLY H 18 28.97 27.75 25.14
C GLY H 18 27.64 27.47 24.47
N MET H 19 27.68 27.00 23.22
CA MET H 19 26.45 26.80 22.45
C MET H 19 26.61 25.83 21.30
N LYS H 20 25.48 25.31 20.84
CA LYS H 20 25.42 24.48 19.63
C LYS H 20 24.96 25.36 18.47
N VAL H 21 25.60 25.18 17.31
CA VAL H 21 25.35 26.05 16.15
C VAL H 21 25.09 25.25 14.89
N GLY H 22 23.96 25.53 14.25
CA GLY H 22 23.66 25.04 12.91
C GLY H 22 23.80 26.16 11.89
N ILE H 23 24.36 25.83 10.72
CA ILE H 23 24.50 26.80 9.64
C ILE H 23 24.16 26.18 8.29
N ASP H 24 23.20 26.79 7.60
CA ASP H 24 22.87 26.43 6.23
C ASP H 24 23.32 27.58 5.32
N ALA H 25 24.50 27.43 4.74
CA ALA H 25 25.10 28.44 3.89
C ALA H 25 24.67 28.21 2.44
N GLY H 26 23.60 28.90 2.03
CA GLY H 26 23.06 28.75 0.69
C GLY H 26 23.73 29.66 -0.32
N GLY H 27 23.21 29.64 -1.54
CA GLY H 27 23.72 30.51 -2.59
C GLY H 27 23.52 32.00 -2.37
N THR H 28 22.53 32.38 -1.56
CA THR H 28 22.20 33.80 -1.34
C THR H 28 22.23 34.21 0.12
N LEU H 29 21.65 33.38 0.99
CA LEU H 29 21.60 33.68 2.41
C LEU H 29 22.21 32.55 3.23
N ILE H 30 22.80 32.93 4.36
CA ILE H 30 23.35 31.99 5.32
C ILE H 30 22.42 31.99 6.53
N LYS H 31 21.76 30.87 6.78
CA LYS H 31 20.82 30.75 7.87
C LYS H 31 21.53 30.09 9.05
N ILE H 32 21.41 30.72 10.21
CA ILE H 32 22.11 30.29 11.42
C ILE H 32 21.12 29.98 12.54
N VAL H 33 21.39 28.91 13.29
CA VAL H 33 20.58 28.57 14.46
C VAL H 33 21.49 28.33 15.65
N GLN H 34 21.27 29.09 16.71
CA GLN H 34 22.02 28.91 17.95
C GLN H 34 21.14 28.20 18.97
N GLU H 35 21.67 27.13 19.57
CA GLU H 35 20.95 26.39 20.58
C GLU H 35 21.63 26.60 21.95
N GLN H 36 20.88 27.16 22.89
CA GLN H 36 21.35 27.44 24.26
C GLN H 36 20.17 27.39 25.22
N ASP H 37 20.35 26.71 26.36
CA ASP H 37 19.32 26.61 27.37
C ASP H 37 18.02 26.05 26.79
N ASN H 38 18.16 25.05 25.92
CA ASN H 38 17.02 24.41 25.26
C ASN H 38 16.14 25.42 24.48
N GLN H 39 16.78 26.46 23.95
CA GLN H 39 16.08 27.49 23.18
C GLN H 39 16.85 27.82 21.90
N ARG H 40 16.14 27.87 20.78
CA ARG H 40 16.73 28.23 19.49
C ARG H 40 16.69 29.75 19.28
N THR H 41 17.72 30.29 18.63
CA THR H 41 17.75 31.69 18.23
C THR H 41 18.18 31.77 16.76
N PHE H 42 17.47 32.58 15.98
CA PHE H 42 17.60 32.59 14.52
C PHE H 42 18.22 33.88 13.98
N LYS H 43 19.10 33.72 12.99
CA LYS H 43 19.81 34.84 12.38
C LYS H 43 20.10 34.58 10.90
N THR H 44 19.97 35.63 10.09
CA THR H 44 20.21 35.55 8.64
C THR H 44 21.22 36.62 8.22
N GLU H 45 22.40 36.16 7.82
CA GLU H 45 23.39 37.02 7.15
C GLU H 45 23.35 36.73 5.65
N LEU H 46 23.93 37.62 4.85
CA LEU H 46 24.02 37.41 3.40
C LEU H 46 25.19 36.48 3.09
N THR H 47 25.06 35.70 2.02
CA THR H 47 26.12 34.77 1.60
C THR H 47 27.42 35.49 1.22
N LYS H 48 27.31 36.69 0.63
CA LYS H 48 28.48 37.50 0.30
C LYS H 48 29.28 37.89 1.55
N ASN H 49 28.61 38.02 2.69
CA ASN H 49 29.25 38.35 3.96
C ASN H 49 29.68 37.11 4.72
N ILE H 50 30.24 36.13 4.00
CA ILE H 50 30.59 34.85 4.58
C ILE H 50 31.80 34.93 5.52
N ASP H 51 32.71 35.86 5.24
CA ASP H 51 33.89 36.08 6.08
C ASP H 51 33.49 36.50 7.49
N GLN H 52 32.54 37.43 7.58
CA GLN H 52 32.03 37.90 8.88
C GLN H 52 31.34 36.78 9.67
N VAL H 53 30.78 35.80 8.96
CA VAL H 53 30.25 34.59 9.61
C VAL H 53 31.40 33.75 10.15
N VAL H 54 32.46 33.56 9.37
CA VAL H 54 33.64 32.80 9.81
C VAL H 54 34.33 33.51 10.99
N GLU H 55 34.46 34.83 10.90
CA GLU H 55 35.09 35.62 11.95
C GLU H 55 34.29 35.57 13.24
N TRP H 56 32.97 35.62 13.10
CA TRP H 56 32.05 35.48 14.24
C TRP H 56 32.21 34.11 14.88
N LEU H 57 32.32 33.07 14.04
CA LEU H 57 32.42 31.69 14.51
C LEU H 57 33.65 31.43 15.40
N ASN H 58 34.76 32.09 15.08
CA ASN H 58 36.00 31.88 15.82
C ASN H 58 36.04 32.57 17.17
N GLN H 59 35.21 33.60 17.35
CA GLN H 59 35.14 34.34 18.60
C GLN H 59 34.18 33.69 19.60
N GLN H 60 33.37 32.74 19.12
CA GLN H 60 32.40 32.06 19.97
C GLN H 60 32.96 30.80 20.64
N GLN H 61 32.32 30.40 21.72
CA GLN H 61 32.58 29.13 22.39
C GLN H 61 31.54 28.12 21.88
N ILE H 62 31.98 27.14 21.08
CA ILE H 62 31.07 26.23 20.39
C ILE H 62 31.14 24.80 20.94
N GLU H 63 30.00 24.27 21.36
CA GLU H 63 29.87 22.88 21.80
C GLU H 63 29.78 21.93 20.61
N LYS H 64 28.98 22.34 19.62
CA LYS H 64 28.79 21.60 18.36
C LYS H 64 28.50 22.55 17.20
N LEU H 65 29.26 22.41 16.12
CA LEU H 65 29.03 23.13 14.87
C LEU H 65 28.62 22.12 13.80
N CYS H 66 27.43 22.30 13.25
CA CYS H 66 26.95 21.46 12.14
C CYS H 66 26.61 22.32 10.94
N LEU H 67 27.18 21.96 9.80
CA LEU H 67 27.10 22.79 8.60
C LEU H 67 26.36 22.04 7.51
N THR H 68 25.62 22.78 6.69
CA THR H 68 25.03 22.23 5.48
C THR H 68 24.95 23.31 4.39
N GLY H 69 24.59 22.90 3.18
CA GLY H 69 24.39 23.82 2.07
C GLY H 69 25.64 24.05 1.23
N GLY H 70 25.44 24.70 0.09
CA GLY H 70 26.47 24.91 -0.93
C GLY H 70 27.79 25.49 -0.46
N ASN H 71 27.74 26.43 0.48
CA ASN H 71 28.96 27.11 0.94
C ASN H 71 29.46 26.63 2.32
N ALA H 72 29.01 25.44 2.72
CA ALA H 72 29.41 24.83 4.00
C ALA H 72 30.90 24.47 4.02
N GLY H 73 31.39 23.93 2.91
CA GLY H 73 32.81 23.65 2.72
C GLY H 73 33.69 24.86 2.92
N VAL H 74 33.26 26.01 2.40
CA VAL H 74 34.00 27.27 2.56
C VAL H 74 34.14 27.66 4.04
N ILE H 75 33.15 27.30 4.86
CA ILE H 75 33.21 27.54 6.30
C ILE H 75 34.13 26.54 6.99
N ALA H 76 33.96 25.26 6.68
CA ALA H 76 34.71 24.17 7.29
C ALA H 76 36.22 24.38 7.26
N GLU H 77 36.76 24.75 6.11
CA GLU H 77 38.22 24.83 5.95
C GLU H 77 38.82 26.22 6.20
N ASN H 78 38.08 27.10 6.86
CA ASN H 78 38.60 28.39 7.34
C ASN H 78 38.57 28.50 8.86
N ILE H 79 38.30 27.39 9.54
CA ILE H 79 38.10 27.37 11.00
C ILE H 79 38.92 26.25 11.64
N ASN H 80 39.33 26.47 12.89
CA ASN H 80 40.07 25.48 13.69
C ASN H 80 39.16 24.69 14.63
N ILE H 81 37.93 24.47 14.19
CA ILE H 81 36.88 23.91 15.02
C ILE H 81 36.31 22.69 14.31
N PRO H 82 36.10 21.57 15.03
CA PRO H 82 35.45 20.43 14.39
C PRO H 82 34.07 20.80 13.86
N ALA H 83 33.77 20.40 12.63
CA ALA H 83 32.48 20.66 12.01
C ALA H 83 31.97 19.39 11.35
N GLN H 84 30.71 19.05 11.61
CA GLN H 84 30.03 18.00 10.86
C GLN H 84 29.35 18.66 9.67
N ILE H 85 29.50 18.08 8.49
CA ILE H 85 28.88 18.59 7.28
C ILE H 85 27.86 17.60 6.74
N PHE H 86 26.62 18.06 6.55
CA PHE H 86 25.54 17.20 6.10
C PHE H 86 24.97 17.62 4.75
N VAL H 87 24.39 16.65 4.05
CA VAL H 87 23.77 16.88 2.75
C VAL H 87 22.52 17.73 2.92
N GLU H 88 22.44 18.78 2.11
CA GLU H 88 21.39 19.80 2.15
C GLU H 88 19.96 19.26 2.25
N PHE H 89 19.67 18.23 1.46
CA PHE H 89 18.30 17.74 1.28
C PHE H 89 17.80 16.98 2.52
N ASP H 90 18.67 16.14 3.07
CA ASP H 90 18.36 15.39 4.28
C ASP H 90 18.28 16.31 5.50
N ALA H 91 19.13 17.33 5.55
CA ALA H 91 19.12 18.29 6.65
C ALA H 91 17.82 19.10 6.63
N ALA H 92 17.47 19.61 5.45
CA ALA H 92 16.19 20.33 5.28
C ALA H 92 15.01 19.45 5.71
N SER H 93 15.00 18.19 5.29
CA SER H 93 13.92 17.28 5.62
C SER H 93 13.83 17.00 7.11
N GLN H 94 14.97 16.96 7.78
CA GLN H 94 14.99 16.66 9.21
C GLN H 94 14.49 17.85 10.05
N GLY H 95 15.04 19.03 9.79
CA GLY H 95 14.58 20.24 10.49
C GLY H 95 13.14 20.59 10.19
N LEU H 96 12.72 20.39 8.93
CA LEU H 96 11.32 20.60 8.57
C LEU H 96 10.41 19.65 9.34
N GLY H 97 10.87 18.41 9.51
CA GLY H 97 10.14 17.45 10.32
C GLY H 97 9.91 18.00 11.73
N ILE H 98 10.97 18.49 12.36
CA ILE H 98 10.88 18.98 13.73
C ILE H 98 9.94 20.21 13.84
N LEU H 99 10.04 21.16 12.91
CA LEU H 99 9.19 22.35 12.99
C LEU H 99 7.71 22.02 12.82
N LEU H 100 7.40 21.10 11.90
CA LEU H 100 6.02 20.68 11.65
C LEU H 100 5.36 20.09 12.89
N LYS H 101 6.08 19.22 13.61
CA LYS H 101 5.56 18.66 14.85
C LYS H 101 5.39 19.75 15.89
N GLU H 102 6.37 20.65 16.00
CA GLU H 102 6.32 21.75 16.97
C GLU H 102 5.20 22.76 16.69
N GLN H 103 4.66 22.76 15.48
CA GLN H 103 3.58 23.68 15.11
C GLN H 103 2.25 22.96 14.90
N GLY H 104 2.17 21.69 15.31
CA GLY H 104 0.90 20.97 15.38
C GLY H 104 0.44 20.27 14.12
N HIS H 105 1.35 20.02 13.19
CA HIS H 105 1.03 19.26 11.98
C HIS H 105 1.72 17.90 12.06
N ASP H 106 0.93 16.85 12.27
CA ASP H 106 1.44 15.50 12.22
C ASP H 106 1.00 14.90 10.89
N LEU H 107 1.86 15.02 9.88
CA LEU H 107 1.56 14.60 8.52
C LEU H 107 2.23 13.27 8.19
N ALA H 108 1.45 12.31 7.69
CA ALA H 108 1.95 10.98 7.34
C ALA H 108 2.95 11.03 6.21
N ASP H 109 2.70 11.92 5.26
CA ASP H 109 3.56 12.09 4.09
C ASP H 109 3.27 13.41 3.42
N TYR H 110 4.27 13.93 2.71
CA TYR H 110 4.13 15.20 2.03
C TYR H 110 5.21 15.41 1.01
N ILE H 111 4.90 16.26 0.05
CA ILE H 111 5.90 16.88 -0.80
C ILE H 111 6.36 18.11 -0.05
N PHE H 112 7.67 18.37 -0.02
CA PHE H 112 8.11 19.73 0.28
C PHE H 112 8.89 20.38 -0.87
N ALA H 113 8.63 21.67 -1.03
CA ALA H 113 9.24 22.45 -2.08
C ALA H 113 10.15 23.47 -1.42
N ASN H 114 11.44 23.32 -1.66
CA ASN H 114 12.43 24.19 -1.09
C ASN H 114 12.74 25.31 -2.08
N VAL H 115 12.03 26.42 -1.93
CA VAL H 115 12.13 27.56 -2.84
C VAL H 115 13.19 28.54 -2.33
N GLY H 116 14.44 28.17 -2.52
CA GLY H 116 15.58 28.99 -2.18
C GLY H 116 16.00 29.83 -3.37
N THR H 117 17.30 29.87 -3.64
CA THR H 117 17.79 30.60 -4.81
C THR H 117 17.23 29.91 -6.05
N GLY H 118 17.40 28.59 -6.09
CA GLY H 118 16.66 27.72 -7.00
C GLY H 118 15.74 26.83 -6.18
N THR H 119 14.89 26.08 -6.87
CA THR H 119 13.85 25.29 -6.22
C THR H 119 14.18 23.80 -6.26
N SER H 120 14.08 23.15 -5.11
CA SER H 120 14.30 21.72 -5.00
C SER H 120 13.04 21.08 -4.47
N LEU H 121 12.63 19.98 -5.10
CA LEU H 121 11.37 19.34 -4.79
C LEU H 121 11.61 17.96 -4.24
N HIS H 122 10.93 17.64 -3.13
CA HIS H 122 11.16 16.40 -2.41
C HIS H 122 9.87 15.72 -2.02
N TYR H 123 9.89 14.40 -1.95
CA TYR H 123 8.80 13.61 -1.42
C TYR H 123 9.26 12.93 -0.13
N PHE H 124 8.51 13.14 0.94
CA PHE H 124 8.78 12.53 2.25
C PHE H 124 7.69 11.48 2.52
N ASP H 125 8.08 10.22 2.68
CA ASP H 125 7.10 9.11 2.75
C ASP H 125 6.76 8.64 4.16
N GLY H 126 7.06 9.47 5.17
CA GLY H 126 6.84 9.12 6.56
C GLY H 126 8.13 8.84 7.27
N GLN H 127 9.11 8.27 6.55
CA GLN H 127 10.41 7.92 7.14
C GLN H 127 11.60 8.72 6.59
N SER H 128 11.72 8.80 5.26
CA SER H 128 12.87 9.48 4.63
C SER H 128 12.46 10.26 3.39
N GLN H 129 13.32 11.21 3.01
CA GLN H 129 13.09 12.04 1.84
C GLN H 129 13.78 11.50 0.59
N ARG H 130 13.20 11.82 -0.56
CA ARG H 130 13.82 11.57 -1.86
C ARG H 130 13.65 12.82 -2.70
N ARG H 131 14.73 13.29 -3.33
CA ARG H 131 14.59 14.40 -4.25
C ARG H 131 13.96 13.87 -5.53
N VAL H 132 12.81 14.45 -5.88
CA VAL H 132 11.99 13.98 -7.00
C VAL H 132 11.91 14.99 -8.14
N GLY H 133 12.75 16.01 -8.09
CA GLY H 133 12.78 17.03 -9.13
C GLY H 133 13.27 18.36 -8.61
N GLY H 134 13.52 19.26 -9.54
CA GLY H 134 13.98 20.60 -9.22
C GLY H 134 13.76 21.52 -10.39
N ILE H 135 13.84 22.82 -10.13
CA ILE H 135 13.63 23.80 -11.18
C ILE H 135 14.34 25.10 -10.81
N GLY H 136 14.81 25.79 -11.84
CA GLY H 136 15.57 27.02 -11.69
C GLY H 136 14.71 28.26 -11.47
N THR H 137 13.39 28.09 -11.50
CA THR H 137 12.47 29.17 -11.16
C THR H 137 12.29 29.22 -9.64
N GLY H 138 12.83 30.27 -9.03
CA GLY H 138 12.73 30.48 -7.60
C GLY H 138 13.23 31.86 -7.22
N GLY H 139 13.97 31.94 -6.11
CA GLY H 139 14.34 33.23 -5.52
C GLY H 139 15.31 34.07 -6.30
N GLY H 140 16.33 33.43 -6.86
CA GLY H 140 17.33 34.13 -7.66
C GLY H 140 16.76 34.69 -8.95
N MET H 141 15.77 34.00 -9.51
CA MET H 141 15.08 34.47 -10.70
C MET H 141 14.23 35.70 -10.40
N ILE H 142 13.58 35.72 -9.24
CA ILE H 142 12.80 36.89 -8.80
C ILE H 142 13.72 38.12 -8.77
N GLN H 143 14.82 38.00 -8.04
CA GLN H 143 15.83 39.05 -7.95
C GLN H 143 16.45 39.35 -9.31
N GLY H 144 16.75 38.29 -10.05
CA GLY H 144 17.47 38.41 -11.30
C GLY H 144 16.65 38.95 -12.44
N LEU H 145 15.51 38.31 -12.71
CA LEU H 145 14.61 38.79 -13.76
C LEU H 145 13.96 40.10 -13.32
N GLY H 146 13.65 40.23 -12.03
CA GLY H 146 13.13 41.49 -11.50
C GLY H 146 14.08 42.67 -11.68
N TYR H 147 15.38 42.42 -11.52
CA TYR H 147 16.38 43.46 -11.77
C TYR H 147 16.37 43.89 -13.24
N LEU H 148 16.34 42.93 -14.15
CA LEU H 148 16.36 43.22 -15.58
C LEU H 148 15.17 44.05 -16.06
N LEU H 149 14.02 43.85 -15.44
CA LEU H 149 12.78 44.51 -15.87
C LEU H 149 12.49 45.80 -15.11
N SER H 150 13.20 46.03 -14.00
CA SER H 150 12.91 47.16 -13.08
C SER H 150 14.12 47.96 -12.58
N GLN H 151 15.34 47.43 -12.77
CA GLN H 151 16.58 48.05 -12.27
C GLN H 151 16.67 48.16 -10.74
N ILE H 152 15.85 47.38 -10.02
CA ILE H 152 15.86 47.38 -8.54
C ILE H 152 16.72 46.24 -7.98
N THR H 153 17.75 46.60 -7.20
CA THR H 153 18.68 45.60 -6.60
C THR H 153 18.38 45.29 -5.14
N ASP H 154 17.84 46.25 -4.40
CA ASP H 154 17.44 46.01 -3.01
C ASP H 154 16.22 45.08 -2.92
N TYR H 155 16.41 43.92 -2.28
CA TYR H 155 15.37 42.89 -2.19
C TYR H 155 14.07 43.39 -1.56
N LYS H 156 14.20 44.16 -0.49
CA LYS H 156 13.03 44.71 0.20
C LYS H 156 12.23 45.63 -0.72
N GLN H 157 12.94 46.50 -1.43
CA GLN H 157 12.33 47.42 -2.37
C GLN H 157 11.66 46.69 -3.53
N LEU H 158 12.33 45.66 -4.07
CA LEU H 158 11.82 44.89 -5.20
C LEU H 158 10.47 44.26 -4.90
N THR H 159 10.43 43.52 -3.80
CA THR H 159 9.26 42.74 -3.43
C THR H 159 8.11 43.62 -2.91
N ASP H 160 8.46 44.71 -2.20
CA ASP H 160 7.48 45.73 -1.82
C ASP H 160 6.78 46.33 -3.05
N MET H 161 7.55 46.71 -4.05
N MET H 161 7.57 46.73 -4.05
CA MET H 161 6.99 47.29 -5.26
CA MET H 161 7.01 47.27 -5.28
C MET H 161 6.01 46.33 -5.95
C MET H 161 6.01 46.32 -5.91
N ALA H 162 6.39 45.05 -6.01
CA ALA H 162 5.57 44.02 -6.67
C ALA H 162 4.19 43.76 -6.05
N GLN H 163 4.05 43.99 -4.75
CA GLN H 163 2.79 43.69 -4.03
C GLN H 163 1.57 44.43 -4.56
N HIS H 164 1.79 45.63 -5.09
CA HIS H 164 0.71 46.47 -5.63
C HIS H 164 0.58 46.32 -7.15
N GLY H 165 1.35 45.41 -7.72
CA GLY H 165 1.39 45.23 -9.16
C GLY H 165 0.13 44.58 -9.68
N ASP H 166 -0.25 44.95 -10.90
CA ASP H 166 -1.41 44.36 -11.56
C ASP H 166 -0.91 43.52 -12.73
N ARG H 167 -1.32 42.25 -12.76
CA ARG H 167 -0.82 41.30 -13.76
C ARG H 167 -1.63 41.29 -15.06
N ASN H 168 -2.74 42.01 -15.11
CA ASN H 168 -3.77 41.79 -16.15
C ASN H 168 -3.31 42.17 -17.56
N THR H 169 -2.60 43.29 -17.67
CA THR H 169 -2.03 43.75 -18.92
C THR H 169 -0.90 42.84 -19.45
N ILE H 170 -0.31 42.02 -18.58
CA ILE H 170 0.86 41.20 -18.93
C ILE H 170 0.50 39.73 -19.20
N ASP H 171 -0.29 39.12 -18.31
CA ASP H 171 -0.57 37.67 -18.35
C ASP H 171 -1.85 37.31 -19.12
N LEU H 172 -1.79 36.20 -19.86
CA LEU H 172 -2.92 35.72 -20.64
C LEU H 172 -3.60 34.55 -19.94
N LYS H 173 -4.92 34.57 -19.93
CA LYS H 173 -5.71 33.54 -19.25
C LYS H 173 -6.34 32.61 -20.28
N VAL H 174 -6.78 31.46 -19.79
CA VAL H 174 -7.50 30.52 -20.64
C VAL H 174 -8.67 31.19 -21.34
N ARG H 175 -9.51 31.92 -20.59
CA ARG H 175 -10.73 32.51 -21.17
C ARG H 175 -10.46 33.57 -22.25
N HIS H 176 -9.34 34.29 -22.17
CA HIS H 176 -8.97 35.26 -23.21
C HIS H 176 -8.80 34.58 -24.57
N ILE H 177 -8.25 33.38 -24.58
CA ILE H 177 -8.05 32.61 -25.81
C ILE H 177 -9.37 32.01 -26.28
N TYR H 178 -10.12 31.41 -25.36
CA TYR H 178 -11.39 30.74 -25.69
C TYR H 178 -12.59 31.71 -25.83
N LYS H 179 -12.45 32.91 -25.27
CA LYS H 179 -13.47 33.96 -25.37
C LYS H 179 -14.84 33.32 -25.04
N ASP H 180 -15.77 33.34 -25.99
CA ASP H 180 -17.19 33.06 -25.70
C ASP H 180 -17.56 31.58 -25.64
N THR H 181 -16.57 30.69 -25.79
CA THR H 181 -16.81 29.25 -25.66
C THR H 181 -16.43 28.76 -24.26
N GLU H 182 -17.15 27.76 -23.76
CA GLU H 182 -16.76 27.11 -22.51
C GLU H 182 -15.43 26.35 -22.72
N PRO H 183 -14.39 26.72 -21.96
CA PRO H 183 -13.07 26.10 -22.14
C PRO H 183 -12.98 24.72 -21.51
N PRO H 184 -12.08 23.86 -22.04
CA PRO H 184 -11.92 22.50 -21.54
C PRO H 184 -11.07 22.37 -20.26
N ILE H 185 -10.58 23.49 -19.75
CA ILE H 185 -9.95 23.55 -18.43
C ILE H 185 -10.44 24.85 -17.79
N PRO H 186 -10.31 25.00 -16.46
CA PRO H 186 -10.91 26.19 -15.84
C PRO H 186 -10.45 27.48 -16.53
N GLY H 187 -11.40 28.35 -16.86
CA GLY H 187 -11.14 29.55 -17.66
C GLY H 187 -10.29 30.63 -17.02
N ASP H 188 -10.18 30.60 -15.69
CA ASP H 188 -9.44 31.63 -14.98
C ASP H 188 -7.95 31.32 -14.83
N LEU H 189 -7.53 30.11 -15.20
CA LEU H 189 -6.12 29.76 -15.12
C LEU H 189 -5.31 30.64 -16.09
N THR H 190 -4.09 30.99 -15.68
CA THR H 190 -3.14 31.56 -16.61
C THR H 190 -2.89 30.56 -17.74
N ALA H 191 -3.08 31.01 -18.97
CA ALA H 191 -2.75 30.26 -20.18
C ALA H 191 -1.30 30.51 -20.58
N ALA H 192 -0.87 31.77 -20.47
CA ALA H 192 0.50 32.14 -20.83
C ALA H 192 1.01 33.30 -19.99
N ASN H 193 2.14 33.09 -19.31
CA ASN H 193 2.73 34.16 -18.52
C ASN H 193 3.37 35.13 -19.48
N PHE H 194 3.07 36.41 -19.31
CA PHE H 194 3.49 37.46 -20.25
C PHE H 194 2.81 37.37 -21.62
N GLY H 195 1.81 36.50 -21.74
CA GLY H 195 1.16 36.26 -23.03
C GLY H 195 0.19 37.34 -23.48
N HIS H 196 -0.18 38.24 -22.56
CA HIS H 196 -1.06 39.35 -22.91
C HIS H 196 -0.29 40.64 -23.29
N VAL H 197 1.04 40.58 -23.28
CA VAL H 197 1.86 41.79 -23.56
C VAL H 197 1.70 42.31 -25.00
N LEU H 198 1.72 41.40 -25.98
CA LEU H 198 1.57 41.81 -27.38
C LEU H 198 0.15 42.29 -27.71
N HIS H 199 -0.82 42.02 -26.83
CA HIS H 199 -2.18 42.57 -26.96
C HIS H 199 -2.30 43.96 -26.32
N HIS H 200 -1.21 44.43 -25.71
CA HIS H 200 -1.23 45.66 -24.93
C HIS H 200 -0.04 46.55 -25.22
N LEU H 201 0.29 46.69 -26.51
CA LEU H 201 1.37 47.57 -26.96
C LEU H 201 1.03 49.04 -26.81
N ASP H 202 -0.25 49.36 -26.68
CA ASP H 202 -0.70 50.72 -26.38
C ASP H 202 -0.45 51.11 -24.93
N ALA H 203 -0.14 50.13 -24.08
CA ALA H 203 0.02 50.35 -22.65
C ALA H 203 1.48 50.42 -22.23
N ASP H 204 1.78 51.32 -21.30
CA ASP H 204 3.10 51.34 -20.67
C ASP H 204 3.12 50.22 -19.64
N PHE H 205 4.17 49.42 -19.69
CA PHE H 205 4.34 48.33 -18.76
C PHE H 205 5.20 48.82 -17.59
N THR H 206 4.60 48.89 -16.41
CA THR H 206 5.23 49.52 -15.25
C THR H 206 6.02 48.51 -14.43
N PRO H 207 7.08 48.97 -13.74
CA PRO H 207 7.91 48.06 -12.94
C PRO H 207 7.12 47.22 -11.95
N SER H 208 6.11 47.81 -11.30
CA SER H 208 5.30 47.08 -10.32
C SER H 208 4.53 45.93 -10.96
N ASN H 209 3.92 46.19 -12.11
CA ASN H 209 3.14 45.20 -12.84
C ASN H 209 4.03 44.09 -13.41
N LYS H 210 5.21 44.47 -13.89
CA LYS H 210 6.15 43.53 -14.45
C LYS H 210 6.66 42.56 -13.40
N LEU H 211 6.99 43.09 -12.22
CA LEU H 211 7.51 42.27 -11.11
C LEU H 211 6.46 41.37 -10.49
N ALA H 212 5.21 41.82 -10.48
CA ALA H 212 4.12 40.99 -10.02
C ALA H 212 3.99 39.81 -10.97
N ALA H 213 4.17 40.09 -12.26
CA ALA H 213 4.17 39.05 -13.29
C ALA H 213 5.37 38.10 -13.14
N VAL H 214 6.53 38.63 -12.76
CA VAL H 214 7.70 37.79 -12.46
C VAL H 214 7.41 36.90 -11.25
N ILE H 215 6.91 37.48 -10.17
CA ILE H 215 6.58 36.68 -8.99
C ILE H 215 5.52 35.64 -9.35
N GLY H 216 4.53 36.05 -10.15
CA GLY H 216 3.51 35.15 -10.66
C GLY H 216 4.05 33.90 -11.34
N VAL H 217 4.94 34.06 -12.29
CA VAL H 217 5.41 32.91 -13.07
C VAL H 217 6.24 31.96 -12.19
N VAL H 218 7.03 32.52 -11.29
CA VAL H 218 7.85 31.73 -10.39
C VAL H 218 6.96 30.88 -9.48
N GLY H 219 5.99 31.54 -8.82
CA GLY H 219 5.01 30.88 -7.98
C GLY H 219 4.20 29.82 -8.73
N GLU H 220 3.82 30.13 -9.97
CA GLU H 220 3.01 29.21 -10.78
C GLU H 220 3.81 27.99 -11.25
N VAL H 221 5.10 28.17 -11.55
CA VAL H 221 5.92 27.04 -12.02
C VAL H 221 6.27 26.12 -10.87
N VAL H 222 6.67 26.71 -9.74
CA VAL H 222 6.98 25.94 -8.53
C VAL H 222 5.78 25.11 -8.09
N THR H 223 4.60 25.74 -8.06
CA THR H 223 3.39 25.08 -7.58
C THR H 223 2.91 23.98 -8.53
N THR H 224 3.03 24.23 -9.84
CA THR H 224 2.67 23.21 -10.82
C THR H 224 3.55 21.98 -10.62
N MET H 225 4.86 22.19 -10.55
CA MET H 225 5.80 21.09 -10.33
C MET H 225 5.47 20.33 -9.05
N ALA H 226 5.24 21.08 -7.97
CA ALA H 226 4.96 20.49 -6.66
C ALA H 226 3.68 19.66 -6.68
N ILE H 227 2.63 20.24 -7.26
CA ILE H 227 1.33 19.57 -7.38
C ILE H 227 1.46 18.30 -8.23
N THR H 228 2.24 18.37 -9.30
CA THR H 228 2.39 17.24 -10.22
C THR H 228 3.12 16.06 -9.56
N VAL H 229 4.20 16.35 -8.82
CA VAL H 229 4.89 15.27 -8.09
C VAL H 229 4.07 14.81 -6.87
N ALA H 230 3.22 15.68 -6.34
CA ALA H 230 2.28 15.28 -5.28
C ALA H 230 1.27 14.23 -5.76
N ARG H 231 0.80 14.39 -7.00
CA ARG H 231 -0.06 13.39 -7.63
C ARG H 231 0.70 12.10 -7.87
N GLU H 232 1.87 12.21 -8.47
CA GLU H 232 2.68 11.05 -8.82
C GLU H 232 2.96 10.16 -7.63
N PHE H 233 3.19 10.75 -6.46
CA PHE H 233 3.47 9.99 -5.24
C PHE H 233 2.29 9.92 -4.26
N LYS H 234 1.10 10.31 -4.73
CA LYS H 234 -0.15 10.04 -4.03
C LYS H 234 -0.19 10.64 -2.62
N THR H 235 0.09 11.93 -2.53
CA THR H 235 -0.03 12.66 -1.27
C THR H 235 -0.69 13.98 -1.59
N GLU H 236 -1.53 14.46 -0.69
CA GLU H 236 -2.27 15.69 -0.91
C GLU H 236 -1.71 16.83 -0.07
N ASN H 237 -0.59 16.59 0.62
CA ASN H 237 0.06 17.59 1.45
C ASN H 237 1.29 18.15 0.78
N ILE H 238 1.36 19.48 0.67
CA ILE H 238 2.54 20.16 0.12
C ILE H 238 3.01 21.26 1.06
N VAL H 239 4.28 21.15 1.47
CA VAL H 239 4.88 22.08 2.42
C VAL H 239 5.92 22.93 1.68
N TYR H 240 5.80 24.24 1.81
CA TYR H 240 6.71 25.16 1.14
C TYR H 240 7.62 25.83 2.15
N ILE H 241 8.91 25.87 1.84
CA ILE H 241 9.90 26.56 2.66
C ILE H 241 10.88 27.32 1.76
N GLY H 242 11.73 28.13 2.39
CA GLY H 242 12.71 28.93 1.68
C GLY H 242 12.52 30.41 1.96
N SER H 243 13.63 31.14 1.94
CA SER H 243 13.59 32.58 2.18
C SER H 243 12.88 33.35 1.07
N SER H 244 12.76 32.77 -0.12
CA SER H 244 12.04 33.41 -1.22
C SER H 244 10.64 33.86 -0.82
N PHE H 245 10.04 33.17 0.15
CA PHE H 245 8.71 33.52 0.67
C PHE H 245 8.70 34.68 1.65
N HIS H 246 9.87 35.10 2.13
CA HIS H 246 9.94 36.21 3.08
C HIS H 246 9.64 37.55 2.40
N ASN H 247 8.86 38.39 3.09
CA ASN H 247 8.49 39.71 2.58
C ASN H 247 7.88 39.68 1.19
N ASN H 248 7.09 38.65 0.92
CA ASN H 248 6.48 38.46 -0.39
C ASN H 248 5.18 37.69 -0.24
N ALA H 249 4.17 38.41 0.21
CA ALA H 249 2.82 37.88 0.39
C ALA H 249 2.21 37.45 -0.94
N LEU H 250 2.51 38.20 -2.01
CA LEU H 250 2.03 37.86 -3.35
C LEU H 250 2.48 36.45 -3.72
N LEU H 251 3.76 36.16 -3.48
CA LEU H 251 4.31 34.84 -3.80
C LEU H 251 3.55 33.78 -2.99
N ARG H 252 3.52 33.98 -1.67
CA ARG H 252 2.79 33.08 -0.76
C ARG H 252 1.38 32.80 -1.24
N LYS H 253 0.66 33.87 -1.57
CA LYS H 253 -0.72 33.82 -2.03
C LYS H 253 -0.82 33.02 -3.32
N VAL H 254 -0.04 33.42 -4.33
CA VAL H 254 -0.05 32.73 -5.65
C VAL H 254 0.11 31.23 -5.48
N VAL H 255 1.03 30.84 -4.59
CA VAL H 255 1.31 29.42 -4.33
C VAL H 255 0.21 28.73 -3.53
N GLU H 256 -0.27 29.40 -2.49
CA GLU H 256 -1.33 28.90 -1.63
C GLU H 256 -2.62 28.65 -2.42
N ASP H 257 -3.01 29.63 -3.23
CA ASP H 257 -4.29 29.58 -3.93
C ASP H 257 -4.32 28.45 -4.96
N TYR H 258 -3.24 28.27 -5.70
CA TYR H 258 -3.22 27.23 -6.72
C TYR H 258 -3.11 25.83 -6.10
N THR H 259 -2.43 25.72 -4.98
CA THR H 259 -2.33 24.45 -4.27
C THR H 259 -3.73 23.98 -3.86
N VAL H 260 -4.53 24.92 -3.34
CA VAL H 260 -5.92 24.64 -2.99
C VAL H 260 -6.74 24.29 -4.24
N LEU H 261 -6.56 25.06 -5.31
CA LEU H 261 -7.30 24.85 -6.58
C LEU H 261 -7.15 23.45 -7.13
N ARG H 262 -5.98 22.85 -6.93
CA ARG H 262 -5.71 21.49 -7.40
C ARG H 262 -5.91 20.40 -6.34
N GLY H 263 -6.68 20.70 -5.29
CA GLY H 263 -7.07 19.68 -4.31
C GLY H 263 -6.00 19.26 -3.32
N CYS H 264 -4.96 20.08 -3.17
CA CYS H 264 -3.87 19.80 -2.23
C CYS H 264 -3.91 20.76 -1.04
N LYS H 265 -3.23 20.39 0.04
CA LYS H 265 -3.18 21.18 1.26
C LYS H 265 -1.86 21.92 1.34
N PRO H 266 -1.89 23.27 1.32
CA PRO H 266 -0.65 24.01 1.41
C PRO H 266 -0.28 24.29 2.87
N TYR H 267 0.99 24.10 3.19
CA TYR H 267 1.49 24.37 4.54
C TYR H 267 2.70 25.29 4.46
N TYR H 268 2.68 26.33 5.29
CA TYR H 268 3.84 27.20 5.47
C TYR H 268 4.30 27.03 6.90
N VAL H 269 5.61 27.04 7.10
CA VAL H 269 6.21 26.71 8.39
C VAL H 269 6.85 27.95 8.99
N GLU H 270 6.55 28.22 10.25
CA GLU H 270 7.22 29.29 10.97
C GLU H 270 8.68 28.90 11.13
N ASN H 271 9.58 29.75 10.63
CA ASN H 271 11.02 29.48 10.55
C ASN H 271 11.38 28.38 9.54
N GLY H 272 10.53 28.18 8.54
CA GLY H 272 10.74 27.16 7.53
C GLY H 272 12.09 27.29 6.85
N ALA H 273 12.48 28.53 6.56
CA ALA H 273 13.75 28.82 5.91
C ALA H 273 14.98 28.39 6.72
N PHE H 274 14.81 28.11 8.01
CA PHE H 274 15.88 27.56 8.86
C PHE H 274 15.83 26.03 9.01
N SER H 275 14.98 25.36 8.23
CA SER H 275 14.85 23.90 8.32
C SER H 275 16.21 23.19 8.24
N GLY H 276 16.98 23.52 7.22
CA GLY H 276 18.28 22.91 7.01
C GLY H 276 19.20 23.05 8.20
N ALA H 277 19.31 24.26 8.72
CA ALA H 277 20.18 24.53 9.86
C ALA H 277 19.75 23.71 11.06
N ILE H 278 18.47 23.83 11.42
CA ILE H 278 17.90 23.01 12.49
C ILE H 278 18.18 21.51 12.25
N GLY H 279 18.00 21.08 11.01
CA GLY H 279 18.20 19.68 10.64
C GLY H 279 19.64 19.23 10.81
N ALA H 280 20.58 20.07 10.40
CA ALA H 280 22.01 19.80 10.57
C ALA H 280 22.40 19.53 12.02
N LEU H 281 21.73 20.21 12.96
CA LEU H 281 21.97 20.00 14.38
C LEU H 281 21.45 18.65 14.83
N TYR H 282 20.19 18.36 14.51
CA TYR H 282 19.57 17.09 14.89
C TYR H 282 20.38 15.88 14.40
N LEU H 283 20.87 15.96 13.16
CA LEU H 283 21.67 14.87 12.58
C LEU H 283 23.04 14.72 13.24
N GLU H 284 23.52 15.71 14.00
CA GLU H 284 24.74 15.68 14.85
C GLU H 284 24.90 14.56 15.88
#